data_3A0A
# 
_entry.id   3A0A 
# 
_audit_conform.dict_name       mmcif_pdbx.dic 
_audit_conform.dict_version    5.380 
_audit_conform.dict_location   http://mmcif.pdb.org/dictionaries/ascii/mmcif_pdbx.dic 
# 
loop_
_database_2.database_id 
_database_2.database_code 
_database_2.pdbx_database_accession 
_database_2.pdbx_DOI 
PDB   3A0A         pdb_00003a0a 10.2210/pdb3a0a/pdb 
RCSB  RCSB028649   ?            ?                   
WWPDB D_1000028649 ?            ?                   
# 
loop_
_pdbx_database_related.db_name 
_pdbx_database_related.db_id 
_pdbx_database_related.details 
_pdbx_database_related.content_type 
PDB 3A08 'The similar host-guest peptide.'    unspecified 
PDB 2CUO 'The similar collagen-like peptide.' unspecified 
# 
_pdbx_database_status.status_code                     REL 
_pdbx_database_status.entry_id                        3A0A 
_pdbx_database_status.recvd_initial_deposition_date   2009-03-13 
_pdbx_database_status.deposit_site                    PDBJ 
_pdbx_database_status.process_site                    PDBJ 
_pdbx_database_status.status_code_sf                  REL 
_pdbx_database_status.status_code_mr                  ? 
_pdbx_database_status.SG_entry                        ? 
_pdbx_database_status.pdb_format_compatible           Y 
_pdbx_database_status.status_code_cs                  ? 
_pdbx_database_status.status_code_nmr_data            ? 
_pdbx_database_status.methods_development_category    ? 
# 
loop_
_audit_author.name 
_audit_author.pdbx_ordinal 
'Okuyama, K.'  1 
'Morimoto, T.' 2 
'Hongo, C.'    3 
'Katagiri, A.' 4 
'Tanaka, Y.'   5 
'Nishino, N.'  6 
# 
_citation.id                        primary 
_citation.title                     'Crystal structure of (PPG)4-OPG-(PPG)4' 
_citation.journal_abbrev            'To be Published' 
_citation.journal_volume            ? 
_citation.page_first                ? 
_citation.page_last                 ? 
_citation.year                      ? 
_citation.journal_id_ASTM           ? 
_citation.country                   ? 
_citation.journal_id_ISSN           ? 
_citation.journal_id_CSD            0353 
_citation.book_publisher            ? 
_citation.pdbx_database_id_PubMed   ? 
_citation.pdbx_database_id_DOI      ? 
# 
loop_
_citation_author.citation_id 
_citation_author.name 
_citation_author.ordinal 
_citation_author.identifier_ORCID 
primary 'Okuyama, K.'  1 ? 
primary 'Morimoto, T.' 2 ? 
primary 'Hongo, C.'    3 ? 
primary 'Tanaka, Y.'   4 ? 
primary 'Nishino, N.'  5 ? 
# 
_cell.entry_id           3A0A 
_cell.length_a           26.007 
_cell.length_b           26.538 
_cell.length_c           80.146 
_cell.angle_alpha        90.00 
_cell.angle_beta         89.99 
_cell.angle_gamma        90.00 
_cell.Z_PDB              12 
_cell.pdbx_unique_axis   ? 
_cell.length_a_esd       ? 
_cell.length_b_esd       ? 
_cell.length_c_esd       ? 
_cell.angle_alpha_esd    ? 
_cell.angle_beta_esd     ? 
_cell.angle_gamma_esd    ? 
# 
_symmetry.entry_id                         3A0A 
_symmetry.space_group_name_H-M             'P 1 21 1' 
_symmetry.pdbx_full_space_group_name_H-M   ? 
_symmetry.cell_setting                     ? 
_symmetry.Int_Tables_number                4 
_symmetry.space_group_name_Hall            ? 
# 
loop_
_entity.id 
_entity.type 
_entity.src_method 
_entity.pdbx_description 
_entity.formula_weight 
_entity.pdbx_number_of_molecules 
_entity.pdbx_ec 
_entity.pdbx_mutation 
_entity.pdbx_fragment 
_entity.details 
1 polymer syn 'collagen-like peptide' 2295.547 6   ? ? ? ? 
2 water   nat water                   18.015   228 ? ? ? ? 
# 
_entity_poly.entity_id                      1 
_entity_poly.type                           'polypeptide(L)' 
_entity_poly.nstd_linkage                   no 
_entity_poly.nstd_monomer                   yes 
_entity_poly.pdbx_seq_one_letter_code       'PPGPPGPPGPPG(HYP)PGPPGPPGPPGPPG' 
_entity_poly.pdbx_seq_one_letter_code_can   PPGPPGPPGPPGPPGPPGPPGPPGPPG 
_entity_poly.pdbx_strand_id                 A,B,C,D,E,F 
_entity_poly.pdbx_target_identifier         ? 
# 
loop_
_entity_poly_seq.entity_id 
_entity_poly_seq.num 
_entity_poly_seq.mon_id 
_entity_poly_seq.hetero 
1 1  PRO n 
1 2  PRO n 
1 3  GLY n 
1 4  PRO n 
1 5  PRO n 
1 6  GLY n 
1 7  PRO n 
1 8  PRO n 
1 9  GLY n 
1 10 PRO n 
1 11 PRO n 
1 12 GLY n 
1 13 HYP n 
1 14 PRO n 
1 15 GLY n 
1 16 PRO n 
1 17 PRO n 
1 18 GLY n 
1 19 PRO n 
1 20 PRO n 
1 21 GLY n 
1 22 PRO n 
1 23 PRO n 
1 24 GLY n 
1 25 PRO n 
1 26 PRO n 
1 27 GLY n 
# 
_pdbx_entity_src_syn.entity_id              1 
_pdbx_entity_src_syn.pdbx_src_id            1 
_pdbx_entity_src_syn.pdbx_alt_source_flag   sample 
_pdbx_entity_src_syn.pdbx_beg_seq_num       ? 
_pdbx_entity_src_syn.pdbx_end_seq_num       ? 
_pdbx_entity_src_syn.organism_scientific    ? 
_pdbx_entity_src_syn.organism_common_name   ? 
_pdbx_entity_src_syn.ncbi_taxonomy_id       ? 
_pdbx_entity_src_syn.details                'THIS PEPTIDE WAS CHEMICALLY SYSTHESIZED.' 
# 
_struct_ref.id                         1 
_struct_ref.db_name                    PDB 
_struct_ref.db_code                    3A0A 
_struct_ref.pdbx_db_accession          3A0A 
_struct_ref.entity_id                  1 
_struct_ref.pdbx_align_begin           ? 
_struct_ref.pdbx_seq_one_letter_code   ? 
_struct_ref.pdbx_db_isoform            ? 
# 
loop_
_struct_ref_seq.align_id 
_struct_ref_seq.ref_id 
_struct_ref_seq.pdbx_PDB_id_code 
_struct_ref_seq.pdbx_strand_id 
_struct_ref_seq.seq_align_beg 
_struct_ref_seq.pdbx_seq_align_beg_ins_code 
_struct_ref_seq.seq_align_end 
_struct_ref_seq.pdbx_seq_align_end_ins_code 
_struct_ref_seq.pdbx_db_accession 
_struct_ref_seq.db_align_beg 
_struct_ref_seq.pdbx_db_align_beg_ins_code 
_struct_ref_seq.db_align_end 
_struct_ref_seq.pdbx_db_align_end_ins_code 
_struct_ref_seq.pdbx_auth_seq_align_beg 
_struct_ref_seq.pdbx_auth_seq_align_end 
1 1 3A0A A 1 ? 27 ? 3A0A 1 ? 27 ? 1 27 
2 1 3A0A B 1 ? 27 ? 3A0A 1 ? 27 ? 1 27 
3 1 3A0A C 1 ? 27 ? 3A0A 1 ? 27 ? 1 27 
4 1 3A0A D 1 ? 27 ? 3A0A 1 ? 27 ? 1 27 
5 1 3A0A E 1 ? 27 ? 3A0A 1 ? 27 ? 1 27 
6 1 3A0A F 1 ? 27 ? 3A0A 1 ? 27 ? 1 27 
# 
loop_
_chem_comp.id 
_chem_comp.type 
_chem_comp.mon_nstd_flag 
_chem_comp.name 
_chem_comp.pdbx_synonyms 
_chem_comp.formula 
_chem_comp.formula_weight 
GLY 'peptide linking'   y GLYCINE          ?              'C2 H5 N O2' 75.067  
HOH non-polymer         . WATER            ?              'H2 O'       18.015  
HYP 'L-peptide linking' n 4-HYDROXYPROLINE HYDROXYPROLINE 'C5 H9 N O3' 131.130 
PRO 'L-peptide linking' y PROLINE          ?              'C5 H9 N O2' 115.130 
# 
_exptl.entry_id          3A0A 
_exptl.method            'X-RAY DIFFRACTION' 
_exptl.crystals_number   1 
# 
_exptl_crystal.id                    1 
_exptl_crystal.density_meas          ? 
_exptl_crystal.density_Matthews      2.01 
_exptl_crystal.density_percent_sol   38.75 
_exptl_crystal.description           ? 
_exptl_crystal.F_000                 ? 
_exptl_crystal.preparation           ? 
# 
_exptl_crystal_grow.crystal_id      1 
_exptl_crystal_grow.method          'VAPOR DIFFUSION, HANGING DROP' 
_exptl_crystal_grow.temp            277.0 
_exptl_crystal_grow.temp_details    ? 
_exptl_crystal_grow.pH              ? 
_exptl_crystal_grow.pdbx_details    '10%(v/v) acetic acid, 15% PEG 400, VAPOR DIFFUSION, HANGING DROP, temperature 277.0K' 
_exptl_crystal_grow.pdbx_pH_range   . 
# 
_diffrn.id                     1 
_diffrn.ambient_temp           100.0 
_diffrn.ambient_temp_details   ? 
_diffrn.crystal_id             1 
# 
_diffrn_detector.diffrn_id              1 
_diffrn_detector.detector               CCD 
_diffrn_detector.type                   'ADSC QUANTUM 4' 
_diffrn_detector.pdbx_collection_date   2004-03-21 
_diffrn_detector.details                ? 
# 
_diffrn_radiation.diffrn_id                        1 
_diffrn_radiation.wavelength_id                    1 
_diffrn_radiation.pdbx_monochromatic_or_laue_m_l   M 
_diffrn_radiation.monochromator                    ? 
_diffrn_radiation.pdbx_diffrn_protocol             'SINGLE WAVELENGTH' 
_diffrn_radiation.pdbx_scattering_type             x-ray 
# 
_diffrn_radiation_wavelength.id           1 
_diffrn_radiation_wavelength.wavelength   1.0 
_diffrn_radiation_wavelength.wt           1.0 
# 
_diffrn_source.diffrn_id                   1 
_diffrn_source.source                      SYNCHROTRON 
_diffrn_source.type                        'SPRING-8 BEAMLINE BL40B2' 
_diffrn_source.pdbx_synchrotron_site       SPring-8 
_diffrn_source.pdbx_synchrotron_beamline   BL40B2 
_diffrn_source.pdbx_wavelength             ? 
_diffrn_source.pdbx_wavelength_list        1.0 
# 
_reflns.entry_id                     3A0A 
_reflns.observed_criterion_sigma_F   1.0 
_reflns.observed_criterion_sigma_I   ? 
_reflns.d_resolution_high            1.36 
_reflns.d_resolution_low             24.75 
_reflns.number_all                   ? 
_reflns.number_obs                   23900 
_reflns.percent_possible_obs         96.9 
_reflns.pdbx_Rmerge_I_obs            0.08 
_reflns.pdbx_Rsym_value              ? 
_reflns.pdbx_netI_over_sigmaI        ? 
_reflns.B_iso_Wilson_estimate        ? 
_reflns.pdbx_redundancy              3.2 
_reflns.R_free_details               ? 
_reflns.limit_h_max                  ? 
_reflns.limit_h_min                  ? 
_reflns.limit_k_max                  ? 
_reflns.limit_k_min                  ? 
_reflns.limit_l_max                  ? 
_reflns.limit_l_min                  ? 
_reflns.observed_criterion_F_max     ? 
_reflns.observed_criterion_F_min     ? 
_reflns.pdbx_chi_squared             ? 
_reflns.pdbx_scaling_rejects         ? 
_reflns.pdbx_diffrn_id               1 
_reflns.pdbx_ordinal                 1 
# 
_reflns_shell.d_res_high             1.36 
_reflns_shell.d_res_low              1.41 
_reflns_shell.percent_possible_all   98.0 
_reflns_shell.Rmerge_I_obs           0.29 
_reflns_shell.pdbx_Rsym_value        ? 
_reflns_shell.meanI_over_sigI_obs    ? 
_reflns_shell.pdbx_redundancy        3.3 
_reflns_shell.percent_possible_obs   ? 
_reflns_shell.number_unique_all      ? 
_reflns_shell.number_measured_all    ? 
_reflns_shell.number_measured_obs    ? 
_reflns_shell.number_unique_obs      ? 
_reflns_shell.pdbx_chi_squared       ? 
_reflns_shell.pdbx_diffrn_id         ? 
_reflns_shell.pdbx_ordinal           1 
# 
_refine.entry_id                                 3A0A 
_refine.ls_number_reflns_obs                     23170 
_refine.ls_number_reflns_all                     ? 
_refine.pdbx_ls_sigma_I                          ? 
_refine.pdbx_ls_sigma_F                          1.0 
_refine.pdbx_data_cutoff_high_absF               ? 
_refine.pdbx_data_cutoff_low_absF                ? 
_refine.pdbx_data_cutoff_high_rms_absF           ? 
_refine.ls_d_res_low                             24.74 
_refine.ls_d_res_high                            1.36 
_refine.ls_percent_reflns_obs                    92.1 
_refine.ls_R_factor_obs                          ? 
_refine.ls_R_factor_all                          ? 
_refine.ls_R_factor_R_work                       0.140 
_refine.ls_R_factor_R_free                       0.182 
_refine.ls_R_factor_R_free_error                 ? 
_refine.ls_R_factor_R_free_error_details         ? 
_refine.ls_percent_reflns_R_free                 ? 
_refine.ls_number_reflns_R_free                  1157 
_refine.ls_number_parameters                     9391 
_refine.ls_number_restraints                     11722 
_refine.occupancy_min                            ? 
_refine.occupancy_max                            ? 
_refine.correlation_coeff_Fo_to_Fc               ? 
_refine.correlation_coeff_Fo_to_Fc_free          ? 
_refine.B_iso_mean                               ? 
_refine.aniso_B[1][1]                            ? 
_refine.aniso_B[2][2]                            ? 
_refine.aniso_B[3][3]                            ? 
_refine.aniso_B[1][2]                            ? 
_refine.aniso_B[1][3]                            ? 
_refine.aniso_B[2][3]                            ? 
_refine.solvent_model_details                    ? 
_refine.solvent_model_param_ksol                 ? 
_refine.solvent_model_param_bsol                 ? 
_refine.pdbx_solvent_vdw_probe_radii             ? 
_refine.pdbx_solvent_ion_probe_radii             ? 
_refine.pdbx_solvent_shrinkage_radii             ? 
_refine.pdbx_ls_cross_valid_method               THROUGHOUT 
_refine.details                                  
'THE STRUCTURE WAS REFINED UNDER THE TWINNING OPERATOR (H,-K,-L) AND THE TWINNING FRACTION 0.445 USING THE TWINNED DATA.' 
_refine.pdbx_starting_model                      'PDB entry 2CUO' 
_refine.pdbx_method_to_determine_struct          'MOLECULAR REPLACEMENT' 
_refine.pdbx_isotropic_thermal_model             anisotropic 
_refine.pdbx_stereochemistry_target_values       'Engh & Huber' 
_refine.pdbx_stereochem_target_val_spec_case     ? 
_refine.pdbx_R_Free_selection_details            RANDOM 
_refine.pdbx_overall_ESU_R                       ? 
_refine.pdbx_overall_ESU_R_Free                  ? 
_refine.overall_SU_ML                            ? 
_refine.overall_SU_B                             ? 
_refine.ls_redundancy_reflns_obs                 ? 
_refine.B_iso_min                                ? 
_refine.B_iso_max                                ? 
_refine.overall_SU_R_Cruickshank_DPI             ? 
_refine.overall_SU_R_free                        ? 
_refine.ls_wR_factor_R_free                      ? 
_refine.ls_wR_factor_R_work                      ? 
_refine.overall_FOM_free_R_set                   ? 
_refine.overall_FOM_work_R_set                   ? 
_refine.pdbx_refine_id                           'X-RAY DIFFRACTION' 
_refine.pdbx_overall_phase_error                 ? 
_refine.pdbx_diffrn_id                           1 
_refine.pdbx_TLS_residual_ADP_flag               ? 
_refine.pdbx_overall_SU_R_free_Cruickshank_DPI   ? 
_refine.pdbx_overall_SU_R_Blow_DPI               ? 
_refine.pdbx_overall_SU_R_free_Blow_DPI          ? 
# 
_refine_analyze.entry_id                        3A0A 
_refine_analyze.Luzzati_coordinate_error_obs    ? 
_refine_analyze.Luzzati_sigma_a_obs             ? 
_refine_analyze.Luzzati_d_res_low_obs           ? 
_refine_analyze.Luzzati_coordinate_error_free   ? 
_refine_analyze.Luzzati_sigma_a_free            ? 
_refine_analyze.Luzzati_d_res_low_free          ? 
_refine_analyze.number_disordered_residues      0 
_refine_analyze.occupancy_sum_hydrogen          0.00 
_refine_analyze.occupancy_sum_non_hydrogen      1043.00 
_refine_analyze.pdbx_Luzzati_d_res_high_obs     ? 
_refine_analyze.pdbx_refine_id                  'X-RAY DIFFRACTION' 
# 
_refine_hist.pdbx_refine_id                   'X-RAY DIFFRACTION' 
_refine_hist.cycle_id                         LAST 
_refine_hist.pdbx_number_atoms_protein        815 
_refine_hist.pdbx_number_atoms_nucleic_acid   0 
_refine_hist.pdbx_number_atoms_ligand         0 
_refine_hist.number_atoms_solvent             228 
_refine_hist.number_atoms_total               1043 
_refine_hist.d_res_high                       1.36 
_refine_hist.d_res_low                        24.74 
# 
loop_
_refine_ls_restr.type 
_refine_ls_restr.dev_ideal 
_refine_ls_restr.dev_ideal_target 
_refine_ls_restr.weight 
_refine_ls_restr.number 
_refine_ls_restr.pdbx_refine_id 
_refine_ls_restr.pdbx_restraint_function 
s_bond_d               0.010  ? ? ? 'X-RAY DIFFRACTION' ? 
s_angle_d              0.028  ? ? ? 'X-RAY DIFFRACTION' ? 
s_similar_dist         0.000  ? ? ? 'X-RAY DIFFRACTION' ? 
s_from_restr_planes    0.0280 ? ? ? 'X-RAY DIFFRACTION' ? 
s_zero_chiral_vol      0.062  ? ? ? 'X-RAY DIFFRACTION' ? 
s_non_zero_chiral_vol  0.059  ? ? ? 'X-RAY DIFFRACTION' ? 
s_anti_bump_dis_restr  0.007  ? ? ? 'X-RAY DIFFRACTION' ? 
s_rigid_bond_adp_cmpnt 0.004  ? ? ? 'X-RAY DIFFRACTION' ? 
s_similar_adp_cmpnt    0.058  ? ? ? 'X-RAY DIFFRACTION' ? 
s_approx_iso_adps      0.096  ? ? ? 'X-RAY DIFFRACTION' ? 
# 
loop_
_refine_ls_shell.pdbx_total_number_of_bins_used 
_refine_ls_shell.d_res_high 
_refine_ls_shell.d_res_low 
_refine_ls_shell.number_reflns_R_work 
_refine_ls_shell.R_factor_R_work 
_refine_ls_shell.percent_reflns_obs 
_refine_ls_shell.R_factor_R_free 
_refine_ls_shell.R_factor_R_free_error 
_refine_ls_shell.percent_reflns_R_free 
_refine_ls_shell.number_reflns_R_free 
_refine_ls_shell.number_reflns_all 
_refine_ls_shell.R_factor_all 
_refine_ls_shell.number_reflns_obs 
_refine_ls_shell.redundancy_reflns_obs 
_refine_ls_shell.pdbx_refine_id 
6 1.36 1.41 . 0.221 . . . . . . . 2351 . 'X-RAY DIFFRACTION' 
6 1.41 1.47 . 0.173 . . . . . . . 2109 . 'X-RAY DIFFRACTION' 
6 1.47 1.53 . 0.148 . . . . . . . 2240 . 'X-RAY DIFFRACTION' 
6 1.53 1.61 . 0.138 . . . . . . . 2166 . 'X-RAY DIFFRACTION' 
6 1.61 1.71 . 0.132 . . . . . . . 2152 . 'X-RAY DIFFRACTION' 
6 1.71 1.85 . 0.117 . . . . . . . 2240 . 'X-RAY DIFFRACTION' 
# 
_pdbx_refine.entry_id                                    3A0A 
_pdbx_refine.R_factor_all_no_cutoff                      ? 
_pdbx_refine.R_factor_obs_no_cutoff                      0.14 
_pdbx_refine.free_R_factor_no_cutoff                     ? 
_pdbx_refine.free_R_val_test_set_size_perc_no_cutoff     ? 
_pdbx_refine.free_R_val_test_set_ct_no_cutoff            ? 
_pdbx_refine.R_factor_all_4sig_cutoff                    ? 
_pdbx_refine.R_factor_obs_4sig_cutoff                    0.1261 
_pdbx_refine.free_R_factor_4sig_cutoff                   ? 
_pdbx_refine.free_R_val_test_set_size_perc_4sig_cutoff   ? 
_pdbx_refine.free_R_val_test_set_ct_4sig_cutoff          ? 
_pdbx_refine.number_reflns_obs_4sig_cutoff               15236 
_pdbx_refine.pdbx_refine_id                              'X-RAY DIFFRACTION' 
_pdbx_refine.free_R_error_no_cutoff                      ? 
# 
_struct.entry_id                  3A0A 
_struct.title                     'Structure of (PPG)4-OPG-(PPG)4, monoclinic, twinned crystal' 
_struct.pdbx_model_details        ? 
_struct.pdbx_CASP_flag            ? 
_struct.pdbx_model_type_details   ? 
# 
_struct_keywords.entry_id        3A0A 
_struct_keywords.pdbx_keywords   'STRUCTURAL PROTEIN' 
_struct_keywords.text            'collagen, triple helix, model peptide, STRUCTURAL PROTEIN' 
# 
loop_
_struct_asym.id 
_struct_asym.pdbx_blank_PDB_chainid_flag 
_struct_asym.pdbx_modified 
_struct_asym.entity_id 
_struct_asym.details 
A N N 1 ? 
B N N 1 ? 
C N N 1 ? 
D N N 1 ? 
E N N 1 ? 
F N N 1 ? 
G N N 2 ? 
H N N 2 ? 
I N N 2 ? 
J N N 2 ? 
K N N 2 ? 
L N N 2 ? 
# 
_struct_biol.id        1 
_struct_biol.details   ? 
# 
loop_
_struct_conn.id 
_struct_conn.conn_type_id 
_struct_conn.pdbx_leaving_atom_flag 
_struct_conn.pdbx_PDB_id 
_struct_conn.ptnr1_label_asym_id 
_struct_conn.ptnr1_label_comp_id 
_struct_conn.ptnr1_label_seq_id 
_struct_conn.ptnr1_label_atom_id 
_struct_conn.pdbx_ptnr1_label_alt_id 
_struct_conn.pdbx_ptnr1_PDB_ins_code 
_struct_conn.pdbx_ptnr1_standard_comp_id 
_struct_conn.ptnr1_symmetry 
_struct_conn.ptnr2_label_asym_id 
_struct_conn.ptnr2_label_comp_id 
_struct_conn.ptnr2_label_seq_id 
_struct_conn.ptnr2_label_atom_id 
_struct_conn.pdbx_ptnr2_label_alt_id 
_struct_conn.pdbx_ptnr2_PDB_ins_code 
_struct_conn.ptnr1_auth_asym_id 
_struct_conn.ptnr1_auth_comp_id 
_struct_conn.ptnr1_auth_seq_id 
_struct_conn.ptnr2_auth_asym_id 
_struct_conn.ptnr2_auth_comp_id 
_struct_conn.ptnr2_auth_seq_id 
_struct_conn.ptnr2_symmetry 
_struct_conn.pdbx_ptnr3_label_atom_id 
_struct_conn.pdbx_ptnr3_label_seq_id 
_struct_conn.pdbx_ptnr3_label_comp_id 
_struct_conn.pdbx_ptnr3_label_asym_id 
_struct_conn.pdbx_ptnr3_label_alt_id 
_struct_conn.pdbx_ptnr3_PDB_ins_code 
_struct_conn.details 
_struct_conn.pdbx_dist_value 
_struct_conn.pdbx_value_order 
_struct_conn.pdbx_role 
covale1  covale both ? A GLY 12 C ? ? ? 1_555 A HYP 13 N ? ? A GLY 12 A HYP 13 1_555 ? ? ? ? ? ? ? 1.327 ? ? 
covale2  covale both ? A HYP 13 C ? ? ? 1_555 A PRO 14 N ? ? A HYP 13 A PRO 14 1_555 ? ? ? ? ? ? ? 1.306 ? ? 
covale3  covale both ? B GLY 12 C ? ? ? 1_555 B HYP 13 N ? ? B GLY 12 B HYP 13 1_555 ? ? ? ? ? ? ? 1.321 ? ? 
covale4  covale both ? B HYP 13 C ? ? ? 1_555 B PRO 14 N ? ? B HYP 13 B PRO 14 1_555 ? ? ? ? ? ? ? 1.329 ? ? 
covale5  covale both ? C GLY 12 C ? ? ? 1_555 C HYP 13 N ? ? C GLY 12 C HYP 13 1_555 ? ? ? ? ? ? ? 1.326 ? ? 
covale6  covale both ? C HYP 13 C ? ? ? 1_555 C PRO 14 N ? ? C HYP 13 C PRO 14 1_555 ? ? ? ? ? ? ? 1.325 ? ? 
covale7  covale both ? D GLY 12 C ? ? ? 1_555 D HYP 13 N ? ? D GLY 12 D HYP 13 1_555 ? ? ? ? ? ? ? 1.324 ? ? 
covale8  covale both ? D HYP 13 C ? ? ? 1_555 D PRO 14 N ? ? D HYP 13 D PRO 14 1_555 ? ? ? ? ? ? ? 1.313 ? ? 
covale9  covale both ? E GLY 12 C ? ? ? 1_555 E HYP 13 N ? ? E GLY 12 E HYP 13 1_555 ? ? ? ? ? ? ? 1.322 ? ? 
covale10 covale both ? E HYP 13 C ? ? ? 1_555 E PRO 14 N ? ? E HYP 13 E PRO 14 1_555 ? ? ? ? ? ? ? 1.323 ? ? 
covale11 covale both ? F GLY 12 C ? ? ? 1_555 F HYP 13 N ? ? F GLY 12 F HYP 13 1_555 ? ? ? ? ? ? ? 1.342 ? ? 
covale12 covale both ? F HYP 13 C ? ? ? 1_555 F PRO 14 N ? ? F HYP 13 F PRO 14 1_555 ? ? ? ? ? ? ? 1.346 ? ? 
# 
_struct_conn_type.id          covale 
_struct_conn_type.criteria    ? 
_struct_conn_type.reference   ? 
# 
_atom_sites.entry_id                    3A0A 
_atom_sites.fract_transf_matrix[1][1]   0.00180878 
_atom_sites.fract_transf_matrix[1][2]   -0.02144989 
_atom_sites.fract_transf_matrix[1][3]   0.03186079 
_atom_sites.fract_transf_matrix[2][1]   0.03760737 
_atom_sites.fract_transf_matrix[2][2]   0.00229606 
_atom_sites.fract_transf_matrix[2][3]   -0.00058923 
_atom_sites.fract_transf_matrix[3][1]   -0.00052122 
_atom_sites.fract_transf_matrix[3][2]   0.01032851 
_atom_sites.fract_transf_matrix[3][3]   0.00698039 
_atom_sites.fract_transf_vector[1]      0.245719 
_atom_sites.fract_transf_vector[2]      0.251162 
_atom_sites.fract_transf_vector[3]      0.494853 
# 
loop_
_atom_type.symbol 
C 
N 
O 
# 
loop_
_atom_site.group_PDB 
_atom_site.id 
_atom_site.type_symbol 
_atom_site.label_atom_id 
_atom_site.label_alt_id 
_atom_site.label_comp_id 
_atom_site.label_asym_id 
_atom_site.label_entity_id 
_atom_site.label_seq_id 
_atom_site.pdbx_PDB_ins_code 
_atom_site.Cartn_x 
_atom_site.Cartn_y 
_atom_site.Cartn_z 
_atom_site.occupancy 
_atom_site.B_iso_or_equiv 
_atom_site.pdbx_formal_charge 
_atom_site.auth_seq_id 
_atom_site.auth_comp_id 
_atom_site.auth_asym_id 
_atom_site.auth_atom_id 
_atom_site.pdbx_PDB_model_num 
ATOM   1    N N   . GLY A 1 3  ? -6.816  30.993  13.246  1.00 36.03 ? 3    GLY A N   1 
ATOM   2    C CA  . GLY A 1 3  ? -5.925  29.883  12.920  1.00 28.00 ? 3    GLY A CA  1 
ATOM   3    C C   . GLY A 1 3  ? -5.950  29.343  11.502  1.00 20.93 ? 3    GLY A C   1 
ATOM   4    O O   . GLY A 1 3  ? -7.006  29.154  10.894  1.00 22.86 ? 3    GLY A O   1 
ATOM   5    N N   . PRO A 1 4  ? -4.804  29.042  10.881  1.00 20.81 ? 4    PRO A N   1 
ATOM   6    C CA  . PRO A 1 4  ? -4.815  28.492  9.525   1.00 19.46 ? 4    PRO A CA  1 
ATOM   7    C C   . PRO A 1 4  ? -5.216  27.020  9.455   1.00 18.85 ? 4    PRO A C   1 
ATOM   8    O O   . PRO A 1 4  ? -5.211  26.378  10.496  1.00 19.10 ? 4    PRO A O   1 
ATOM   9    C CB  . PRO A 1 4  ? -3.349  28.599  9.072   1.00 20.80 ? 4    PRO A CB  1 
ATOM   10   C CG  . PRO A 1 4  ? -2.561  28.560  10.336  1.00 18.87 ? 4    PRO A CG  1 
ATOM   11   C CD  . PRO A 1 4  ? -3.432  29.211  11.386  1.00 18.30 ? 4    PRO A CD  1 
ATOM   12   N N   . PRO A 1 5  ? -5.528  26.545  8.252   1.00 17.21 ? 5    PRO A N   1 
ATOM   13   C CA  . PRO A 1 5  ? -5.919  25.141  8.062   1.00 16.76 ? 5    PRO A CA  1 
ATOM   14   C C   . PRO A 1 5  ? -4.792  24.221  8.511   1.00 14.98 ? 5    PRO A C   1 
ATOM   15   O O   . PRO A 1 5  ? -3.611  24.582  8.401   1.00 17.74 ? 5    PRO A O   1 
ATOM   16   C CB  . PRO A 1 5  ? -6.150  24.987  6.556   1.00 18.39 ? 5    PRO A CB  1 
ATOM   17   C CG  . PRO A 1 5  ? -6.237  26.372  6.024   1.00 21.64 ? 5    PRO A CG  1 
ATOM   18   C CD  . PRO A 1 5  ? -5.524  27.278  6.973   1.00 22.38 ? 5    PRO A CD  1 
ATOM   19   N N   . GLY A 1 6  ? -5.181  23.039  8.950   1.00 14.88 ? 6    GLY A N   1 
ATOM   20   C CA  . GLY A 1 6  ? -4.174  22.004  9.231   1.00 14.01 ? 6    GLY A CA  1 
ATOM   21   C C   . GLY A 1 6  ? -3.576  21.454  7.950   1.00 10.61 ? 6    GLY A C   1 
ATOM   22   O O   . GLY A 1 6  ? -3.963  21.743  6.820   1.00 12.77 ? 6    GLY A O   1 
ATOM   23   N N   . PRO A 1 7  ? -2.580  20.583  8.128   1.00 13.59 ? 7    PRO A N   1 
ATOM   24   C CA  . PRO A 1 7  ? -1.909  19.956  7.001   1.00 13.65 ? 7    PRO A CA  1 
ATOM   25   C C   . PRO A 1 7  ? -2.847  18.978  6.300   1.00 11.56 ? 7    PRO A C   1 
ATOM   26   O O   . PRO A 1 7  ? -3.808  18.510  6.903   1.00 11.16 ? 7    PRO A O   1 
ATOM   27   C CB  . PRO A 1 7  ? -0.806  19.124  7.640   1.00 12.54 ? 7    PRO A CB  1 
ATOM   28   C CG  . PRO A 1 7  ? -1.068  19.039  9.086   1.00 15.69 ? 7    PRO A CG  1 
ATOM   29   C CD  . PRO A 1 7  ? -2.098  20.082  9.417   1.00 13.99 ? 7    PRO A CD  1 
ATOM   30   N N   . PRO A 1 8  ? -2.565  18.578  5.074   1.00 11.31 ? 8    PRO A N   1 
ATOM   31   C CA  . PRO A 1 8  ? -3.298  17.482  4.472   1.00 11.72 ? 8    PRO A CA  1 
ATOM   32   C C   . PRO A 1 8  ? -3.232  16.211  5.302   1.00 12.93 ? 8    PRO A C   1 
ATOM   33   O O   . PRO A 1 8  ? -2.201  15.971  5.951   1.00 11.61 ? 8    PRO A O   1 
ATOM   34   C CB  . PRO A 1 8  ? -2.509  17.213  3.168   1.00 17.35 ? 8    PRO A CB  1 
ATOM   35   C CG  . PRO A 1 8  ? -1.916  18.533  2.823   1.00 19.53 ? 8    PRO A CG  1 
ATOM   36   C CD  . PRO A 1 8  ? -1.554  19.133  4.163   1.00 18.78 ? 8    PRO A CD  1 
ATOM   37   N N   . GLY A 1 9  ? -4.306  15.407  5.259   1.00 8.81  ? 9    GLY A N   1 
ATOM   38   C CA  . GLY A 1 9  ? -4.127  14.075  5.837   1.00 10.17 ? 9    GLY A CA  1 
ATOM   39   C C   . GLY A 1 9  ? -3.201  13.190  5.009   1.00 7.80  ? 9    GLY A C   1 
ATOM   40   O O   . GLY A 1 9  ? -2.615  13.496  3.994   1.00 10.05 ? 9    GLY A O   1 
ATOM   41   N N   . PRO A 1 10 ? -2.983  11.992  5.547   1.00 9.98  ? 10   PRO A N   1 
ATOM   42   C CA  . PRO A 1 10 ? -2.068  11.052  4.915   1.00 11.21 ? 10   PRO A CA  1 
ATOM   43   C C   . PRO A 1 10 ? -2.659  10.399  3.681   1.00 8.75  ? 10   PRO A C   1 
ATOM   44   O O   . PRO A 1 10 ? -3.895  10.477  3.448   1.00 7.75  ? 10   PRO A O   1 
ATOM   45   C CB  . PRO A 1 10 ? -1.919  9.983   6.014   1.00 16.48 ? 10   PRO A CB  1 
ATOM   46   C CG  . PRO A 1 10 ? -3.225  10.037  6.730   1.00 13.18 ? 10   PRO A CG  1 
ATOM   47   C CD  . PRO A 1 10 ? -3.654  11.494  6.736   1.00 14.03 ? 10   PRO A CD  1 
ATOM   48   N N   . PRO A 1 11 ? -1.854  9.713   2.857   1.00 8.88  ? 11   PRO A N   1 
ATOM   49   C CA  . PRO A 1 11 ? -2.410  9.029   1.696   1.00 9.70  ? 11   PRO A CA  1 
ATOM   50   C C   . PRO A 1 11 ? -3.424  7.981   2.097   1.00 6.81  ? 11   PRO A C   1 
ATOM   51   O O   . PRO A 1 11 ? -3.273  7.405   3.164   1.00 10.18 ? 11   PRO A O   1 
ATOM   52   C CB  . PRO A 1 11 ? -1.219  8.273   1.079   1.00 12.78 ? 11   PRO A CB  1 
ATOM   53   C CG  . PRO A 1 11 ? -0.033  9.061   1.577   1.00 16.26 ? 11   PRO A CG  1 
ATOM   54   C CD  . PRO A 1 11 ? -0.395  9.526   2.968   1.00 14.03 ? 11   PRO A CD  1 
ATOM   55   N N   . GLY A 1 12 ? -4.366  7.714   1.210   1.00 7.92  ? 12   GLY A N   1 
ATOM   56   C CA  . GLY A 1 12 ? -5.382  6.717   1.537   1.00 9.11  ? 12   GLY A CA  1 
ATOM   57   C C   . GLY A 1 12 ? -4.791  5.320   1.416   1.00 7.29  ? 12   GLY A C   1 
ATOM   58   O O   . GLY A 1 12 ? -3.583  5.202   1.137   1.00 9.00  ? 12   GLY A O   1 
HETATM 59   N N   . HYP A 1 13 ? -5.636  4.313   1.593   1.00 11.42 ? 13   HYP A N   1 
HETATM 60   C CA  . HYP A 1 13 ? -5.109  2.947   1.571   1.00 12.07 ? 13   HYP A CA  1 
HETATM 61   C C   . HYP A 1 13 ? -4.841  2.510   0.142   1.00 10.69 ? 13   HYP A C   1 
HETATM 62   O O   . HYP A 1 13 ? -5.363  3.103   -0.789  1.00 9.09  ? 13   HYP A O   1 
HETATM 63   C CB  . HYP A 1 13 ? -6.235  2.087   2.163   1.00 13.46 ? 13   HYP A CB  1 
HETATM 64   C CG  . HYP A 1 13 ? -7.459  2.811   1.677   1.00 13.16 ? 13   HYP A CG  1 
HETATM 65   C CD  . HYP A 1 13 ? -7.100  4.281   1.833   1.00 13.50 ? 13   HYP A CD  1 
HETATM 66   O OD1 . HYP A 1 13 ? -8.507  2.497   2.558   1.00 38.01 ? 13   HYP A OD1 1 
ATOM   67   N N   . PRO A 1 14 ? -4.069  1.466   0.002   1.00 9.18  ? 14   PRO A N   1 
ATOM   68   C CA  . PRO A 1 14 ? -3.822  0.884   -1.329  1.00 10.85 ? 14   PRO A CA  1 
ATOM   69   C C   . PRO A 1 14 ? -5.111  0.424   -1.987  1.00 11.64 ? 14   PRO A C   1 
ATOM   70   O O   . PRO A 1 14 ? -6.122  0.062   -1.335  1.00 11.22 ? 14   PRO A O   1 
ATOM   71   C CB  . PRO A 1 14 ? -2.876  -0.294  -0.998  1.00 12.33 ? 14   PRO A CB  1 
ATOM   72   C CG  . PRO A 1 14 ? -2.172  0.187   0.265   1.00 18.12 ? 14   PRO A CG  1 
ATOM   73   C CD  . PRO A 1 14 ? -3.309  0.786   1.083   1.00 13.28 ? 14   PRO A CD  1 
ATOM   74   N N   . GLY A 1 15 ? -5.094  0.476   -3.324  1.00 8.72  ? 15   GLY A N   1 
ATOM   75   C CA  . GLY A 1 15 ? -6.286  -0.008  -4.058  1.00 9.82  ? 15   GLY A CA  1 
ATOM   76   C C   . GLY A 1 15 ? -6.409  -1.527  -3.938  1.00 10.25 ? 15   GLY A C   1 
ATOM   77   O O   . GLY A 1 15 ? -5.574  -2.279  -3.448  1.00 10.79 ? 15   GLY A O   1 
ATOM   78   N N   . PRO A 1 16 ? -7.532  -2.073  -4.421  1.00 10.74 ? 16   PRO A N   1 
ATOM   79   C CA  . PRO A 1 16 ? -7.699  -3.532  -4.383  1.00 11.39 ? 16   PRO A CA  1 
ATOM   80   C C   . PRO A 1 16 ? -6.795  -4.234  -5.384  1.00 15.94 ? 16   PRO A C   1 
ATOM   81   O O   . PRO A 1 16 ? -6.259  -3.604  -6.314  1.00 11.52 ? 16   PRO A O   1 
ATOM   82   C CB  . PRO A 1 16 ? -9.185  -3.753  -4.725  1.00 15.49 ? 16   PRO A CB  1 
ATOM   83   C CG  . PRO A 1 16 ? -9.675  -2.481  -5.310  1.00 15.97 ? 16   PRO A CG  1 
ATOM   84   C CD  . PRO A 1 16 ? -8.713  -1.376  -4.955  1.00 9.88  ? 16   PRO A CD  1 
ATOM   85   N N   . PRO A 1 17 ? -6.619  -5.542  -5.230  1.00 15.82 ? 17   PRO A N   1 
ATOM   86   C CA  . PRO A 1 17 ? -5.990  -6.349  -6.296  1.00 14.51 ? 17   PRO A CA  1 
ATOM   87   C C   . PRO A 1 17 ? -6.590  -6.116  -7.669  1.00 13.44 ? 17   PRO A C   1 
ATOM   88   O O   . PRO A 1 17 ? -7.770  -5.820  -7.834  1.00 12.62 ? 17   PRO A O   1 
ATOM   89   C CB  . PRO A 1 17 ? -6.321  -7.801  -5.875  1.00 15.24 ? 17   PRO A CB  1 
ATOM   90   C CG  . PRO A 1 17 ? -6.344  -7.727  -4.372  1.00 14.54 ? 17   PRO A CG  1 
ATOM   91   C CD  . PRO A 1 17 ? -6.968  -6.383  -4.080  1.00 13.97 ? 17   PRO A CD  1 
ATOM   92   N N   . GLY A 1 18 ? -5.767  -6.247  -8.703  1.00 9.63  ? 18   GLY A N   1 
ATOM   93   C CA  . GLY A 1 18 ? -6.229  -6.223  -10.051 1.00 9.91  ? 18   GLY A CA  1 
ATOM   94   C C   . GLY A 1 18 ? -7.055  -7.435  -10.436 1.00 10.39 ? 18   GLY A C   1 
ATOM   95   O O   . GLY A 1 18 ? -7.249  -8.369  -9.659  1.00 10.84 ? 18   GLY A O   1 
ATOM   96   N N   . PRO A 1 19 ? -7.473  -7.393  -11.712 1.00 11.71 ? 19   PRO A N   1 
ATOM   97   C CA  . PRO A 1 19 ? -8.305  -8.437  -12.289 1.00 15.32 ? 19   PRO A CA  1 
ATOM   98   C C   . PRO A 1 19 ? -7.466  -9.689  -12.511 1.00 13.60 ? 19   PRO A C   1 
ATOM   99   O O   . PRO A 1 19 ? -6.264  -9.595  -12.613 1.00 11.29 ? 19   PRO A O   1 
ATOM   100  C CB  . PRO A 1 19 ? -8.772  -7.835  -13.617 1.00 15.19 ? 19   PRO A CB  1 
ATOM   101  C CG  . PRO A 1 19 ? -7.705  -6.857  -13.991 1.00 14.65 ? 19   PRO A CG  1 
ATOM   102  C CD  . PRO A 1 19 ? -7.124  -6.350  -12.692 1.00 14.44 ? 19   PRO A CD  1 
ATOM   103  N N   . PRO A 1 20 ? -8.070  -10.854 -12.621 1.00 12.55 ? 20   PRO A N   1 
ATOM   104  C CA  . PRO A 1 20 ? -7.332  -12.053 -13.000 1.00 10.72 ? 20   PRO A CA  1 
ATOM   105  C C   . PRO A 1 20 ? -6.656  -11.927 -14.366 1.00 9.16  ? 20   PRO A C   1 
ATOM   106  O O   . PRO A 1 20 ? -7.204  -11.261 -15.266 1.00 10.25 ? 20   PRO A O   1 
ATOM   107  C CB  . PRO A 1 20 ? -8.443  -13.098 -13.163 1.00 13.87 ? 20   PRO A CB  1 
ATOM   108  C CG  . PRO A 1 20 ? -9.508  -12.628 -12.221 1.00 19.94 ? 20   PRO A CG  1 
ATOM   109  C CD  . PRO A 1 20 ? -9.495  -11.128 -12.375 1.00 14.26 ? 20   PRO A CD  1 
ATOM   110  N N   . GLY A 1 21 ? -5.536  -12.621 -14.520 1.00 10.45 ? 21   GLY A N   1 
ATOM   111  C CA  . GLY A 1 21 ? -4.896  -12.583 -15.849 1.00 10.40 ? 21   GLY A CA  1 
ATOM   112  C C   . GLY A 1 21 ? -5.704  -13.446 -16.816 1.00 12.83 ? 21   GLY A C   1 
ATOM   113  O O   . GLY A 1 21 ? -6.706  -14.026 -16.384 1.00 10.17 ? 21   GLY A O   1 
ATOM   114  N N   . PRO A 1 22 ? -5.271  -13.511 -18.071 1.00 11.94 ? 22   PRO A N   1 
ATOM   115  C CA  . PRO A 1 22 ? -5.977  -14.287 -19.107 1.00 10.83 ? 22   PRO A CA  1 
ATOM   116  C C   . PRO A 1 22 ? -5.662  -15.768 -19.063 1.00 10.95 ? 22   PRO A C   1 
ATOM   117  O O   . PRO A 1 22 ? -4.708  -16.239 -18.447 1.00 11.56 ? 22   PRO A O   1 
ATOM   118  C CB  . PRO A 1 22 ? -5.492  -13.649 -20.419 1.00 12.34 ? 22   PRO A CB  1 
ATOM   119  C CG  . PRO A 1 22 ? -4.153  -13.089 -20.082 1.00 16.66 ? 22   PRO A CG  1 
ATOM   120  C CD  . PRO A 1 22 ? -4.121  -12.766 -18.612 1.00 11.12 ? 22   PRO A CD  1 
ATOM   121  N N   . PRO A 1 23 ? -6.453  -16.586 -19.729 1.00 13.28 ? 23   PRO A N   1 
ATOM   122  C CA  . PRO A 1 23 ? -6.137  -18.023 -19.793 1.00 14.20 ? 23   PRO A CA  1 
ATOM   123  C C   . PRO A 1 23 ? -4.740  -18.252 -20.375 1.00 15.90 ? 23   PRO A C   1 
ATOM   124  O O   . PRO A 1 23 ? -4.241  -17.438 -21.160 1.00 17.79 ? 23   PRO A O   1 
ATOM   125  C CB  . PRO A 1 23 ? -7.202  -18.626 -20.715 1.00 17.74 ? 23   PRO A CB  1 
ATOM   126  C CG  . PRO A 1 23 ? -8.340  -17.664 -20.569 1.00 19.71 ? 23   PRO A CG  1 
ATOM   127  C CD  . PRO A 1 23 ? -7.714  -16.286 -20.448 1.00 16.12 ? 23   PRO A CD  1 
ATOM   128  N N   . GLY A 1 24 ? -4.109  -19.355 -19.963 1.00 15.10 ? 24   GLY A N   1 
ATOM   129  C CA  . GLY A 1 24 ? -2.802  -19.734 -20.523 1.00 19.36 ? 24   GLY A CA  1 
ATOM   130  C C   . GLY A 1 24 ? -2.912  -20.300 -21.923 1.00 25.97 ? 24   GLY A C   1 
ATOM   131  O O   . GLY A 1 24 ? -4.021  -20.382 -22.467 1.00 18.79 ? 24   GLY A O   1 
ATOM   132  N N   . PRO A 1 25 ? -1.760  -20.674 -22.486 1.00 27.08 ? 25   PRO A N   1 
ATOM   133  C CA  . PRO A 1 25 ? -1.711  -21.196 -23.852 1.00 26.29 ? 25   PRO A CA  1 
ATOM   134  C C   . PRO A 1 25 ? -2.160  -22.660 -23.920 1.00 34.09 ? 25   PRO A C   1 
ATOM   135  O O   . PRO A 1 25 ? -2.543  -23.274 -22.920 1.00 27.59 ? 25   PRO A O   1 
ATOM   136  C CB  . PRO A 1 25 ? -0.222  -21.081 -24.221 1.00 30.21 ? 25   PRO A CB  1 
ATOM   137  C CG  . PRO A 1 25 ? 0.490   -21.214 -22.910 1.00 31.07 ? 25   PRO A CG  1 
ATOM   138  C CD  . PRO A 1 25 ? -0.425  -20.630 -21.869 1.00 28.94 ? 25   PRO A CD  1 
ATOM   139  N N   . GLY B 1 6  ? -8.052  26.937  14.044  1.00 34.38 ? 6    GLY B N   1 
ATOM   140  C CA  . GLY B 1 6  ? -7.911  26.639  12.609  1.00 28.33 ? 6    GLY B CA  1 
ATOM   141  C C   . GLY B 1 6  ? -8.733  25.534  12.004  1.00 19.98 ? 6    GLY B C   1 
ATOM   142  O O   . GLY B 1 6  ? -9.026  24.519  12.634  1.00 21.04 ? 6    GLY B O   1 
ATOM   143  N N   . PRO B 1 7  ? -9.164  25.574  10.738  1.00 20.80 ? 7    PRO B N   1 
ATOM   144  C CA  . PRO B 1 7  ? -9.996  24.497  10.159  1.00 20.60 ? 7    PRO B CA  1 
ATOM   145  C C   . PRO B 1 7  ? -9.216  23.239  9.841   1.00 18.01 ? 7    PRO B C   1 
ATOM   146  O O   . PRO B 1 7  ? -7.981  23.313  9.683   1.00 15.10 ? 7    PRO B O   1 
ATOM   147  C CB  . PRO B 1 7  ? -10.481 25.095  8.824   1.00 21.77 ? 7    PRO B CB  1 
ATOM   148  C CG  . PRO B 1 7  ? -9.400  26.058  8.458   1.00 23.64 ? 7    PRO B CG  1 
ATOM   149  C CD  . PRO B 1 7  ? -8.871  26.625  9.764   1.00 23.58 ? 7    PRO B CD  1 
ATOM   150  N N   . PRO B 1 8  ? -9.837  22.074  9.691   1.00 14.68 ? 8    PRO B N   1 
ATOM   151  C CA  . PRO B 1 8  ? -9.067  20.886  9.310   1.00 11.83 ? 8    PRO B CA  1 
ATOM   152  C C   . PRO B 1 8  ? -8.365  20.980  7.963   1.00 10.13 ? 8    PRO B C   1 
ATOM   153  O O   . PRO B 1 8  ? -8.855  21.717  7.073   1.00 11.46 ? 8    PRO B O   1 
ATOM   154  C CB  . PRO B 1 8  ? -10.139 19.797  9.138   1.00 16.41 ? 8    PRO B CB  1 
ATOM   155  C CG  . PRO B 1 8  ? -11.275 20.273  9.965   1.00 25.72 ? 8    PRO B CG  1 
ATOM   156  C CD  . PRO B 1 8  ? -11.259 21.776  9.893   1.00 20.77 ? 8    PRO B CD  1 
ATOM   157  N N   . GLY B 1 9  ? -7.252  20.274  7.781   1.00 10.52 ? 9    GLY B N   1 
ATOM   158  C CA  . GLY B 1 9  ? -6.539  20.283  6.496   1.00 9.94  ? 9    GLY B CA  1 
ATOM   159  C C   . GLY B 1 9  ? -7.394  19.513  5.490   1.00 8.80  ? 9    GLY B C   1 
ATOM   160  O O   . GLY B 1 9  ? -8.377  18.919  5.963   1.00 11.50 ? 9    GLY B O   1 
ATOM   161  N N   . PRO B 1 10 ? -6.995  19.488  4.249   1.00 10.74 ? 10   PRO B N   1 
ATOM   162  C CA  . PRO B 1 10 ? -7.702  18.738  3.190   1.00 8.67  ? 10   PRO B CA  1 
ATOM   163  C C   . PRO B 1 10 ? -7.411  17.252  3.268   1.00 8.31  ? 10   PRO B C   1 
ATOM   164  O O   . PRO B 1 10 ? -6.464  16.779  3.904   1.00 9.06  ? 10   PRO B O   1 
ATOM   165  C CB  . PRO B 1 10 ? -7.164  19.350  1.892   1.00 12.37 ? 10   PRO B CB  1 
ATOM   166  C CG  . PRO B 1 10 ? -5.799  19.831  2.255   1.00 13.48 ? 10   PRO B CG  1 
ATOM   167  C CD  . PRO B 1 10 ? -5.849  20.251  3.704   1.00 10.49 ? 10   PRO B CD  1 
ATOM   168  N N   . PRO B 1 11 ? -8.232  16.430  2.621   1.00 8.85  ? 11   PRO B N   1 
ATOM   169  C CA  . PRO B 1 11 ? -7.895  14.992  2.532   1.00 11.27 ? 11   PRO B CA  1 
ATOM   170  C C   . PRO B 1 11 ? -6.512  14.788  1.910   1.00 10.68 ? 11   PRO B C   1 
ATOM   171  O O   . PRO B 1 11 ? -6.070  15.601  1.090   1.00 12.34 ? 11   PRO B O   1 
ATOM   172  C CB  . PRO B 1 11 ? -8.997  14.452  1.616   1.00 12.07 ? 11   PRO B CB  1 
ATOM   173  C CG  . PRO B 1 11 ? -10.158 15.370  1.898   1.00 15.05 ? 11   PRO B CG  1 
ATOM   174  C CD  . PRO B 1 11 ? -9.506  16.748  1.942   1.00 12.57 ? 11   PRO B CD  1 
ATOM   175  N N   . GLY B 1 12 ? -5.876  13.697  2.351   1.00 7.76  ? 12   GLY B N   1 
ATOM   176  C CA  . GLY B 1 12 ? -4.604  13.327  1.733   1.00 9.69  ? 12   GLY B CA  1 
ATOM   177  C C   . GLY B 1 12 ? -4.765  12.845  0.310   1.00 11.17 ? 12   GLY B C   1 
ATOM   178  O O   . GLY B 1 12 ? -5.853  12.747  -0.241  1.00 8.20  ? 12   GLY B O   1 
HETATM 179  N N   . HYP B 1 13 ? -3.656  12.537  -0.338  1.00 10.82 ? 13   HYP B N   1 
HETATM 180  C CA  . HYP B 1 13 ? -3.696  11.977  -1.689  1.00 9.13  ? 13   HYP B CA  1 
HETATM 181  C C   . HYP B 1 13 ? -4.171  10.543  -1.734  1.00 9.57  ? 13   HYP B C   1 
HETATM 182  O O   . HYP B 1 13 ? -4.215  9.828   -0.715  1.00 8.62  ? 13   HYP B O   1 
HETATM 183  C CB  . HYP B 1 13 ? -2.214  12.011  -2.105  1.00 13.83 ? 13   HYP B CB  1 
HETATM 184  C CG  . HYP B 1 13 ? -1.427  12.082  -0.844  1.00 14.54 ? 13   HYP B CG  1 
HETATM 185  C CD  . HYP B 1 13 ? -2.324  12.659  0.221   1.00 10.85 ? 13   HYP B CD  1 
HETATM 186  O OD1 . HYP B 1 13 ? -0.384  12.996  -1.092  1.00 36.09 ? 13   HYP B OD1 1 
ATOM   187  N N   . PRO B 1 14 ? -4.489  10.070  -2.934  1.00 9.84  ? 14   PRO B N   1 
ATOM   188  C CA  . PRO B 1 14 ? -4.884  8.662   -3.135  1.00 10.96 ? 14   PRO B CA  1 
ATOM   189  C C   . PRO B 1 14 ? -3.769  7.721   -2.694  1.00 11.34 ? 14   PRO B C   1 
ATOM   190  O O   . PRO B 1 14 ? -2.594  8.047   -2.735  1.00 9.54  ? 14   PRO B O   1 
ATOM   191  C CB  . PRO B 1 14 ? -5.099  8.566   -4.642  1.00 11.52 ? 14   PRO B CB  1 
ATOM   192  C CG  . PRO B 1 14 ? -5.445  9.941   -5.095  1.00 18.04 ? 14   PRO B CG  1 
ATOM   193  C CD  . PRO B 1 14 ? -4.526  10.799  -4.226  1.00 16.47 ? 14   PRO B CD  1 
ATOM   194  N N   . GLY B 1 15 ? -4.222  6.546   -2.268  1.00 10.26 ? 15   GLY B N   1 
ATOM   195  C CA  . GLY B 1 15 ? -3.284  5.476   -1.969  1.00 10.54 ? 15   GLY B CA  1 
ATOM   196  C C   . GLY B 1 15 ? -2.642  4.919   -3.238  1.00 9.74  ? 15   GLY B C   1 
ATOM   197  O O   . GLY B 1 15 ? -3.075  5.286   -4.313  1.00 10.59 ? 15   GLY B O   1 
ATOM   198  N N   . PRO B 1 16 ? -1.655  4.073   -3.035  1.00 10.33 ? 16   PRO B N   1 
ATOM   199  C CA  . PRO B 1 16 ? -0.976  3.421   -4.157  1.00 14.16 ? 16   PRO B CA  1 
ATOM   200  C C   . PRO B 1 16 ? -1.957  2.498   -4.850  1.00 12.57 ? 16   PRO B C   1 
ATOM   201  O O   . PRO B 1 16 ? -2.952  2.116   -4.252  1.00 10.33 ? 16   PRO B O   1 
ATOM   202  C CB  . PRO B 1 16 ? 0.117   2.590   -3.491  1.00 13.04 ? 16   PRO B CB  1 
ATOM   203  C CG  . PRO B 1 16 ? -0.129  2.581   -2.029  1.00 20.81 ? 16   PRO B CG  1 
ATOM   204  C CD  . PRO B 1 16 ? -1.184  3.621   -1.723  1.00 12.46 ? 16   PRO B CD  1 
ATOM   205  N N   . PRO B 1 17 ? -1.700  2.085   -6.094  1.00 11.33 ? 17   PRO B N   1 
ATOM   206  C CA  . PRO B 1 17 ? -2.497  1.029   -6.709  1.00 11.12 ? 17   PRO B CA  1 
ATOM   207  C C   . PRO B 1 17 ? -2.431  -0.253  -5.882  1.00 13.39 ? 17   PRO B C   1 
ATOM   208  O O   . PRO B 1 17 ? -1.428  -0.488  -5.178  1.00 12.04 ? 17   PRO B O   1 
ATOM   209  C CB  . PRO B 1 17 ? -1.767  0.792   -8.028  1.00 15.11 ? 17   PRO B CB  1 
ATOM   210  C CG  . PRO B 1 17 ? -0.864  1.946   -8.284  1.00 19.15 ? 17   PRO B CG  1 
ATOM   211  C CD  . PRO B 1 17 ? -0.610  2.584   -6.938  1.00 13.55 ? 17   PRO B CD  1 
ATOM   212  N N   . GLY B 1 18 ? -3.454  -1.106  -5.941  1.00 8.50  ? 18   GLY B N   1 
ATOM   213  C CA  . GLY B 1 18 ? -3.269  -2.389  -5.264  1.00 10.40 ? 18   GLY B CA  1 
ATOM   214  C C   . GLY B 1 18 ? -2.330  -3.300  -6.067  1.00 10.39 ? 18   GLY B C   1 
ATOM   215  O O   . GLY B 1 18 ? -1.797  -2.981  -7.119  1.00 10.75 ? 18   GLY B O   1 
ATOM   216  N N   . PRO B 1 19 ? -2.117  -4.494  -5.558  1.00 11.50 ? 19   PRO B N   1 
ATOM   217  C CA  . PRO B 1 19 ? -1.242  -5.478  -6.207  1.00 13.24 ? 19   PRO B CA  1 
ATOM   218  C C   . PRO B 1 19 ? -1.824  -6.119  -7.447  1.00 9.43  ? 19   PRO B C   1 
ATOM   219  O O   . PRO B 1 19 ? -3.026  -6.019  -7.679  1.00 8.63  ? 19   PRO B O   1 
ATOM   220  C CB  . PRO B 1 19 ? -1.125  -6.593  -5.140  1.00 20.76 ? 19   PRO B CB  1 
ATOM   221  C CG  . PRO B 1 19 ? -2.433  -6.509  -4.422  1.00 18.71 ? 19   PRO B CG  1 
ATOM   222  C CD  . PRO B 1 19 ? -2.739  -5.029  -4.347  1.00 15.85 ? 19   PRO B CD  1 
ATOM   223  N N   . PRO B 1 20 ? -1.032  -6.840  -8.238  1.00 9.06  ? 20   PRO B N   1 
ATOM   224  C CA  . PRO B 1 20 ? -1.553  -7.533  -9.424  1.00 11.38 ? 20   PRO B CA  1 
ATOM   225  C C   . PRO B 1 20 ? -2.572  -8.563  -9.001  1.00 10.05 ? 20   PRO B C   1 
ATOM   226  O O   . PRO B 1 20 ? -2.422  -9.172  -7.925  1.00 13.00 ? 20   PRO B O   1 
ATOM   227  C CB  . PRO B 1 20 ? -0.332  -8.217  -10.044 1.00 15.36 ? 20   PRO B CB  1 
ATOM   228  C CG  . PRO B 1 20 ? 0.820   -7.481  -9.448  1.00 15.86 ? 20   PRO B CG  1 
ATOM   229  C CD  . PRO B 1 20 ? 0.415   -7.012  -8.081  1.00 15.58 ? 20   PRO B CD  1 
ATOM   230  N N   . GLY B 1 21 ? -3.566  -8.751  -9.867  1.00 13.16 ? 21   GLY B N   1 
ATOM   231  C CA  . GLY B 1 21 ? -4.534  -9.802  -9.583  1.00 9.94  ? 21   GLY B CA  1 
ATOM   232  C C   . GLY B 1 21 ? -3.909  -11.174 -9.732  1.00 10.49 ? 21   GLY B C   1 
ATOM   233  O O   . GLY B 1 21 ? -2.706  -11.226 -10.029 1.00 9.82  ? 21   GLY B O   1 
ATOM   234  N N   . PRO B 1 22 ? -4.742  -12.208 -9.537  1.00 13.82 ? 22   PRO B N   1 
ATOM   235  C CA  . PRO B 1 22 ? -4.253  -13.584 -9.584  1.00 13.46 ? 22   PRO B CA  1 
ATOM   236  C C   . PRO B 1 22 ? -4.086  -14.021 -11.039 1.00 10.47 ? 22   PRO B C   1 
ATOM   237  O O   . PRO B 1 22 ? -4.559  -13.417 -11.961 1.00 9.87  ? 22   PRO B O   1 
ATOM   238  C CB  . PRO B 1 22 ? -5.385  -14.424 -8.999  1.00 14.49 ? 22   PRO B CB  1 
ATOM   239  C CG  . PRO B 1 22 ? -6.605  -13.638 -9.424  1.00 13.72 ? 22   PRO B CG  1 
ATOM   240  C CD  . PRO B 1 22 ? -6.198  -12.181 -9.264  1.00 14.37 ? 22   PRO B CD  1 
ATOM   241  N N   . PRO B 1 23 ? -3.309  -15.084 -11.166 1.00 10.55 ? 23   PRO B N   1 
ATOM   242  C CA  . PRO B 1 23 ? -3.049  -15.656 -12.492 1.00 14.83 ? 23   PRO B CA  1 
ATOM   243  C C   . PRO B 1 23 ? -4.354  -16.065 -13.170 1.00 14.82 ? 23   PRO B C   1 
ATOM   244  O O   . PRO B 1 23 ? -5.300  -16.416 -12.440 1.00 12.80 ? 23   PRO B O   1 
ATOM   245  C CB  . PRO B 1 23 ? -2.196  -16.880 -12.170 1.00 18.05 ? 23   PRO B CB  1 
ATOM   246  C CG  . PRO B 1 23 ? -1.495  -16.458 -10.919 1.00 19.26 ? 23   PRO B CG  1 
ATOM   247  C CD  . PRO B 1 23 ? -2.578  -15.780 -10.107 1.00 13.45 ? 23   PRO B CD  1 
ATOM   248  N N   . GLY B 1 24 ? -4.374  -16.011 -14.480 1.00 12.11 ? 24   GLY B N   1 
ATOM   249  C CA  . GLY B 1 24 ? -5.512  -16.494 -15.271 1.00 13.66 ? 24   GLY B CA  1 
ATOM   250  C C   . GLY B 1 24 ? -5.682  -17.995 -15.126 1.00 13.97 ? 24   GLY B C   1 
ATOM   251  O O   . GLY B 1 24 ? -4.883  -18.735 -14.557 1.00 16.67 ? 24   GLY B O   1 
ATOM   252  N N   . PRO B 1 25 ? -6.774  -18.555 -15.633 1.00 16.13 ? 25   PRO B N   1 
ATOM   253  C CA  . PRO B 1 25 ? -6.942  -20.009 -15.561 1.00 18.26 ? 25   PRO B CA  1 
ATOM   254  C C   . PRO B 1 25 ? -6.024  -20.724 -16.543 1.00 19.53 ? 25   PRO B C   1 
ATOM   255  O O   . PRO B 1 25 ? -5.488  -20.116 -17.465 1.00 18.25 ? 25   PRO B O   1 
ATOM   256  C CB  . PRO B 1 25 ? -8.423  -20.160 -15.939 1.00 21.27 ? 25   PRO B CB  1 
ATOM   257  C CG  . PRO B 1 25 ? -8.767  -18.975 -16.781 1.00 19.07 ? 25   PRO B CG  1 
ATOM   258  C CD  . PRO B 1 25 ? -7.898  -17.855 -16.263 1.00 15.65 ? 25   PRO B CD  1 
ATOM   259  N N   . PRO B 1 26 ? -5.789  -22.020 -16.401 1.00 18.66 ? 26   PRO B N   1 
ATOM   260  C CA  . PRO B 1 26 ? -5.131  -22.837 -17.405 1.00 19.61 ? 26   PRO B CA  1 
ATOM   261  C C   . PRO B 1 26 ? -5.750  -22.643 -18.797 1.00 20.33 ? 26   PRO B C   1 
ATOM   262  O O   . PRO B 1 26 ? -6.954  -22.371 -18.917 1.00 24.00 ? 26   PRO B O   1 
ATOM   263  C CB  . PRO B 1 26 ? -5.423  -24.263 -16.896 1.00 23.21 ? 26   PRO B CB  1 
ATOM   264  C CG  . PRO B 1 26 ? -5.431  -24.067 -15.412 1.00 24.77 ? 26   PRO B CG  1 
ATOM   265  C CD  . PRO B 1 26 ? -6.171  -22.773 -15.186 1.00 22.10 ? 26   PRO B CD  1 
ATOM   266  N N   . GLY B 1 27 ? -4.978  -22.754 -19.873 1.00 20.15 ? 27   GLY B N   1 
ATOM   267  C CA  . GLY B 1 27 ? -5.449  -22.646 -21.226 1.00 18.75 ? 27   GLY B CA  1 
ATOM   268  C C   . GLY B 1 27 ? -6.235  -23.806 -21.822 1.00 22.92 ? 27   GLY B C   1 
ATOM   269  O O   . GLY B 1 27 ? -6.438  -24.775 -21.077 1.00 23.45 ? 27   GLY B O   1 
ATOM   270  O OXT . GLY B 1 27 ? -6.783  -24.061 -22.913 1.00 28.96 ? 27   GLY B OXT 1 
ATOM   271  N N   . PRO C 1 4  ? -2.971  29.136  15.608  1.00 36.95 ? 4    PRO C N   1 
ATOM   272  C CA  . PRO C 1 4  ? -2.620  27.707  15.688  1.00 32.13 ? 4    PRO C CA  1 
ATOM   273  C C   . PRO C 1 4  ? -3.386  26.888  14.665  1.00 24.72 ? 4    PRO C C   1 
ATOM   274  O O   . PRO C 1 4  ? -4.615  27.034  14.646  1.00 19.35 ? 4    PRO C O   1 
ATOM   275  C CB  . PRO C 1 4  ? -3.125  27.289  17.071  1.00 31.56 ? 4    PRO C CB  1 
ATOM   276  C CG  . PRO C 1 4  ? -4.256  28.220  17.345  1.00 35.49 ? 4    PRO C CG  1 
ATOM   277  C CD  . PRO C 1 4  ? -4.178  29.378  16.396  1.00 34.77 ? 4    PRO C CD  1 
ATOM   278  N N   . PRO C 1 5  ? -2.658  26.076  13.906  1.00 17.99 ? 5    PRO C N   1 
ATOM   279  C CA  . PRO C 1 5  ? -3.276  25.368  12.786  1.00 18.19 ? 5    PRO C CA  1 
ATOM   280  C C   . PRO C 1 5  ? -4.315  24.383  13.312  1.00 16.36 ? 5    PRO C C   1 
ATOM   281  O O   . PRO C 1 5  ? -4.181  23.875  14.422  1.00 17.57 ? 5    PRO C O   1 
ATOM   282  C CB  . PRO C 1 5  ? -2.130  24.582  12.142  1.00 23.33 ? 5    PRO C CB  1 
ATOM   283  C CG  . PRO C 1 5  ? -0.928  25.383  12.528  1.00 26.47 ? 5    PRO C CG  1 
ATOM   284  C CD  . PRO C 1 5  ? -1.222  25.755  13.972  1.00 21.73 ? 5    PRO C CD  1 
ATOM   285  N N   . GLY C 1 6  ? -5.258  24.146  12.396  1.00 16.68 ? 6    GLY C N   1 
ATOM   286  C CA  . GLY C 1 6  ? -6.262  23.132  12.674  1.00 14.83 ? 6    GLY C CA  1 
ATOM   287  C C   . GLY C 1 6  ? -5.558  21.788  12.607  1.00 13.66 ? 6    GLY C C   1 
ATOM   288  O O   . GLY C 1 6  ? -4.349  21.768  12.366  1.00 14.47 ? 6    GLY C O   1 
ATOM   289  N N   . PRO C 1 7  ? -6.345  20.738  12.796  1.00 14.96 ? 7    PRO C N   1 
ATOM   290  C CA  . PRO C 1 7  ? -5.873  19.365  12.755  1.00 13.99 ? 7    PRO C CA  1 
ATOM   291  C C   . PRO C 1 7  ? -5.743  18.950  11.280  1.00 10.47 ? 7    PRO C C   1 
ATOM   292  O O   . PRO C 1 7  ? -6.257  19.541  10.362  1.00 10.59 ? 7    PRO C O   1 
ATOM   293  C CB  . PRO C 1 7  ? -7.021  18.567  13.359  1.00 15.62 ? 7    PRO C CB  1 
ATOM   294  C CG  . PRO C 1 7  ? -8.185  19.316  12.793  1.00 17.57 ? 7    PRO C CG  1 
ATOM   295  C CD  . PRO C 1 7  ? -7.802  20.757  13.044  1.00 17.24 ? 7    PRO C CD  1 
ATOM   296  N N   . PRO C 1 8  ? -4.974  17.882  11.151  1.00 9.90  ? 8    PRO C N   1 
ATOM   297  C CA  . PRO C 1 8  ? -4.707  17.302  9.820   1.00 11.39 ? 8    PRO C CA  1 
ATOM   298  C C   . PRO C 1 8  ? -6.011  16.863  9.161   1.00 11.30 ? 8    PRO C C   1 
ATOM   299  O O   . PRO C 1 8  ? -6.979  16.545  9.878   1.00 12.88 ? 8    PRO C O   1 
ATOM   300  C CB  . PRO C 1 8  ? -3.749  16.144  10.137  1.00 12.87 ? 8    PRO C CB  1 
ATOM   301  C CG  . PRO C 1 8  ? -3.124  16.579  11.427  1.00 18.03 ? 8    PRO C CG  1 
ATOM   302  C CD  . PRO C 1 8  ? -4.245  17.201  12.220  1.00 13.39 ? 8    PRO C CD  1 
ATOM   303  N N   . GLY C 1 9  ? -6.008  16.896  7.822   1.00 10.38 ? 9    GLY C N   1 
ATOM   304  C CA  . GLY C 1 9  ? -7.182  16.430  7.076   1.00 11.87 ? 9    GLY C CA  1 
ATOM   305  C C   . GLY C 1 9  ? -7.345  14.940  7.178   1.00 11.47 ? 9    GLY C C   1 
ATOM   306  O O   . GLY C 1 9  ? -6.517  14.184  7.684   1.00 12.43 ? 9    GLY C O   1 
ATOM   307  N N   . PRO C 1 10 ? -8.438  14.365  6.701   1.00 9.41  ? 10   PRO C N   1 
ATOM   308  C CA  . PRO C 1 10 ? -8.583  12.900  6.720   1.00 11.08 ? 10   PRO C CA  1 
ATOM   309  C C   . PRO C 1 10 ? -7.676  12.200  5.715   1.00 12.17 ? 10   PRO C C   1 
ATOM   310  O O   . PRO C 1 10 ? -7.130  12.829  4.803   1.00 10.43 ? 10   PRO C O   1 
ATOM   311  C CB  . PRO C 1 10 ? -10.071 12.758  6.385   1.00 15.15 ? 10   PRO C CB  1 
ATOM   312  C CG  . PRO C 1 10 ? -10.420 13.950  5.539   1.00 15.03 ? 10   PRO C CG  1 
ATOM   313  C CD  . PRO C 1 10 ? -9.590  15.062  6.123   1.00 11.02 ? 10   PRO C CD  1 
ATOM   314  N N   . PRO C 1 11 ? -7.463  10.881  5.879   1.00 13.79 ? 11   PRO C N   1 
ATOM   315  C CA  . PRO C 1 11 ? -6.823  10.084  4.825   1.00 13.16 ? 11   PRO C CA  1 
ATOM   316  C C   . PRO C 1 11 ? -7.471  10.346  3.464   1.00 14.05 ? 11   PRO C C   1 
ATOM   317  O O   . PRO C 1 11 ? -8.651  10.672  3.300   1.00 11.70 ? 11   PRO C O   1 
ATOM   318  C CB  . PRO C 1 11 ? -7.095  8.645   5.280   1.00 16.16 ? 11   PRO C CB  1 
ATOM   319  C CG  . PRO C 1 11 ? -7.065  8.741   6.788   1.00 16.10 ? 11   PRO C CG  1 
ATOM   320  C CD  . PRO C 1 11 ? -7.773  10.071  7.070   1.00 14.64 ? 11   PRO C CD  1 
ATOM   321  N N   . GLY C 1 12 ? -6.638  10.218  2.446   1.00 11.09 ? 12   GLY C N   1 
ATOM   322  C CA  . GLY C 1 12 ? -7.080  10.345  1.062   1.00 8.63  ? 12   GLY C CA  1 
ATOM   323  C C   . GLY C 1 12 ? -7.896  9.120   0.664   1.00 10.70 ? 12   GLY C C   1 
ATOM   324  O O   . GLY C 1 12 ? -8.117  8.150   1.400   1.00 8.87  ? 12   GLY C O   1 
HETATM 325  N N   . HYP C 1 13 ? -8.345  9.142   -0.584  1.00 11.28 ? 13   HYP C N   1 
HETATM 326  C CA  . HYP C 1 13 ? -9.131  8.064   -1.151  1.00 11.99 ? 13   HYP C CA  1 
HETATM 327  C C   . HYP C 1 13 ? -8.303  6.799   -1.369  1.00 10.06 ? 13   HYP C C   1 
HETATM 328  O O   . HYP C 1 13 ? -7.081  6.898   -1.479  1.00 8.67  ? 13   HYP C O   1 
HETATM 329  C CB  . HYP C 1 13 ? -9.516  8.550   -2.545  1.00 11.31 ? 13   HYP C CB  1 
HETATM 330  C CG  . HYP C 1 13 ? -8.566  9.620   -2.857  1.00 11.88 ? 13   HYP C CG  1 
HETATM 331  C CD  . HYP C 1 13 ? -8.045  10.220  -1.583  1.00 14.63 ? 13   HYP C CD  1 
HETATM 332  O OD1 . HYP C 1 13 ? -9.089  10.537  -3.747  1.00 36.06 ? 13   HYP C OD1 1 
ATOM   333  N N   . PRO C 1 14 ? -8.933  5.641   -1.509  1.00 11.82 ? 14   PRO C N   1 
ATOM   334  C CA  . PRO C 1 14 ? -8.172  4.430   -1.843  1.00 9.27  ? 14   PRO C CA  1 
ATOM   335  C C   . PRO C 1 14 ? -7.447  4.562   -3.169  1.00 8.09  ? 14   PRO C C   1 
ATOM   336  O O   . PRO C 1 14 ? -7.977  5.275   -4.049  1.00 8.72  ? 14   PRO C O   1 
ATOM   337  C CB  . PRO C 1 14 ? -9.233  3.328   -1.980  1.00 11.65 ? 14   PRO C CB  1 
ATOM   338  C CG  . PRO C 1 14 ? -10.361 3.849   -1.133  1.00 16.04 ? 14   PRO C CG  1 
ATOM   339  C CD  . PRO C 1 14 ? -10.369 5.347   -1.344  1.00 14.91 ? 14   PRO C CD  1 
ATOM   340  N N   . GLY C 1 15 ? -6.298  3.919   -3.358  1.00 9.44  ? 15   GLY C N   1 
ATOM   341  C CA  . GLY C 1 15 ? -5.673  3.935   -4.685  1.00 8.75  ? 15   GLY C CA  1 
ATOM   342  C C   . GLY C 1 15 ? -6.481  3.090   -5.661  1.00 8.77  ? 15   GLY C C   1 
ATOM   343  O O   . GLY C 1 15 ? -7.465  2.465   -5.289  1.00 7.44  ? 15   GLY C O   1 
ATOM   344  N N   . PRO C 1 16 ? -6.082  3.037   -6.918  1.00 9.38  ? 16   PRO C N   1 
ATOM   345  C CA  . PRO C 1 16 ? -6.778  2.258   -7.924  1.00 8.12  ? 16   PRO C CA  1 
ATOM   346  C C   . PRO C 1 16 ? -6.514  0.764   -7.843  1.00 6.58  ? 16   PRO C C   1 
ATOM   347  O O   . PRO C 1 16 ? -5.552  0.322   -7.224  1.00 9.33  ? 16   PRO C O   1 
ATOM   348  C CB  . PRO C 1 16 ? -6.278  2.855   -9.257  1.00 9.98  ? 16   PRO C CB  1 
ATOM   349  C CG  . PRO C 1 16 ? -4.907  3.368   -8.917  1.00 11.26 ? 16   PRO C CG  1 
ATOM   350  C CD  . PRO C 1 16 ? -4.911  3.734   -7.448  1.00 9.88  ? 16   PRO C CD  1 
ATOM   351  N N   . PRO C 1 17 ? -7.352  -0.020  -8.497  1.00 10.69 ? 17   PRO C N   1 
ATOM   352  C CA  . PRO C 1 17 ? -7.014  -1.458  -8.561  1.00 10.98 ? 17   PRO C CA  1 
ATOM   353  C C   . PRO C 1 17 ? -5.647  -1.674  -9.210  1.00 12.38 ? 17   PRO C C   1 
ATOM   354  O O   . PRO C 1 17 ? -5.225  -0.896  -10.034 1.00 11.25 ? 17   PRO C O   1 
ATOM   355  C CB  . PRO C 1 17 ? -8.083  -2.012  -9.529  1.00 10.91 ? 17   PRO C CB  1 
ATOM   356  C CG  . PRO C 1 17 ? -9.248  -1.108  -9.281  1.00 13.06 ? 17   PRO C CG  1 
ATOM   357  C CD  . PRO C 1 17 ? -8.617  0.278   -9.204  1.00 12.96 ? 17   PRO C CD  1 
ATOM   358  N N   . GLY C 1 18 ? -5.025  -2.766  -8.825  1.00 7.97  ? 18   GLY C N   1 
ATOM   359  C CA  . GLY C 1 18 ? -3.817  -3.206  -9.451  1.00 10.58 ? 18   GLY C CA  1 
ATOM   360  C C   . GLY C 1 18 ? -3.999  -3.678  -10.877 1.00 10.65 ? 18   GLY C C   1 
ATOM   361  O O   . GLY C 1 18 ? -5.103  -3.723  -11.392 1.00 9.49  ? 18   GLY C O   1 
ATOM   362  N N   . PRO C 1 19 ? -2.870  -4.003  -11.510 1.00 10.45 ? 19   PRO C N   1 
ATOM   363  C CA  . PRO C 1 19 ? -2.901  -4.546  -12.869 1.00 10.27 ? 19   PRO C CA  1 
ATOM   364  C C   . PRO C 1 19 ? -3.342  -5.994  -12.912 1.00 10.23 ? 19   PRO C C   1 
ATOM   365  O O   . PRO C 1 19 ? -3.408  -6.715  -11.904 1.00 7.92  ? 19   PRO C O   1 
ATOM   366  C CB  . PRO C 1 19 ? -1.437  -4.446  -13.305 1.00 11.91 ? 19   PRO C CB  1 
ATOM   367  C CG  . PRO C 1 19 ? -0.701  -4.569  -12.026 1.00 10.79 ? 19   PRO C CG  1 
ATOM   368  C CD  . PRO C 1 19 ? -1.526  -3.850  -10.966 1.00 8.70  ? 19   PRO C CD  1 
ATOM   369  N N   . PRO C 1 20 ? -3.734  -6.428  -14.089 1.00 12.06 ? 20   PRO C N   1 
ATOM   370  C CA  . PRO C 1 20 ? -4.076  -7.838  -14.273 1.00 13.73 ? 20   PRO C CA  1 
ATOM   371  C C   . PRO C 1 20 ? -2.937  -8.746  -13.818 1.00 12.31 ? 20   PRO C C   1 
ATOM   372  O O   . PRO C 1 20 ? -1.757  -8.437  -13.874 1.00 11.57 ? 20   PRO C O   1 
ATOM   373  C CB  . PRO C 1 20 ? -4.239  -7.976  -15.790 1.00 15.91 ? 20   PRO C CB  1 
ATOM   374  C CG  . PRO C 1 20 ? -4.689  -6.623  -16.243 1.00 16.50 ? 20   PRO C CG  1 
ATOM   375  C CD  . PRO C 1 20 ? -3.982  -5.652  -15.318 1.00 17.23 ? 20   PRO C CD  1 
ATOM   376  N N   . GLY C 1 21 ? -3.363  -9.916  -13.358 1.00 10.69 ? 21   GLY C N   1 
ATOM   377  C CA  . GLY C 1 21 ? -2.394  -10.975 -13.040 1.00 11.58 ? 21   GLY C CA  1 
ATOM   378  C C   . GLY C 1 21 ? -1.837  -11.539 -14.351 1.00 10.79 ? 21   GLY C C   1 
ATOM   379  O O   . GLY C 1 21 ? -2.250  -11.207 -15.454 1.00 11.74 ? 21   GLY C O   1 
ATOM   380  N N   . PRO C 1 22 ? -0.882  -12.447 -14.206 1.00 12.84 ? 22   PRO C N   1 
ATOM   381  C CA  . PRO C 1 22 ? -0.225  -13.064 -15.336 1.00 17.04 ? 22   PRO C CA  1 
ATOM   382  C C   . PRO C 1 22 ? -1.187  -14.052 -15.988 1.00 17.03 ? 22   PRO C C   1 
ATOM   383  O O   . PRO C 1 22 ? -2.194  -14.423 -15.369 1.00 11.80 ? 22   PRO C O   1 
ATOM   384  C CB  . PRO C 1 22 ? 0.941   -13.819 -14.701 1.00 17.64 ? 22   PRO C CB  1 
ATOM   385  C CG  . PRO C 1 22 ? 0.475   -14.121 -13.314 1.00 16.85 ? 22   PRO C CG  1 
ATOM   386  C CD  . PRO C 1 22 ? -0.387  -12.954 -12.908 1.00 14.92 ? 22   PRO C CD  1 
ATOM   387  N N   . PRO C 1 23 ? -0.838  -14.456 -17.203 1.00 16.17 ? 23   PRO C N   1 
ATOM   388  C CA  . PRO C 1 23 ? -1.551  -15.552 -17.849 1.00 14.48 ? 23   PRO C CA  1 
ATOM   389  C C   . PRO C 1 23 ? -1.535  -16.783 -16.951 1.00 16.36 ? 23   PRO C C   1 
ATOM   390  O O   . PRO C 1 23 ? -0.563  -16.995 -16.218 1.00 16.27 ? 23   PRO C O   1 
ATOM   391  C CB  . PRO C 1 23 ? -0.701  -15.848 -19.091 1.00 16.85 ? 23   PRO C CB  1 
ATOM   392  C CG  . PRO C 1 23 ? 0.022   -14.581 -19.365 1.00 19.74 ? 23   PRO C CG  1 
ATOM   393  C CD  . PRO C 1 23 ? 0.250   -13.918 -18.031 1.00 15.83 ? 23   PRO C CD  1 
ATOM   394  N N   . GLY C 1 24 ? -2.571  -17.618 -17.004 1.00 12.86 ? 24   GLY C N   1 
ATOM   395  C CA  . GLY C 1 24 ? -2.495  -18.935 -16.356 1.00 19.69 ? 24   GLY C CA  1 
ATOM   396  C C   . GLY C 1 24 ? -1.553  -19.854 -17.144 1.00 21.30 ? 24   GLY C C   1 
ATOM   397  O O   . GLY C 1 24 ? -0.976  -19.460 -18.177 1.00 18.78 ? 24   GLY C O   1 
ATOM   398  N N   . PRO C 1 25 ? -1.389  -21.084 -16.634 1.00 18.10 ? 25   PRO C N   1 
ATOM   399  C CA  . PRO C 1 25 ? -0.506  -22.072 -17.260 1.00 20.35 ? 25   PRO C CA  1 
ATOM   400  C C   . PRO C 1 25 ? -1.071  -22.650 -18.558 1.00 18.32 ? 25   PRO C C   1 
ATOM   401  O O   . PRO C 1 25 ? -2.279  -22.622 -18.827 1.00 19.00 ? 25   PRO C O   1 
ATOM   402  C CB  . PRO C 1 25 ? -0.403  -23.138 -16.174 1.00 24.65 ? 25   PRO C CB  1 
ATOM   403  C CG  . PRO C 1 25 ? -1.676  -23.027 -15.410 1.00 23.23 ? 25   PRO C CG  1 
ATOM   404  C CD  . PRO C 1 25 ? -2.049  -21.572 -15.406 1.00 22.05 ? 25   PRO C CD  1 
ATOM   405  N N   . PRO C 1 26 ? -0.196  -23.162 -19.433 1.00 25.63 ? 26   PRO C N   1 
ATOM   406  C CA  . PRO C 1 26 ? -0.734  -23.807 -20.630 1.00 27.14 ? 26   PRO C CA  1 
ATOM   407  C C   . PRO C 1 26 ? -1.603  -25.023 -20.275 1.00 25.87 ? 26   PRO C C   1 
ATOM   408  O O   . PRO C 1 26 ? -1.436  -25.641 -19.213 1.00 25.50 ? 26   PRO C O   1 
ATOM   409  C CB  . PRO C 1 26 ? 0.526   -24.237 -21.371 1.00 31.89 ? 26   PRO C CB  1 
ATOM   410  C CG  . PRO C 1 26 ? 1.672   -23.459 -20.804 1.00 29.67 ? 26   PRO C CG  1 
ATOM   411  C CD  . PRO C 1 26 ? 1.279   -23.135 -19.398 1.00 27.78 ? 26   PRO C CD  1 
ATOM   412  N N   . GLY C 1 27 ? -2.530  -25.379 -21.173 1.00 25.50 ? 27   GLY C N   1 
ATOM   413  C CA  . GLY C 1 27 ? -3.509  -26.424 -20.939 1.00 31.23 ? 27   GLY C CA  1 
ATOM   414  C C   . GLY C 1 27 ? -2.946  -27.835 -20.902 1.00 29.63 ? 27   GLY C C   1 
ATOM   415  O O   . GLY C 1 27 ? -1.765  -28.006 -21.217 1.00 46.34 ? 27   GLY C O   1 
ATOM   416  O OXT . GLY C 1 27 ? -3.350  -28.982 -20.610 1.00 54.61 ? 27   GLY C OXT 1 
ATOM   417  N N   . PRO D 1 1  ? 0.518   23.547  21.927  1.00 27.34 ? 1    PRO D N   1 
ATOM   418  C CA  . PRO D 1 1  ? 0.035   22.161  21.782  1.00 22.43 ? 1    PRO D CA  1 
ATOM   419  C C   . PRO D 1 1  ? 1.015   21.240  21.063  1.00 19.17 ? 1    PRO D C   1 
ATOM   420  O O   . PRO D 1 1  ? 2.042   21.648  20.483  1.00 26.94 ? 1    PRO D O   1 
ATOM   421  C CB  . PRO D 1 1  ? -1.254  22.347  20.968  1.00 27.74 ? 1    PRO D CB  1 
ATOM   422  C CG  . PRO D 1 1  ? -0.957  23.524  20.126  1.00 30.43 ? 1    PRO D CG  1 
ATOM   423  C CD  . PRO D 1 1  ? -0.157  24.458  20.994  1.00 28.69 ? 1    PRO D CD  1 
ATOM   424  N N   . PRO D 1 2  ? 0.751   19.936  21.032  1.00 18.55 ? 2    PRO D N   1 
ATOM   425  C CA  . PRO D 1 2  ? 1.729   19.037  20.386  1.00 18.32 ? 2    PRO D CA  1 
ATOM   426  C C   . PRO D 1 2  ? 1.617   19.217  18.877  1.00 13.59 ? 2    PRO D C   1 
ATOM   427  O O   . PRO D 1 2  ? 0.641   19.771  18.369  1.00 15.68 ? 2    PRO D O   1 
ATOM   428  C CB  . PRO D 1 2  ? 1.299   17.633  20.799  1.00 18.04 ? 2    PRO D CB  1 
ATOM   429  C CG  . PRO D 1 2  ? 0.208   17.803  21.771  1.00 20.93 ? 2    PRO D CG  1 
ATOM   430  C CD  . PRO D 1 2  ? -0.402  19.142  21.480  1.00 22.18 ? 2    PRO D CD  1 
ATOM   431  N N   . GLY D 1 3  ? 2.648   18.739  18.199  1.00 15.00 ? 3    GLY D N   1 
ATOM   432  C CA  . GLY D 1 3  ? 2.593   18.806  16.747  1.00 11.83 ? 3    GLY D CA  1 
ATOM   433  C C   . GLY D 1 3  ? 1.672   17.721  16.179  1.00 12.87 ? 3    GLY D C   1 
ATOM   434  O O   . GLY D 1 3  ? 1.189   16.919  16.964  1.00 12.39 ? 3    GLY D O   1 
ATOM   435  N N   . PRO D 1 4  ? 1.463   17.754  14.858  1.00 12.29 ? 4    PRO D N   1 
ATOM   436  C CA  . PRO D 1 4  ? 0.625   16.739  14.211  1.00 11.17 ? 4    PRO D CA  1 
ATOM   437  C C   . PRO D 1 4  ? 1.384   15.433  14.087  1.00 13.12 ? 4    PRO D C   1 
ATOM   438  O O   . PRO D 1 4  ? 2.585   15.392  14.374  1.00 12.22 ? 4    PRO D O   1 
ATOM   439  C CB  . PRO D 1 4  ? 0.283   17.376  12.865  1.00 12.94 ? 4    PRO D CB  1 
ATOM   440  C CG  . PRO D 1 4  ? 1.524   18.154  12.568  1.00 11.94 ? 4    PRO D CG  1 
ATOM   441  C CD  . PRO D 1 4  ? 1.939   18.759  13.881  1.00 13.02 ? 4    PRO D CD  1 
ATOM   442  N N   . PRO D 1 5  ? 0.664   14.371  13.706  1.00 15.86 ? 5    PRO D N   1 
ATOM   443  C CA  . PRO D 1 5  ? 1.345   13.092  13.528  1.00 15.50 ? 5    PRO D CA  1 
ATOM   444  C C   . PRO D 1 5  ? 2.436   13.187  12.476  1.00 15.22 ? 5    PRO D C   1 
ATOM   445  O O   . PRO D 1 5  ? 2.438   14.006  11.539  1.00 14.73 ? 5    PRO D O   1 
ATOM   446  C CB  . PRO D 1 5  ? 0.244   12.148  13.004  1.00 15.35 ? 5    PRO D CB  1 
ATOM   447  C CG  . PRO D 1 5  ? -1.013  12.755  13.537  1.00 16.95 ? 5    PRO D CG  1 
ATOM   448  C CD  . PRO D 1 5  ? -0.778  14.245  13.435  1.00 16.56 ? 5    PRO D CD  1 
ATOM   449  N N   . GLY D 1 6  ? 3.399   12.262  12.635  1.00 13.30 ? 6    GLY D N   1 
ATOM   450  C CA  . GLY D 1 6  ? 4.440   12.205  11.622  1.00 9.52  ? 6    GLY D CA  1 
ATOM   451  C C   . GLY D 1 6  ? 3.954   11.592  10.321  1.00 12.24 ? 6    GLY D C   1 
ATOM   452  O O   . GLY D 1 6  ? 2.819   11.134  10.158  1.00 11.39 ? 6    GLY D O   1 
ATOM   453  N N   . PRO D 1 7  ? 4.889   11.580  9.367   1.00 8.73  ? 7    PRO D N   1 
ATOM   454  C CA  . PRO D 1 7  ? 4.568   11.037  8.047   1.00 8.21  ? 7    PRO D CA  1 
ATOM   455  C C   . PRO D 1 7  ? 4.316   9.528   8.063   1.00 10.86 ? 7    PRO D C   1 
ATOM   456  O O   . PRO D 1 7  ? 4.734   8.887   9.043   1.00 9.81  ? 7    PRO D O   1 
ATOM   457  C CB  . PRO D 1 7  ? 5.816   11.322  7.192   1.00 18.02 ? 7    PRO D CB  1 
ATOM   458  C CG  . PRO D 1 7  ? 6.718   12.164  8.006   1.00 20.38 ? 7    PRO D CG  1 
ATOM   459  C CD  . PRO D 1 7  ? 6.261   12.103  9.419   1.00 17.88 ? 7    PRO D CD  1 
ATOM   460  N N   . PRO D 1 8  ? 3.676   8.878   7.102   1.00 10.30 ? 8    PRO D N   1 
ATOM   461  C CA  . PRO D 1 8  ? 3.616   7.419   7.138   1.00 8.94  ? 8    PRO D CA  1 
ATOM   462  C C   . PRO D 1 8  ? 4.987   6.812   7.035   1.00 6.29  ? 8    PRO D C   1 
ATOM   463  O O   . PRO D 1 8  ? 5.945   7.350   6.477   1.00 8.64  ? 8    PRO D O   1 
ATOM   464  C CB  . PRO D 1 8  ? 2.961   7.074   5.783   1.00 9.79  ? 8    PRO D CB  1 
ATOM   465  C CG  . PRO D 1 8  ? 2.092   8.258   5.474   1.00 11.83 ? 8    PRO D CG  1 
ATOM   466  C CD  . PRO D 1 8  ? 2.932   9.426   5.939   1.00 12.37 ? 8    PRO D CD  1 
ATOM   467  N N   . GLY D 1 9  ? 5.099   5.622   7.619   1.00 8.05  ? 9    GLY D N   1 
ATOM   468  C CA  . GLY D 1 9  ? 6.385   4.938   7.455   1.00 9.10  ? 9    GLY D CA  1 
ATOM   469  C C   . GLY D 1 9  ? 6.527   4.468   5.995   1.00 9.85  ? 9    GLY D C   1 
ATOM   470  O O   . GLY D 1 9  ? 5.669   4.630   5.114   1.00 8.95  ? 9    GLY D O   1 
ATOM   471  N N   . PRO D 1 10 ? 7.676   3.815   5.832   1.00 11.72 ? 10   PRO D N   1 
ATOM   472  C CA  . PRO D 1 10 ? 8.088   3.230   4.557   1.00 12.00 ? 10   PRO D CA  1 
ATOM   473  C C   . PRO D 1 10 ? 7.252   2.036   4.152   1.00 7.18  ? 10   PRO D C   1 
ATOM   474  O O   . PRO D 1 10 ? 6.676   1.395   5.046   1.00 9.53  ? 10   PRO D O   1 
ATOM   475  C CB  . PRO D 1 10 ? 9.466   2.606   4.810   1.00 14.67 ? 10   PRO D CB  1 
ATOM   476  C CG  . PRO D 1 10 ? 9.887   3.035   6.161   1.00 19.98 ? 10   PRO D CG  1 
ATOM   477  C CD  . PRO D 1 10 ? 8.701   3.632   6.873   1.00 14.37 ? 10   PRO D CD  1 
ATOM   478  N N   . PRO D 1 11 ? 7.200   1.644   2.883   1.00 13.26 ? 11   PRO D N   1 
ATOM   479  C CA  . PRO D 1 11 ? 6.520   0.376   2.554   1.00 12.54 ? 11   PRO D CA  1 
ATOM   480  C C   . PRO D 1 11 ? 7.190   -0.795  3.286   1.00 11.09 ? 11   PRO D C   1 
ATOM   481  O O   . PRO D 1 11 ? 8.380   -0.802  3.594   1.00 16.58 ? 11   PRO D O   1 
ATOM   482  C CB  . PRO D 1 11 ? 6.730   0.222   1.044   1.00 20.00 ? 11   PRO D CB  1 
ATOM   483  C CG  . PRO D 1 11 ? 7.022   1.609   0.572   1.00 23.00 ? 11   PRO D CG  1 
ATOM   484  C CD  . PRO D 1 11 ? 7.757   2.278   1.692   1.00 19.15 ? 11   PRO D CD  1 
ATOM   485  N N   . GLY D 1 12 ? 6.367   -1.811  3.537   1.00 11.67 ? 12   GLY D N   1 
ATOM   486  C CA  . GLY D 1 12 ? 6.774   -3.091  4.096   1.00 12.66 ? 12   GLY D CA  1 
ATOM   487  C C   . GLY D 1 12 ? 7.760   -3.809  3.188   1.00 13.19 ? 12   GLY D C   1 
ATOM   488  O O   . GLY D 1 12 ? 8.050   -3.463  2.042   1.00 14.49 ? 12   GLY D O   1 
HETATM 489  N N   . HYP D 1 13 ? 8.307   -4.896  3.711   1.00 11.31 ? 13   HYP D N   1 
HETATM 490  C CA  . HYP D 1 13 ? 9.228   -5.742  2.955   1.00 13.35 ? 13   HYP D CA  1 
HETATM 491  C C   . HYP D 1 13 ? 8.451   -6.553  1.942   1.00 11.49 ? 13   HYP D C   1 
HETATM 492  O O   . HYP D 1 13 ? 7.246   -6.721  2.037   1.00 11.96 ? 13   HYP D O   1 
HETATM 493  C CB  . HYP D 1 13 ? 9.869   -6.585  4.074   1.00 15.60 ? 13   HYP D CB  1 
HETATM 494  C CG  . HYP D 1 13 ? 8.740   -6.744  5.045   1.00 18.82 ? 13   HYP D CG  1 
HETATM 495  C CD  . HYP D 1 13 ? 8.100   -5.361  5.105   1.00 13.70 ? 13   HYP D CD  1 
HETATM 496  O OD1 . HYP D 1 13 ? 9.245   -6.908  6.330   1.00 34.62 ? 13   HYP D OD1 1 
ATOM   497  N N   . PRO D 1 14 ? 9.159   -7.058  0.958   1.00 10.60 ? 14   PRO D N   1 
ATOM   498  C CA  . PRO D 1 14 ? 8.542   -7.885  -0.076  1.00 9.83  ? 14   PRO D CA  1 
ATOM   499  C C   . PRO D 1 14 ? 7.887   -9.109  0.514   1.00 10.17 ? 14   PRO D C   1 
ATOM   500  O O   . PRO D 1 14 ? 8.304   -9.627  1.582   1.00 13.77 ? 14   PRO D O   1 
ATOM   501  C CB  . PRO D 1 14 ? 9.741   -8.369  -0.911  1.00 17.08 ? 14   PRO D CB  1 
ATOM   502  C CG  . PRO D 1 14 ? 10.948  -8.113  -0.066  1.00 17.64 ? 14   PRO D CG  1 
ATOM   503  C CD  . PRO D 1 14 ? 10.625  -6.883  0.772   1.00 15.29 ? 14   PRO D CD  1 
ATOM   504  N N   . GLY D 1 15 ? 6.870   -9.627  -0.161  1.00 7.79  ? 15   GLY D N   1 
ATOM   505  C CA  . GLY D 1 15 ? 6.325   -10.912 0.182   1.00 10.17 ? 15   GLY D CA  1 
ATOM   506  C C   . GLY D 1 15 ? 7.239   -12.053 -0.141  1.00 10.57 ? 15   GLY D C   1 
ATOM   507  O O   . GLY D 1 15 ? 8.244   -11.958 -0.798  1.00 10.98 ? 15   GLY D O   1 
ATOM   508  N N   . PRO D 1 16 ? 6.842   -13.238 0.293   1.00 10.59 ? 16   PRO D N   1 
ATOM   509  C CA  . PRO D 1 16 ? 7.615   -14.446 -0.001  1.00 11.34 ? 16   PRO D CA  1 
ATOM   510  C C   . PRO D 1 16 ? 7.457   -14.919 -1.443  1.00 12.90 ? 16   PRO D C   1 
ATOM   511  O O   . PRO D 1 16 ? 6.533   -14.556 -2.136  1.00 9.38  ? 16   PRO D O   1 
ATOM   512  C CB  . PRO D 1 16 ? 6.997   -15.509 0.910   1.00 12.61 ? 16   PRO D CB  1 
ATOM   513  C CG  . PRO D 1 16 ? 5.582   -15.066 1.058   1.00 12.61 ? 16   PRO D CG  1 
ATOM   514  C CD  . PRO D 1 16 ? 5.632   -13.556 1.083   1.00 14.21 ? 16   PRO D CD  1 
ATOM   515  N N   . PRO D 1 17 ? 8.360   -15.795 -1.892  1.00 11.59 ? 17   PRO D N   1 
ATOM   516  C CA  . PRO D 1 17 ? 8.166   -16.391 -3.222  1.00 10.41 ? 17   PRO D CA  1 
ATOM   517  C C   . PRO D 1 17 ? 6.877   -17.212 -3.239  1.00 9.32  ? 17   PRO D C   1 
ATOM   518  O O   . PRO D 1 17 ? 6.391   -17.730 -2.230  1.00 11.25 ? 17   PRO D O   1 
ATOM   519  C CB  . PRO D 1 17 ? 9.395   -17.290 -3.403  1.00 12.03 ? 17   PRO D CB  1 
ATOM   520  C CG  . PRO D 1 17 ? 10.383  -16.798 -2.379  1.00 16.11 ? 17   PRO D CG  1 
ATOM   521  C CD  . PRO D 1 17 ? 9.593   -16.252 -1.214  1.00 13.98 ? 17   PRO D CD  1 
ATOM   522  N N   . GLY D 1 18 ? 6.272   -17.256 -4.437  1.00 10.66 ? 18   GLY D N   1 
ATOM   523  C CA  . GLY D 1 18 ? 5.057   -17.985 -4.699  1.00 9.36  ? 18   GLY D CA  1 
ATOM   524  C C   . GLY D 1 18 ? 5.229   -19.474 -4.534  1.00 12.12 ? 18   GLY D C   1 
ATOM   525  O O   . GLY D 1 18 ? 6.315   -20.013 -4.271  1.00 13.10 ? 18   GLY D O   1 
ATOM   526  N N   . PRO D 1 19 ? 4.150   -20.239 -4.685  1.00 14.75 ? 19   PRO D N   1 
ATOM   527  C CA  . PRO D 1 19 ? 4.253   -21.708 -4.586  1.00 15.81 ? 19   PRO D CA  1 
ATOM   528  C C   . PRO D 1 19 ? 4.918   -22.307 -5.812  1.00 12.00 ? 19   PRO D C   1 
ATOM   529  O O   . PRO D 1 19 ? 4.994   -21.665 -6.858  1.00 14.96 ? 19   PRO D O   1 
ATOM   530  C CB  . PRO D 1 19 ? 2.794   -22.147 -4.534  1.00 20.38 ? 19   PRO D CB  1 
ATOM   531  C CG  . PRO D 1 19 ? 2.070   -21.061 -5.278  1.00 17.91 ? 19   PRO D CG  1 
ATOM   532  C CD  . PRO D 1 19 ? 2.780   -19.776 -4.912  1.00 17.41 ? 19   PRO D CD  1 
ATOM   533  N N   . PRO D 1 20 ? 5.411   -23.534 -5.769  1.00 15.46 ? 20   PRO D N   1 
ATOM   534  C CA  . PRO D 1 20 ? 5.939   -24.115 -6.995  1.00 15.52 ? 20   PRO D CA  1 
ATOM   535  C C   . PRO D 1 20 ? 4.850   -24.204 -8.067  1.00 14.17 ? 20   PRO D C   1 
ATOM   536  O O   . PRO D 1 20 ? 3.675   -24.311 -7.744  1.00 16.62 ? 20   PRO D O   1 
ATOM   537  C CB  . PRO D 1 20 ? 6.317   -25.560 -6.575  1.00 21.21 ? 20   PRO D CB  1 
ATOM   538  C CG  . PRO D 1 20 ? 6.459   -25.495 -5.095  1.00 21.48 ? 20   PRO D CG  1 
ATOM   539  C CD  . PRO D 1 20 ? 5.536   -24.407 -4.601  1.00 19.43 ? 20   PRO D CD  1 
ATOM   540  N N   . GLY D 1 21 ? 5.376   -24.164 -9.288  1.00 14.22 ? 21   GLY D N   1 
ATOM   541  C CA  . GLY D 1 21 ? 4.599   -24.382 -10.495 1.00 22.60 ? 21   GLY D CA  1 
ATOM   542  C C   . GLY D 1 21 ? 4.023   -25.779 -10.561 1.00 22.29 ? 21   GLY D C   1 
ATOM   543  O O   . GLY D 1 21 ? 4.390   -26.647 -9.772  1.00 25.77 ? 21   GLY D O   1 
ATOM   544  N N   . PRO D 1 22 ? 3.137   -26.020 -11.533 1.00 25.70 ? 22   PRO D N   1 
ATOM   545  C CA  . PRO D 1 22 ? 2.564   -27.349 -11.752 1.00 24.30 ? 22   PRO D CA  1 
ATOM   546  C C   . PRO D 1 22 ? 3.414   -28.377 -12.482 1.00 28.61 ? 22   PRO D C   1 
ATOM   547  O O   . PRO D 1 22 ? 4.580   -28.198 -12.812 1.00 32.32 ? 22   PRO D O   1 
ATOM   548  C CB  . PRO D 1 22 ? 1.367   -27.036 -12.680 1.00 30.10 ? 22   PRO D CB  1 
ATOM   549  C CG  . PRO D 1 22 ? 1.946   -25.902 -13.504 1.00 30.04 ? 22   PRO D CG  1 
ATOM   550  C CD  . PRO D 1 22 ? 2.613   -25.009 -12.484 1.00 28.90 ? 22   PRO D CD  1 
ATOM   551  N N   . GLY E 1 3  ? 5.135   23.435  22.364  1.00 21.26 ? 3    GLY E N   1 
ATOM   552  C CA  . GLY E 1 3  ? 4.667   22.071  22.602  1.00 22.59 ? 3    GLY E CA  1 
ATOM   553  C C   . GLY E 1 3  ? 5.560   20.947  22.159  1.00 23.82 ? 3    GLY E C   1 
ATOM   554  O O   . GLY E 1 3  ? 6.584   21.103  21.470  1.00 19.12 ? 3    GLY E O   1 
ATOM   555  N N   . PRO E 1 4  ? 5.227   19.704  22.526  1.00 23.11 ? 4    PRO E N   1 
ATOM   556  C CA  . PRO E 1 4  ? 6.113   18.580  22.213  1.00 20.20 ? 4    PRO E CA  1 
ATOM   557  C C   . PRO E 1 4  ? 5.868   18.056  20.811  1.00 19.34 ? 4    PRO E C   1 
ATOM   558  O O   . PRO E 1 4  ? 4.869   18.376  20.167  1.00 18.76 ? 4    PRO E O   1 
ATOM   559  C CB  . PRO E 1 4  ? 5.703   17.524  23.254  1.00 20.26 ? 4    PRO E CB  1 
ATOM   560  C CG  . PRO E 1 4  ? 4.224   17.734  23.404  1.00 21.07 ? 4    PRO E CG  1 
ATOM   561  C CD  . PRO E 1 4  ? 4.022   19.222  23.236  1.00 24.99 ? 4    PRO E CD  1 
ATOM   562  N N   . PRO E 1 5  ? 6.773   17.217  20.322  1.00 17.95 ? 5    PRO E N   1 
ATOM   563  C CA  . PRO E 1 5  ? 6.570   16.590  19.012  1.00 16.68 ? 5    PRO E CA  1 
ATOM   564  C C   . PRO E 1 5  ? 5.283   15.771  18.999  1.00 16.93 ? 5    PRO E C   1 
ATOM   565  O O   . PRO E 1 5  ? 4.822   15.283  20.027  1.00 14.20 ? 5    PRO E O   1 
ATOM   566  C CB  . PRO E 1 5  ? 7.769   15.655  18.871  1.00 16.10 ? 5    PRO E CB  1 
ATOM   567  C CG  . PRO E 1 5  ? 8.807   16.208  19.807  1.00 18.98 ? 5    PRO E CG  1 
ATOM   568  C CD  . PRO E 1 5  ? 8.024   16.784  20.955  1.00 21.06 ? 5    PRO E CD  1 
ATOM   569  N N   . GLY E 1 6  ? 4.699   15.672  17.806  1.00 15.06 ? 6    GLY E N   1 
ATOM   570  C CA  . GLY E 1 6  ? 3.480   14.942  17.612  1.00 11.32 ? 6    GLY E CA  1 
ATOM   571  C C   . GLY E 1 6  ? 3.629   13.463  17.794  1.00 13.69 ? 6    GLY E C   1 
ATOM   572  O O   . GLY E 1 6  ? 4.690   12.905  18.055  1.00 18.25 ? 6    GLY E O   1 
ATOM   573  N N   . PRO E 1 7  ? 2.556   12.698  17.621  1.00 16.16 ? 7    PRO E N   1 
ATOM   574  C CA  . PRO E 1 7  ? 2.711   11.238  17.715  1.00 17.33 ? 7    PRO E CA  1 
ATOM   575  C C   . PRO E 1 7  ? 3.358   10.682  16.456  1.00 10.36 ? 7    PRO E C   1 
ATOM   576  O O   . PRO E 1 7  ? 3.463   11.319  15.408  1.00 11.64 ? 7    PRO E O   1 
ATOM   577  C CB  . PRO E 1 7  ? 1.274   10.739  17.786  1.00 19.31 ? 7    PRO E CB  1 
ATOM   578  C CG  . PRO E 1 7  ? 0.452   11.795  17.122  1.00 20.04 ? 7    PRO E CG  1 
ATOM   579  C CD  . PRO E 1 7  ? 1.173   13.106  17.313  1.00 21.92 ? 7    PRO E CD  1 
ATOM   580  N N   . PRO E 1 8  ? 3.775   9.417   16.527  1.00 13.69 ? 8    PRO E N   1 
ATOM   581  C CA  . PRO E 1 8  ? 4.261   8.809   15.286  1.00 12.42 ? 8    PRO E CA  1 
ATOM   582  C C   . PRO E 1 8  ? 3.201   8.786   14.210  1.00 11.27 ? 8    PRO E C   1 
ATOM   583  O O   . PRO E 1 8  ? 2.018   8.683   14.529  1.00 13.55 ? 8    PRO E O   1 
ATOM   584  C CB  . PRO E 1 8  ? 4.483   7.343   15.701  1.00 20.20 ? 8    PRO E CB  1 
ATOM   585  C CG  . PRO E 1 8  ? 4.708   7.397   17.176  1.00 22.32 ? 8    PRO E CG  1 
ATOM   586  C CD  . PRO E 1 8  ? 3.846   8.531   17.681  1.00 19.26 ? 8    PRO E CD  1 
ATOM   587  N N   . GLY E 1 9  ? 3.664   8.838   12.969  1.00 8.71  ? 9    GLY E N   1 
ATOM   588  C CA  . GLY E 1 9  ? 2.778   8.645   11.795  1.00 11.58 ? 9    GLY E CA  1 
ATOM   589  C C   . GLY E 1 9  ? 2.252   7.216   11.706  1.00 11.32 ? 9    GLY E C   1 
ATOM   590  O O   . GLY E 1 9  ? 2.640   6.299   12.454  1.00 10.64 ? 9    GLY E O   1 
ATOM   591  N N   . PRO E 1 10 ? 1.361   6.976   10.758  1.00 8.82  ? 10   PRO E N   1 
ATOM   592  C CA  . PRO E 1 10 ? 0.837   5.637   10.611  1.00 9.80  ? 10   PRO E CA  1 
ATOM   593  C C   . PRO E 1 10 ? 1.809   4.713   9.914   1.00 9.31  ? 10   PRO E C   1 
ATOM   594  O O   . PRO E 1 10 ? 2.819   5.074   9.302   1.00 10.57 ? 10   PRO E O   1 
ATOM   595  C CB  . PRO E 1 10 ? -0.417  5.828   9.729   1.00 12.38 ? 10   PRO E CB  1 
ATOM   596  C CG  . PRO E 1 10 ? 0.079   6.932   8.810   1.00 12.56 ? 10   PRO E CG  1 
ATOM   597  C CD  . PRO E 1 10 ? 0.786   7.894   9.746   1.00 10.61 ? 10   PRO E CD  1 
ATOM   598  N N   . PRO E 1 11 ? 1.490   3.425   9.995   1.00 9.88  ? 11   PRO E N   1 
ATOM   599  C CA  . PRO E 1 11 ? 2.385   2.480   9.282   1.00 10.11 ? 11   PRO E CA  1 
ATOM   600  C C   . PRO E 1 11 ? 2.358   2.669   7.786   1.00 5.59  ? 11   PRO E C   1 
ATOM   601  O O   . PRO E 1 11 ? 1.446   3.260   7.232   1.00 10.72 ? 11   PRO E O   1 
ATOM   602  C CB  . PRO E 1 11 ? 1.726   1.138   9.644   1.00 10.47 ? 11   PRO E CB  1 
ATOM   603  C CG  . PRO E 1 11 ? 1.097   1.421   10.984  1.00 11.88 ? 11   PRO E CG  1 
ATOM   604  C CD  . PRO E 1 11 ? 0.403   2.747   10.686  1.00 13.29 ? 11   PRO E CD  1 
ATOM   605  N N   . GLY E 1 12 ? 3.421   2.155   7.168   1.00 9.96  ? 12   GLY E N   1 
ATOM   606  C CA  . GLY E 1 12 ? 3.540   2.323   5.698   1.00 8.66  ? 12   GLY E CA  1 
ATOM   607  C C   . GLY E 1 12 ? 2.592   1.309   5.047   1.00 10.17 ? 12   GLY E C   1 
ATOM   608  O O   . GLY E 1 12 ? 2.069   0.467   5.798   1.00 9.97  ? 12   GLY E O   1 
HETATM 609  N N   . HYP E 1 13 ? 2.410   1.403   3.741   1.00 12.21 ? 13   HYP E N   1 
HETATM 610  C CA  . HYP E 1 13 ? 1.574   0.400   3.034   1.00 12.74 ? 13   HYP E CA  1 
HETATM 611  C C   . HYP E 1 13 ? 2.317   -0.903  2.931   1.00 15.29 ? 13   HYP E C   1 
HETATM 612  O O   . HYP E 1 13 ? 3.512   -0.990  3.228   1.00 12.61 ? 13   HYP E O   1 
HETATM 613  C CB  . HYP E 1 13 ? 1.367   1.063   1.637   1.00 16.34 ? 13   HYP E CB  1 
HETATM 614  C CG  . HYP E 1 13 ? 2.675   1.776   1.461   1.00 17.99 ? 13   HYP E CG  1 
HETATM 615  C CD  . HYP E 1 13 ? 2.973   2.386   2.807   1.00 14.05 ? 13   HYP E CD  1 
HETATM 616  O OD1 . HYP E 1 13 ? 2.644   2.771   0.499   1.00 28.44 ? 13   HYP E OD1 1 
ATOM   617  N N   . PRO E 1 14 ? 1.616   -1.942  2.507   1.00 16.59 ? 14   PRO E N   1 
ATOM   618  C CA  . PRO E 1 14 ? 2.265   -3.237  2.319   1.00 12.09 ? 14   PRO E CA  1 
ATOM   619  C C   . PRO E 1 14 ? 3.413   -3.149  1.337   1.00 12.99 ? 14   PRO E C   1 
ATOM   620  O O   . PRO E 1 14 ? 3.541   -2.355  0.400   1.00 12.05 ? 14   PRO E O   1 
ATOM   621  C CB  . PRO E 1 14 ? 1.141   -4.108  1.730   1.00 12.43 ? 14   PRO E CB  1 
ATOM   622  C CG  . PRO E 1 14 ? -0.079  -3.460  2.284   1.00 17.29 ? 14   PRO E CG  1 
ATOM   623  C CD  . PRO E 1 14 ? 0.197   -1.983  2.129   1.00 17.68 ? 14   PRO E CD  1 
ATOM   624  N N   . GLY E 1 15 ? 4.346   -4.083  1.550   1.00 10.77 ? 15   GLY E N   1 
ATOM   625  C CA  . GLY E 1 15 ? 5.376   -4.239  0.544   1.00 11.10 ? 15   GLY E CA  1 
ATOM   626  C C   . GLY E 1 15 ? 4.872   -4.852  -0.750  1.00 12.37 ? 15   GLY E C   1 
ATOM   627  O O   . GLY E 1 15 ? 3.727   -5.269  -0.903  1.00 12.38 ? 15   GLY E O   1 
ATOM   628  N N   . PRO E 1 16 ? 5.796   -4.872  -1.712  1.00 7.17  ? 16   PRO E N   1 
ATOM   629  C CA  . PRO E 1 16 ? 5.447   -5.429  -3.004  1.00 9.26  ? 16   PRO E CA  1 
ATOM   630  C C   . PRO E 1 16 ? 5.209   -6.941  -2.999  1.00 13.07 ? 16   PRO E C   1 
ATOM   631  O O   . PRO E 1 16 ? 5.652   -7.594  -2.044  1.00 10.62 ? 16   PRO E O   1 
ATOM   632  C CB  . PRO E 1 16 ? 6.693   -5.115  -3.834  1.00 13.63 ? 16   PRO E CB  1 
ATOM   633  C CG  . PRO E 1 16 ? 7.711   -4.476  -2.973  1.00 19.10 ? 16   PRO E CG  1 
ATOM   634  C CD  . PRO E 1 16 ? 7.168   -4.357  -1.579  1.00 14.92 ? 16   PRO E CD  1 
ATOM   635  N N   . PRO E 1 17 ? 4.559   -7.554  -3.984  1.00 10.92 ? 17   PRO E N   1 
ATOM   636  C CA  . PRO E 1 17 ? 4.444   -9.025  -4.016  1.00 9.15  ? 17   PRO E CA  1 
ATOM   637  C C   . PRO E 1 17 ? 5.832   -9.632  -4.101  1.00 7.23  ? 17   PRO E C   1 
ATOM   638  O O   . PRO E 1 17 ? 6.820   -9.078  -4.571  1.00 9.96  ? 17   PRO E O   1 
ATOM   639  C CB  . PRO E 1 17 ? 3.730   -9.334  -5.335  1.00 11.16 ? 17   PRO E CB  1 
ATOM   640  C CG  . PRO E 1 17 ? 2.929   -8.108  -5.577  1.00 10.78 ? 17   PRO E CG  1 
ATOM   641  C CD  . PRO E 1 17 ? 3.841   -6.974  -5.137  1.00 11.54 ? 17   PRO E CD  1 
ATOM   642  N N   . GLY E 1 18 ? 5.929   -10.871 -3.587  1.00 8.89  ? 18   GLY E N   1 
ATOM   643  C CA  . GLY E 1 18 ? 7.144   -11.661 -3.720  1.00 10.51 ? 18   GLY E CA  1 
ATOM   644  C C   . GLY E 1 18 ? 7.309   -12.061 -5.205  1.00 10.72 ? 18   GLY E C   1 
ATOM   645  O O   . GLY E 1 18 ? 6.438   -11.784 -6.021  1.00 10.31 ? 18   GLY E O   1 
ATOM   646  N N   . PRO E 1 19 ? 8.425   -12.751 -5.447  1.00 11.05 ? 19   PRO E N   1 
ATOM   647  C CA  . PRO E 1 19 ? 8.787   -13.277 -6.761  1.00 11.90 ? 19   PRO E CA  1 
ATOM   648  C C   . PRO E 1 19 ? 7.958   -14.496 -7.113  1.00 10.38 ? 19   PRO E C   1 
ATOM   649  O O   . PRO E 1 19 ? 7.417   -15.119 -6.190  1.00 11.09 ? 19   PRO E O   1 
ATOM   650  C CB  . PRO E 1 19 ? 10.261  -13.685 -6.626  1.00 16.31 ? 19   PRO E CB  1 
ATOM   651  C CG  . PRO E 1 19 ? 10.394  -13.966 -5.152  1.00 17.12 ? 19   PRO E CG  1 
ATOM   652  C CD  . PRO E 1 19 ? 9.457   -13.014 -4.428  1.00 13.80 ? 19   PRO E CD  1 
ATOM   653  N N   . PRO E 1 20 ? 7.787   -14.860 -8.379  1.00 14.20 ? 20   PRO E N   1 
ATOM   654  C CA  . PRO E 1 20 ? 7.091   -16.105 -8.670  1.00 14.97 ? 20   PRO E CA  1 
ATOM   655  C C   . PRO E 1 20 ? 7.820   -17.267 -7.997  1.00 15.18 ? 20   PRO E C   1 
ATOM   656  O O   . PRO E 1 20 ? 9.035   -17.251 -7.742  1.00 14.81 ? 20   PRO E O   1 
ATOM   657  C CB  . PRO E 1 20 ? 7.215   -16.242 -10.213 1.00 19.75 ? 20   PRO E CB  1 
ATOM   658  C CG  . PRO E 1 20 ? 7.366   -14.829 -10.670 1.00 19.04 ? 20   PRO E CG  1 
ATOM   659  C CD  . PRO E 1 20 ? 8.229   -14.173 -9.614  1.00 15.21 ? 20   PRO E CD  1 
ATOM   660  N N   . GLY E 1 21 ? 7.070   -18.307 -7.707  1.00 13.18 ? 21   GLY E N   1 
ATOM   661  C CA  . GLY E 1 21 ? 7.538   -19.568 -7.208  1.00 14.07 ? 21   GLY E CA  1 
ATOM   662  C C   . GLY E 1 21 ? 8.574   -20.218 -8.098  1.00 17.29 ? 21   GLY E C   1 
ATOM   663  O O   . GLY E 1 21 ? 8.803   -19.797 -9.246  1.00 21.95 ? 21   GLY E O   1 
ATOM   664  N N   . PRO E 1 22 ? 9.154   -21.291 -7.563  1.00 18.38 ? 22   PRO E N   1 
ATOM   665  C CA  . PRO E 1 22 ? 10.138  -22.052 -8.353  1.00 17.73 ? 22   PRO E CA  1 
ATOM   666  C C   . PRO E 1 22 ? 9.350   -22.879 -9.358  1.00 22.71 ? 22   PRO E C   1 
ATOM   667  O O   . PRO E 1 22 ? 8.146   -23.069 -9.243  1.00 23.04 ? 22   PRO E O   1 
ATOM   668  C CB  . PRO E 1 22 ? 10.846  -22.904 -7.301  1.00 20.11 ? 22   PRO E CB  1 
ATOM   669  C CG  . PRO E 1 22 ? 9.804   -23.120 -6.276  1.00 21.14 ? 22   PRO E CG  1 
ATOM   670  C CD  . PRO E 1 22 ? 8.938   -21.883 -6.236  1.00 19.20 ? 22   PRO E CD  1 
ATOM   671  N N   . PRO E 1 23 ? 10.027  -23.386 -10.363 1.00 24.95 ? 23   PRO E N   1 
ATOM   672  C CA  . PRO E 1 23 ? 9.362   -24.227 -11.342 1.00 23.62 ? 23   PRO E CA  1 
ATOM   673  C C   . PRO E 1 23 ? 8.839   -25.518 -10.693 1.00 19.09 ? 23   PRO E C   1 
ATOM   674  O O   . PRO E 1 23 ? 9.274   -25.970 -9.638  1.00 29.88 ? 23   PRO E O   1 
ATOM   675  C CB  . PRO E 1 23 ? 10.474  -24.515 -12.360 1.00 26.52 ? 23   PRO E CB  1 
ATOM   676  C CG  . PRO E 1 23 ? 11.715  -24.368 -11.542 1.00 27.04 ? 23   PRO E CG  1 
ATOM   677  C CD  . PRO E 1 23 ? 11.468  -23.201 -10.609 1.00 27.98 ? 23   PRO E CD  1 
ATOM   678  N N   . GLY E 1 24 ? 7.872   -26.108 -11.400 1.00 22.34 ? 24   GLY E N   1 
ATOM   679  C CA  . GLY E 1 24 ? 7.280   -27.398 -11.133 1.00 23.06 ? 24   GLY E CA  1 
ATOM   680  C C   . GLY E 1 24 ? 8.170   -28.593 -11.426 1.00 25.12 ? 24   GLY E C   1 
ATOM   681  O O   . GLY E 1 24 ? 9.216   -28.533 -12.073 1.00 26.87 ? 24   GLY E O   1 
ATOM   682  N N   . PRO F 1 5  ? 2.892   25.499  18.348  1.00 23.84 ? 5    PRO F N   1 
ATOM   683  C CA  . PRO F 1 5  ? 2.837   24.037  18.222  1.00 22.42 ? 5    PRO F CA  1 
ATOM   684  C C   . PRO F 1 5  ? 4.200   23.369  18.114  1.00 16.71 ? 5    PRO F C   1 
ATOM   685  O O   . PRO F 1 5  ? 5.183   23.927  17.632  1.00 20.29 ? 5    PRO F O   1 
ATOM   686  C CB  . PRO F 1 5  ? 2.097   23.753  16.894  1.00 22.84 ? 5    PRO F CB  1 
ATOM   687  C CG  . PRO F 1 5  ? 1.366   25.012  16.661  1.00 23.23 ? 5    PRO F CG  1 
ATOM   688  C CD  . PRO F 1 5  ? 2.229   26.127  17.195  1.00 25.52 ? 5    PRO F CD  1 
ATOM   689  N N   . GLY F 1 6  ? 4.216   22.124  18.613  1.00 17.85 ? 6    GLY F N   1 
ATOM   690  C CA  . GLY F 1 6  ? 5.377   21.263  18.525  1.00 15.86 ? 6    GLY F CA  1 
ATOM   691  C C   . GLY F 1 6  ? 5.597   20.867  17.072  1.00 14.95 ? 6    GLY F C   1 
ATOM   692  O O   . GLY F 1 6  ? 4.736   21.187  16.249  1.00 14.61 ? 6    GLY F O   1 
ATOM   693  N N   . PRO F 1 7  ? 6.743   20.240  16.820  1.00 14.52 ? 7    PRO F N   1 
ATOM   694  C CA  . PRO F 1 7  ? 7.101   19.722  15.492  1.00 16.07 ? 7    PRO F CA  1 
ATOM   695  C C   . PRO F 1 7  ? 6.310   18.479  15.133  1.00 14.51 ? 7    PRO F C   1 
ATOM   696  O O   . PRO F 1 7  ? 5.830   17.849  16.085  1.00 17.22 ? 7    PRO F O   1 
ATOM   697  C CB  . PRO F 1 7  ? 8.562   19.315  15.643  1.00 18.60 ? 7    PRO F CB  1 
ATOM   698  C CG  . PRO F 1 7  ? 8.735   19.076  17.110  1.00 22.42 ? 7    PRO F CG  1 
ATOM   699  C CD  . PRO F 1 7  ? 7.827   20.050  17.814  1.00 18.67 ? 7    PRO F CD  1 
ATOM   700  N N   . PRO F 1 8  ? 6.163   18.125  13.857  1.00 15.15 ? 8    PRO F N   1 
ATOM   701  C CA  . PRO F 1 8  ? 5.469   16.872  13.533  1.00 14.40 ? 8    PRO F CA  1 
ATOM   702  C C   . PRO F 1 8  ? 6.212   15.723  14.210  1.00 15.72 ? 8    PRO F C   1 
ATOM   703  O O   . PRO F 1 8  ? 7.416   15.781  14.470  1.00 14.79 ? 8    PRO F O   1 
ATOM   704  C CB  . PRO F 1 8  ? 5.539   16.817  11.993  1.00 17.13 ? 8    PRO F CB  1 
ATOM   705  C CG  . PRO F 1 8  ? 5.758   18.238  11.560  1.00 20.56 ? 8    PRO F CG  1 
ATOM   706  C CD  . PRO F 1 8  ? 6.602   18.861  12.656  1.00 16.01 ? 8    PRO F CD  1 
ATOM   707  N N   . GLY F 1 9  ? 5.487   14.659  14.527  1.00 12.03 ? 9    GLY F N   1 
ATOM   708  C CA  . GLY F 1 9  ? 5.972   13.444  15.107  1.00 13.57 ? 9    GLY F CA  1 
ATOM   709  C C   . GLY F 1 9  ? 6.946   12.753  14.192  1.00 14.19 ? 9    GLY F C   1 
ATOM   710  O O   . GLY F 1 9  ? 7.185   13.147  13.051  1.00 18.83 ? 9    GLY F O   1 
ATOM   711  N N   . PRO F 1 10 ? 7.498   11.663  14.707  1.00 15.94 ? 10   PRO F N   1 
ATOM   712  C CA  . PRO F 1 10 ? 8.432   10.890  13.899  1.00 18.22 ? 10   PRO F CA  1 
ATOM   713  C C   . PRO F 1 10 ? 7.649   10.042  12.897  1.00 15.32 ? 10   PRO F C   1 
ATOM   714  O O   . PRO F 1 10 ? 6.443   9.907   13.039  1.00 15.74 ? 10   PRO F O   1 
ATOM   715  C CB  . PRO F 1 10 ? 9.160   10.028  14.939  1.00 19.97 ? 10   PRO F CB  1 
ATOM   716  C CG  . PRO F 1 10 ? 8.156   9.816   16.012  1.00 21.76 ? 10   PRO F CG  1 
ATOM   717  C CD  . PRO F 1 10 ? 7.302   11.070  16.041  1.00 16.50 ? 10   PRO F CD  1 
ATOM   718  N N   . PRO F 1 11 ? 8.368   9.510   11.907  1.00 12.46 ? 11   PRO F N   1 
ATOM   719  C CA  . PRO F 1 11 ? 7.693   8.674   10.900  1.00 12.27 ? 11   PRO F CA  1 
ATOM   720  C C   . PRO F 1 11 ? 7.066   7.434   11.519  1.00 13.47 ? 11   PRO F C   1 
ATOM   721  O O   . PRO F 1 11 ? 7.544   6.972   12.582  1.00 13.85 ? 11   PRO F O   1 
ATOM   722  C CB  . PRO F 1 11 ? 8.839   8.223   9.999   1.00 19.10 ? 11   PRO F CB  1 
ATOM   723  C CG  . PRO F 1 11 ? 10.061  8.427   10.834  1.00 18.26 ? 11   PRO F CG  1 
ATOM   724  C CD  . PRO F 1 11 ? 9.816   9.660   11.669  1.00 14.82 ? 11   PRO F CD  1 
ATOM   725  N N   . GLY F 1 12 ? 6.015   6.872   10.927  1.00 8.89  ? 12   GLY F N   1 
ATOM   726  C CA  . GLY F 1 12 ? 5.513   5.590   11.369  1.00 8.11  ? 12   GLY F CA  1 
ATOM   727  C C   . GLY F 1 12 ? 6.438   4.460   11.018  1.00 8.57  ? 12   GLY F C   1 
ATOM   728  O O   . GLY F 1 12 ? 7.457   4.538   10.345  1.00 8.41  ? 12   GLY F O   1 
HETATM 729  N N   . HYP F 1 13 ? 6.010   3.281   11.496  1.00 10.09 ? 13   HYP F N   1 
HETATM 730  C CA  . HYP F 1 13 ? 6.826   2.109   11.159  1.00 12.26 ? 13   HYP F CA  1 
HETATM 731  C C   . HYP F 1 13 ? 6.648   1.586   9.742   1.00 10.37 ? 13   HYP F C   1 
HETATM 732  O O   . HYP F 1 13 ? 5.700   1.931   9.047   1.00 9.42  ? 13   HYP F O   1 
HETATM 733  C CB  . HYP F 1 13 ? 6.259   1.021   12.077  1.00 14.31 ? 13   HYP F CB  1 
HETATM 734  C CG  . HYP F 1 13 ? 4.811   1.392   12.157  1.00 15.40 ? 13   HYP F CG  1 
HETATM 735  C CD  . HYP F 1 13 ? 4.831   2.893   12.287  1.00 12.24 ? 13   HYP F CD  1 
HETATM 736  O OD1 . HYP F 1 13 ? 4.233   0.832   13.308  1.00 24.01 ? 13   HYP F OD1 1 
ATOM   737  N N   . PRO F 1 14 ? 7.549   0.686   9.307   1.00 11.22 ? 14   PRO F N   1 
ATOM   738  C CA  . PRO F 1 14 ? 7.342   0.086   7.980   1.00 9.91  ? 14   PRO F CA  1 
ATOM   739  C C   . PRO F 1 14 ? 6.071   -0.732  7.948   1.00 10.08 ? 14   PRO F C   1 
ATOM   740  O O   . PRO F 1 14 ? 5.529   -1.273  8.919   1.00 10.62 ? 14   PRO F O   1 
ATOM   741  C CB  . PRO F 1 14 ? 8.560   -0.838  7.819   1.00 10.96 ? 14   PRO F CB  1 
ATOM   742  C CG  . PRO F 1 14 ? 9.585   -0.368  8.810   1.00 13.68 ? 14   PRO F CG  1 
ATOM   743  C CD  . PRO F 1 14 ? 8.777   0.196   9.966   1.00 12.00 ? 14   PRO F CD  1 
ATOM   744  N N   . GLY F 1 15 ? 5.479   -0.793  6.748   1.00 11.93 ? 15   GLY F N   1 
ATOM   745  C CA  . GLY F 1 15 ? 4.234   -1.527  6.597   1.00 10.24 ? 15   GLY F CA  1 
ATOM   746  C C   . GLY F 1 15 ? 4.385   -3.009  6.649   1.00 11.14 ? 15   GLY F C   1 
ATOM   747  O O   . GLY F 1 15 ? 5.439   -3.623  6.911   1.00 12.68 ? 15   GLY F O   1 
ATOM   748  N N   . PRO F 1 16 ? 3.276   -3.674  6.402   1.00 12.91 ? 16   PRO F N   1 
ATOM   749  C CA  . PRO F 1 16 ? 3.304   -5.133  6.501   1.00 11.27 ? 16   PRO F CA  1 
ATOM   750  C C   . PRO F 1 16 ? 4.021   -5.710  5.291   1.00 11.34 ? 16   PRO F C   1 
ATOM   751  O O   . PRO F 1 16 ? 4.227   -5.041  4.262   1.00 10.11 ? 16   PRO F O   1 
ATOM   752  C CB  . PRO F 1 16 ? 1.817   -5.451  6.494   1.00 16.21 ? 16   PRO F CB  1 
ATOM   753  C CG  . PRO F 1 16 ? 1.124   -4.313  5.854   1.00 17.04 ? 16   PRO F CG  1 
ATOM   754  C CD  . PRO F 1 16 ? 1.990   -3.102  5.996   1.00 13.82 ? 16   PRO F CD  1 
ATOM   755  N N   . PRO F 1 17 ? 4.389   -6.987  5.355   1.00 11.91 ? 17   PRO F N   1 
ATOM   756  C CA  . PRO F 1 17 ? 4.988   -7.625  4.189   1.00 9.82  ? 17   PRO F CA  1 
ATOM   757  C C   . PRO F 1 17 ? 3.941   -7.691  3.067   1.00 8.32  ? 17   PRO F C   1 
ATOM   758  O O   . PRO F 1 17 ? 2.725   -7.802  3.341   1.00 11.53 ? 17   PRO F O   1 
ATOM   759  C CB  . PRO F 1 17 ? 5.278   -9.044  4.682   1.00 16.02 ? 17   PRO F CB  1 
ATOM   760  C CG  . PRO F 1 17 ? 5.237   -8.997  6.163   1.00 19.49 ? 17   PRO F CG  1 
ATOM   761  C CD  . PRO F 1 17 ? 4.245   -7.903  6.490   1.00 14.17 ? 17   PRO F CD  1 
ATOM   762  N N   . GLY F 1 18 ? 4.421   -7.651  1.852   1.00 6.97  ? 18   GLY F N   1 
ATOM   763  C CA  . GLY F 1 18 ? 3.602   -7.856  0.662   1.00 8.84  ? 18   GLY F CA  1 
ATOM   764  C C   . GLY F 1 18 ? 3.081   -9.284  0.592   1.00 9.48  ? 18   GLY F C   1 
ATOM   765  O O   . GLY F 1 18 ? 3.424   -10.208 1.347   1.00 9.28  ? 18   GLY F O   1 
ATOM   766  N N   . PRO F 1 19 ? 2.206   -9.496  -0.381  1.00 9.31  ? 19   PRO F N   1 
ATOM   767  C CA  . PRO F 1 19 ? 1.631   -10.826 -0.560  1.00 9.70  ? 19   PRO F CA  1 
ATOM   768  C C   . PRO F 1 19 ? 2.613   -11.768 -1.236  1.00 10.98 ? 19   PRO F C   1 
ATOM   769  O O   . PRO F 1 19 ? 3.605   -11.373 -1.832  1.00 13.30 ? 19   PRO F O   1 
ATOM   770  C CB  . PRO F 1 19 ? 0.442   -10.537 -1.501  1.00 12.47 ? 19   PRO F CB  1 
ATOM   771  C CG  . PRO F 1 19 ? 0.945   -9.402  -2.332  1.00 11.11 ? 19   PRO F CG  1 
ATOM   772  C CD  . PRO F 1 19 ? 1.725   -8.540  -1.387  1.00 12.43 ? 19   PRO F CD  1 
ATOM   773  N N   . PRO F 1 20 ? 2.337   -13.066 -1.208  1.00 10.32 ? 20   PRO F N   1 
ATOM   774  C CA  . PRO F 1 20 ? 3.229   -14.004 -1.903  1.00 9.46  ? 20   PRO F CA  1 
ATOM   775  C C   . PRO F 1 20 ? 3.158   -13.773 -3.402  1.00 7.76  ? 20   PRO F C   1 
ATOM   776  O O   . PRO F 1 20 ? 2.186   -13.230 -3.936  1.00 11.03 ? 20   PRO F O   1 
ATOM   777  C CB  . PRO F 1 20 ? 2.612   -15.354 -1.509  1.00 10.51 ? 20   PRO F CB  1 
ATOM   778  C CG  . PRO F 1 20 ? 1.970   -15.047 -0.164  1.00 13.24 ? 20   PRO F CG  1 
ATOM   779  C CD  . PRO F 1 20 ? 1.218   -13.748 -0.526  1.00 12.81 ? 20   PRO F CD  1 
ATOM   780  N N   . GLY F 1 21 ? 4.224   -14.207 -4.055  1.00 12.77 ? 21   GLY F N   1 
ATOM   781  C CA  . GLY F 1 21 ? 4.271   -14.161 -5.525  1.00 11.76 ? 21   GLY F CA  1 
ATOM   782  C C   . GLY F 1 21 ? 3.354   -15.207 -6.128  1.00 11.84 ? 21   GLY F C   1 
ATOM   783  O O   . GLY F 1 21 ? 2.862   -16.053 -5.361  1.00 11.00 ? 21   GLY F O   1 
ATOM   784  N N   . PRO F 1 22 ? 3.134   -15.201 -7.428  1.00 13.31 ? 22   PRO F N   1 
ATOM   785  C CA  . PRO F 1 22 ? 2.266   -16.208 -8.052  1.00 14.72 ? 22   PRO F CA  1 
ATOM   786  C C   . PRO F 1 22 ? 3.004   -17.516 -8.199  1.00 15.38 ? 22   PRO F C   1 
ATOM   787  O O   . PRO F 1 22 ? 4.199   -17.549 -7.881  1.00 13.11 ? 22   PRO F O   1 
ATOM   788  C CB  . PRO F 1 22 ? 1.941   -15.590 -9.424  1.00 16.72 ? 22   PRO F CB  1 
ATOM   789  C CG  . PRO F 1 22 ? 3.171   -14.783 -9.725  1.00 15.10 ? 22   PRO F CG  1 
ATOM   790  C CD  . PRO F 1 22 ? 3.632   -14.234 -8.400  1.00 13.33 ? 22   PRO F CD  1 
ATOM   791  N N   . PRO F 1 23 ? 2.318   -18.562 -8.625  1.00 17.03 ? 23   PRO F N   1 
ATOM   792  C CA  . PRO F 1 23 ? 3.019   -19.842 -8.792  1.00 16.60 ? 23   PRO F CA  1 
ATOM   793  C C   . PRO F 1 23 ? 4.141   -19.756 -9.817  1.00 18.96 ? 23   PRO F C   1 
ATOM   794  O O   . PRO F 1 23 ? 4.197   -18.931 -10.732 1.00 18.89 ? 23   PRO F O   1 
ATOM   795  C CB  . PRO F 1 23 ? 1.918   -20.794 -9.305  1.00 17.03 ? 23   PRO F CB  1 
ATOM   796  C CG  . PRO F 1 23 ? 0.653   -20.154 -8.838  1.00 19.36 ? 23   PRO F CG  1 
ATOM   797  C CD  . PRO F 1 23 ? 0.891   -18.675 -8.973  1.00 17.86 ? 23   PRO F CD  1 
ATOM   798  N N   . GLY F 1 24 ? 5.099   -20.689 -9.643  1.00 14.40 ? 24   GLY F N   1 
ATOM   799  C CA  . GLY F 1 24 ? 6.169   -20.739 -10.638 1.00 16.14 ? 24   GLY F CA  1 
ATOM   800  C C   . GLY F 1 24 ? 5.639   -21.394 -11.886 1.00 19.22 ? 24   GLY F C   1 
ATOM   801  O O   . GLY F 1 24 ? 4.526   -21.906 -11.985 1.00 20.02 ? 24   GLY F O   1 
ATOM   802  N N   . PRO F 1 25 ? 6.526   -21.361 -12.867 1.00 19.53 ? 25   PRO F N   1 
ATOM   803  C CA  . PRO F 1 25 ? 6.215   -21.934 -14.188 1.00 21.29 ? 25   PRO F CA  1 
ATOM   804  C C   . PRO F 1 25 ? 6.048   -23.460 -14.116 1.00 24.83 ? 25   PRO F C   1 
ATOM   805  O O   . PRO F 1 25 ? 6.420   -24.041 -13.091 1.00 26.63 ? 25   PRO F O   1 
ATOM   806  C CB  . PRO F 1 25 ? 7.426   -21.541 -15.020 1.00 25.41 ? 25   PRO F CB  1 
ATOM   807  C CG  . PRO F 1 25 ? 8.323   -20.700 -14.187 1.00 24.76 ? 25   PRO F CG  1 
ATOM   808  C CD  . PRO F 1 25 ? 7.859   -20.742 -12.758 1.00 23.55 ? 25   PRO F CD  1 
ATOM   809  N N   . PRO F 1 26 ? 5.518   -24.094 -15.165 1.00 27.47 ? 26   PRO F N   1 
ATOM   810  C CA  . PRO F 1 26 ? 5.401   -25.544 -15.260 1.00 24.68 ? 26   PRO F CA  1 
ATOM   811  C C   . PRO F 1 26 ? 6.751   -26.283 -15.253 1.00 25.63 ? 26   PRO F C   1 
ATOM   812  O O   . PRO F 1 26 ? 7.694   -25.827 -15.910 1.00 25.16 ? 26   PRO F O   1 
ATOM   813  C CB  . PRO F 1 26 ? 4.756   -25.787 -16.623 1.00 25.00 ? 26   PRO F CB  1 
ATOM   814  C CG  . PRO F 1 26 ? 4.078   -24.487 -16.940 1.00 21.90 ? 26   PRO F CG  1 
ATOM   815  C CD  . PRO F 1 26 ? 4.973   -23.428 -16.368 1.00 22.76 ? 26   PRO F CD  1 
HETATM 816  O O   . HOH G 2 .  ? -8.790  -0.608  -1.479  1.00 21.55 ? 107  HOH A O   1 
HETATM 817  O O   . HOH G 2 .  ? -5.045  -4.562  -1.759  1.00 11.86 ? 110  HOH A O   1 
HETATM 818  O O   . HOH G 2 .  ? -1.096  6.643   4.898   1.00 17.99 ? 112  HOH A O   1 
HETATM 819  O O   . HOH G 2 .  ? -0.083  14.264  3.192   1.00 13.46 ? 115  HOH A O   1 
HETATM 820  O O   . HOH G 2 .  ? -6.621  -10.674 -18.035 1.00 17.78 ? 116  HOH A O   1 
HETATM 821  O O   . HOH G 2 .  ? -1.175  3.800   1.439   1.00 16.33 ? 120  HOH A O   1 
HETATM 822  O O   . HOH G 2 .  ? 0.670   11.304  8.596   1.00 19.46 ? 129  HOH A O   1 
HETATM 823  O O   . HOH G 2 .  ? -4.846  5.438   4.775   1.00 20.59 ? 137  HOH A O   1 
HETATM 824  O O   . HOH G 2 .  ? -6.044  -1.662  0.969   1.00 17.65 ? 139  HOH A O   1 
HETATM 825  O O   . HOH G 2 .  ? 0.393   16.286  5.383   1.00 24.53 ? 150  HOH A O   1 
HETATM 826  O O   . HOH G 2 .  ? 0.428   4.395   4.736   1.00 22.54 ? 161  HOH A O   1 
HETATM 827  O O   . HOH G 2 .  ? -9.087  -3.321  -1.137  1.00 30.16 ? 163  HOH A O   1 
HETATM 828  O O   . HOH G 2 .  ? -1.581  14.222  8.057   1.00 19.63 ? 171  HOH A O   1 
HETATM 829  O O   . HOH G 2 .  ? 1.553   13.004  6.722   1.00 26.05 ? 172  HOH A O   1 
HETATM 830  O O   . HOH G 2 .  ? -9.912  -12.367 -8.308  1.00 28.07 ? 174  HOH A O   1 
HETATM 831  O O   . HOH G 2 .  ? -4.012  3.125   4.969   1.00 23.26 ? 177  HOH A O   1 
HETATM 832  O O   . HOH G 2 .  ? -9.200  -14.086 -17.382 1.00 20.56 ? 189  HOH A O   1 
HETATM 833  O O   . HOH G 2 .  ? -9.536  -10.002 -16.209 1.00 17.78 ? 190  HOH A O   1 
HETATM 834  O O   . HOH G 2 .  ? -9.728  -3.496  -12.340 1.00 24.06 ? 196  HOH A O   1 
HETATM 835  O O   . HOH G 2 .  ? 1.337   12.327  4.355   1.00 14.77 ? 197  HOH A O   1 
HETATM 836  O O   . HOH G 2 .  ? -5.356  -15.907 -23.269 1.00 22.41 ? 207  HOH A O   1 
HETATM 837  O O   . HOH G 2 .  ? -9.906  -5.219  -10.079 1.00 31.54 ? 221  HOH A O   1 
HETATM 838  O O   . HOH G 2 .  ? -11.464 -3.780  -7.655  1.00 27.71 ? 223  HOH A O   1 
HETATM 839  O O   . HOH G 2 .  ? -2.017  -17.125 -23.245 1.00 29.64 ? 244  HOH A O   1 
HETATM 840  O O   . HOH G 2 .  ? -10.761 0.255   -2.410  1.00 21.37 ? 245  HOH A O   1 
HETATM 841  O O   . HOH G 2 .  ? -12.093 -5.744  -5.569  1.00 28.28 ? 249  HOH A O   1 
HETATM 842  O O   . HOH G 2 .  ? -8.976  -9.791  -8.535  1.00 23.84 ? 252  HOH A O   1 
HETATM 843  O O   . HOH G 2 .  ? -7.308  29.716  7.928   1.00 33.10 ? 271  HOH A O   1 
HETATM 844  O O   . HOH G 2 .  ? -1.819  2.706   3.997   1.00 28.14 ? 275  HOH A O   1 
HETATM 845  O O   . HOH G 2 .  ? -7.452  5.179   5.588   1.00 29.74 ? 279  HOH A O   1 
HETATM 846  O O   . HOH G 2 .  ? -3.438  -6.675  -1.684  1.00 18.29 ? 281  HOH A O   1 
HETATM 847  O O   . HOH G 2 .  ? -3.303  -14.392 -24.299 1.00 31.12 ? 284  HOH A O   1 
HETATM 848  O O   . HOH G 2 .  ? -10.659 4.414   2.611   1.00 22.16 ? 285  HOH A O   1 
HETATM 849  O O   . HOH G 2 .  ? -0.830  -6.176  -0.594  1.00 25.70 ? 287  HOH A O   1 
HETATM 850  O O   . HOH G 2 .  ? -12.625 1.559   -0.433  1.00 37.47 ? 290  HOH A O   1 
HETATM 851  O O   . HOH G 2 .  ? -1.643  -11.986 -22.889 1.00 32.65 ? 295  HOH A O   1 
HETATM 852  O O   . HOH G 2 .  ? -0.977  24.040  8.177   1.00 40.43 ? 297  HOH A O   1 
HETATM 853  O O   . HOH G 2 .  ? -8.417  33.398  10.094  1.00 41.99 ? 1103 HOH A O   1 
HETATM 854  O O   . HOH G 2 .  ? -8.265  33.379  14.945  1.00 38.01 ? 1106 HOH A O   1 
HETATM 855  O O   . HOH G 2 .  ? -1.067  -25.063 -25.215 1.00 30.53 ? 1115 HOH A O   1 
HETATM 856  O O   . HOH G 2 .  ? -3.308  -31.051 -27.124 1.00 36.84 ? 1117 HOH A O   1 
HETATM 857  O O   . HOH G 2 .  ? -1.161  -28.158 -26.242 1.00 35.39 ? 1142 HOH A O   1 
HETATM 858  O O   . HOH G 2 .  ? -2.595  -9.031  -1.682  1.00 36.11 ? 1145 HOH A O   1 
HETATM 859  O O   . HOH H 2 .  ? -0.297  -12.659 -9.755  1.00 18.26 ? 106  HOH B O   1 
HETATM 860  O O   . HOH H 2 .  ? -0.133  -9.617  -6.222  1.00 17.86 ? 108  HOH B O   1 
HETATM 861  O O   . HOH H 2 .  ? -8.410  22.280  4.318   1.00 18.57 ? 113  HOH B O   1 
HETATM 862  O O   . HOH H 2 .  ? -6.595  13.214  -2.943  1.00 17.94 ? 114  HOH B O   1 
HETATM 863  O O   . HOH H 2 .  ? 0.695   -2.274  -7.986  1.00 15.52 ? 117  HOH B O   1 
HETATM 864  O O   . HOH H 2 .  ? 1.995   -11.181 -10.621 1.00 15.58 ? 126  HOH B O   1 
HETATM 865  O O   . HOH H 2 .  ? 4.218   -7.737  -8.344  1.00 17.54 ? 127  HOH B O   1 
HETATM 866  O O   . HOH H 2 .  ? -7.232  17.039  -1.003  1.00 13.31 ? 130  HOH B O   1 
HETATM 867  O O   . HOH H 2 .  ? 1.353   -0.276  -5.804  1.00 25.35 ? 138  HOH B O   1 
HETATM 868  O O   . HOH H 2 .  ? 1.589   -9.659  -13.340 1.00 34.25 ? 140  HOH B O   1 
HETATM 869  O O   . HOH H 2 .  ? -0.735  -2.189  -3.096  1.00 22.89 ? 142  HOH B O   1 
HETATM 870  O O   . HOH H 2 .  ? -3.455  -11.226 -6.468  1.00 17.54 ? 144  HOH B O   1 
HETATM 871  O O   . HOH H 2 .  ? -4.284  -20.921 -12.991 1.00 21.45 ? 149  HOH B O   1 
HETATM 872  O O   . HOH H 2 .  ? -7.998  -17.115 -12.604 1.00 22.94 ? 154  HOH B O   1 
HETATM 873  O O   . HOH H 2 .  ? -4.374  14.623  -3.771  1.00 27.26 ? 156  HOH B O   1 
HETATM 874  O O   . HOH H 2 .  ? 0.180   7.841   -2.059  1.00 34.74 ? 157  HOH B O   1 
HETATM 875  O O   . HOH H 2 .  ? -2.538  -19.701 -9.980  1.00 17.16 ? 165  HOH B O   1 
HETATM 876  O O   . HOH H 2 .  ? -2.501  -18.587 -7.378  1.00 18.31 ? 168  HOH B O   1 
HETATM 877  O O   . HOH H 2 .  ? -5.264  -18.114 -10.149 1.00 19.95 ? 169  HOH B O   1 
HETATM 878  O O   . HOH H 2 .  ? -3.760  15.943  -0.674  1.00 28.69 ? 175  HOH B O   1 
HETATM 879  O O   . HOH H 2 .  ? 0.851   14.608  0.607   1.00 17.41 ? 187  HOH B O   1 
HETATM 880  O O   . HOH H 2 .  ? -0.907  -13.843 -7.257  1.00 26.97 ? 194  HOH B O   1 
HETATM 881  O O   . HOH H 2 .  ? -9.121  18.803  -1.576  1.00 16.61 ? 198  HOH B O   1 
HETATM 882  O O   . HOH H 2 .  ? -1.137  -16.342 -6.902  1.00 28.13 ? 202  HOH B O   1 
HETATM 883  O O   . HOH H 2 .  ? -11.225 22.817  6.184   1.00 23.64 ? 227  HOH B O   1 
HETATM 884  O O   . HOH H 2 .  ? -11.470 20.510  14.025  1.00 29.02 ? 230  HOH B O   1 
HETATM 885  O O   . HOH H 2 .  ? -10.974 18.746  5.065   1.00 20.08 ? 234  HOH B O   1 
HETATM 886  O O   . HOH H 2 .  ? 3.145   -10.394 -8.624  1.00 16.28 ? 236  HOH B O   1 
HETATM 887  O O   . HOH H 2 .  ? -8.633  -19.749 -12.406 1.00 28.54 ? 246  HOH B O   1 
HETATM 888  O O   . HOH H 2 .  ? -10.838 22.798  13.638  1.00 30.49 ? 262  HOH B O   1 
HETATM 889  O O   . HOH H 2 .  ? -2.916  -13.446 -6.219  1.00 25.79 ? 263  HOH B O   1 
HETATM 890  O O   . HOH H 2 .  ? -9.995  -16.094 -13.540 1.00 28.31 ? 278  HOH B O   1 
HETATM 891  O O   . HOH H 2 .  ? -7.925  24.819  3.411   1.00 26.35 ? 289  HOH B O   1 
HETATM 892  O O   . HOH H 2 .  ? -5.528  25.667  2.471   1.00 35.22 ? 292  HOH B O   1 
HETATM 893  O O   . HOH H 2 .  ? -2.898  13.330  -6.334  1.00 33.34 ? 300  HOH B O   1 
HETATM 894  O O   . HOH H 2 .  ? -5.643  -26.312 -23.713 1.00 24.76 ? 1105 HOH B O   1 
HETATM 895  O O   . HOH H 2 .  ? -7.714  29.449  16.016  1.00 27.17 ? 1109 HOH B O   1 
HETATM 896  O O   . HOH H 2 .  ? -6.532  -27.878 -26.155 1.00 34.70 ? 1112 HOH B O   1 
HETATM 897  O O   . HOH H 2 .  ? -4.905  -30.259 -28.801 1.00 42.09 ? 1138 HOH B O   1 
HETATM 898  O O   . HOH H 2 .  ? -13.207 23.983  6.946   1.00 34.13 ? 1144 HOH B O   1 
HETATM 899  O O   . HOH I 2 .  ? -10.818 11.131  1.620   1.00 23.74 ? 101  HOH C O   1 
HETATM 900  O O   . HOH I 2 .  ? -10.676 12.983  -1.210  1.00 26.18 ? 102  HOH C O   1 
HETATM 901  O O   . HOH I 2 .  ? -7.496  5.945   -6.832  1.00 17.43 ? 105  HOH C O   1 
HETATM 902  O O   . HOH I 2 .  ? -6.386  0.500   -12.177 1.00 16.01 ? 119  HOH C O   1 
HETATM 903  O O   . HOH I 2 .  ? -12.344 12.773  3.687   1.00 36.51 ? 134  HOH C O   1 
HETATM 904  O O   . HOH I 2 .  ? -2.034  20.185  12.541  1.00 20.16 ? 141  HOH C O   1 
HETATM 905  O O   . HOH I 2 .  ? -9.528  4.694   -8.164  1.00 14.93 ? 145  HOH C O   1 
HETATM 906  O O   . HOH I 2 .  ? -9.539  15.647  9.708   1.00 23.22 ? 147  HOH C O   1 
HETATM 907  O O   . HOH I 2 .  ? -1.757  23.287  15.957  1.00 25.67 ? 153  HOH C O   1 
HETATM 908  O O   . HOH I 2 .  ? -6.817  14.679  12.116  1.00 17.39 ? 158  HOH C O   1 
HETATM 909  O O   . HOH I 2 .  ? -12.128 8.769   0.485   1.00 16.66 ? 167  HOH C O   1 
HETATM 910  O O   . HOH I 2 .  ? -9.874  13.234  10.001  1.00 26.70 ? 179  HOH C O   1 
HETATM 911  O O   . HOH I 2 .  ? -3.036  -0.570  -11.963 1.00 24.48 ? 184  HOH C O   1 
HETATM 912  O O   . HOH I 2 .  ? 0.142   -18.760 -14.109 1.00 23.56 ? 185  HOH C O   1 
HETATM 913  O O   . HOH I 2 .  ? 3.164   -20.795 -17.960 1.00 26.07 ? 186  HOH C O   1 
HETATM 914  O O   . HOH I 2 .  ? -11.917 11.518  -3.160  1.00 15.98 ? 199  HOH C O   1 
HETATM 915  O O   . HOH I 2 .  ? -10.453 6.190   -4.962  1.00 18.93 ? 225  HOH C O   1 
HETATM 916  O O   . HOH I 2 .  ? -5.670  -3.223  -14.214 1.00 17.06 ? 226  HOH C O   1 
HETATM 917  O O   . HOH I 2 .  ? -3.318  -1.789  -14.818 1.00 27.68 ? 237  HOH C O   1 
HETATM 918  O O   . HOH I 2 .  ? -7.122  15.178  14.590  1.00 25.28 ? 242  HOH C O   1 
HETATM 919  O O   . HOH I 2 .  ? -11.663 16.761  8.567   1.00 22.50 ? 243  HOH C O   1 
HETATM 920  O O   . HOH I 2 .  ? -2.945  -27.339 -17.563 1.00 32.72 ? 253  HOH C O   1 
HETATM 921  O O   . HOH I 2 .  ? 1.605   -18.751 -19.121 1.00 20.50 ? 257  HOH C O   1 
HETATM 922  O O   . HOH I 2 .  ? -5.023  21.767  15.902  1.00 29.43 ? 266  HOH C O   1 
HETATM 923  O O   . HOH I 2 .  ? -2.351  19.247  15.118  1.00 28.07 ? 267  HOH C O   1 
HETATM 924  O O   . HOH I 2 .  ? -10.051 2.390   -6.116  1.00 23.52 ? 270  HOH C O   1 
HETATM 925  O O   . HOH I 2 .  ? -12.561 8.639   2.738   1.00 50.95 ? 273  HOH C O   1 
HETATM 926  O O   . HOH I 2 .  ? -4.143  2.126   -13.326 1.00 23.19 ? 282  HOH C O   1 
HETATM 927  O O   . HOH I 2 .  ? -12.969 10.880  5.761   1.00 27.23 ? 293  HOH C O   1 
HETATM 928  O O   . HOH I 2 .  ? -2.513  3.839   -11.551 1.00 33.29 ? 294  HOH C O   1 
HETATM 929  O O   . HOH I 2 .  ? -10.018 6.618   2.465   1.00 25.83 ? 298  HOH C O   1 
HETATM 930  O O   . HOH I 2 .  ? -2.062  -2.942  -17.170 1.00 24.33 ? 299  HOH C O   1 
HETATM 931  O O   . HOH I 2 .  ? -4.503  19.537  15.853  1.00 32.05 ? 301  HOH C O   1 
HETATM 932  O O   . HOH I 2 .  ? -3.216  -30.014 -23.428 1.00 30.85 ? 1102 HOH C O   1 
HETATM 933  O O   . HOH I 2 .  ? -2.516  31.353  19.212  1.00 33.12 ? 1116 HOH C O   1 
HETATM 934  O O   . HOH I 2 .  ? -1.954  -33.207 -14.902 1.00 39.54 ? 1134 HOH C O   1 
HETATM 935  O O   . HOH I 2 .  ? -0.549  5.093   -14.320 1.00 38.70 ? 1137 HOH C O   1 
HETATM 936  O O   . HOH J 2 .  ? 7.841   -11.750 3.146   1.00 18.00 ? 109  HOH D O   1 
HETATM 937  O O   . HOH J 2 .  ? 10.634  -1.853  5.055   1.00 22.96 ? 111  HOH D O   1 
HETATM 938  O O   . HOH J 2 .  ? 7.516   -19.250 -0.200  1.00 24.63 ? 118  HOH D O   1 
HETATM 939  O O   . HOH J 2 .  ? 6.290   8.726   4.239   1.00 26.63 ? 121  HOH D O   1 
HETATM 940  O O   . HOH J 2 .  ? 5.136   5.501   2.753   1.00 21.84 ? 122  HOH D O   1 
HETATM 941  O O   . HOH J 2 .  ? 9.073   -18.503 1.995   1.00 15.69 ? 132  HOH D O   1 
HETATM 942  O O   . HOH J 2 .  ? 0.482   15.497  10.081  1.00 20.41 ? 135  HOH D O   1 
HETATM 943  O O   . HOH J 2 .  ? 5.287   -23.355 -1.258  1.00 22.69 ? 178  HOH D O   1 
HETATM 944  O O   . HOH J 2 .  ? 10.524  -16.196 1.868   1.00 25.58 ? 182  HOH D O   1 
HETATM 945  O O   . HOH J 2 .  ? 2.095   17.159  8.962   1.00 14.33 ? 183  HOH D O   1 
HETATM 946  O O   . HOH J 2 .  ? 12.785  -16.045 0.924   1.00 28.84 ? 188  HOH D O   1 
HETATM 947  O O   . HOH J 2 .  ? 4.055   -18.815 -1.367  1.00 22.77 ? 192  HOH D O   1 
HETATM 948  O O   . HOH J 2 .  ? -0.605  20.436  16.023  1.00 30.52 ? 195  HOH D O   1 
HETATM 949  O O   . HOH J 2 .  ? 3.377   8.637   2.767   1.00 15.89 ? 200  HOH D O   1 
HETATM 950  O O   . HOH J 2 .  ? 3.044   19.434  9.251   1.00 14.01 ? 203  HOH D O   1 
HETATM 951  O O   . HOH J 2 .  ? -1.694  18.450  18.967  1.00 27.05 ? 208  HOH D O   1 
HETATM 952  O O   . HOH J 2 .  ? 3.483   14.534  9.477   1.00 31.64 ? 210  HOH D O   1 
HETATM 953  O O   . HOH J 2 .  ? 4.028   -28.784 -7.904  1.00 29.19 ? 212  HOH D O   1 
HETATM 954  O O   . HOH J 2 .  ? 1.490   20.617  25.293  1.00 33.58 ? 213  HOH D O   1 
HETATM 955  O O   . HOH J 2 .  ? 6.039   15.894  8.737   1.00 17.70 ? 218  HOH D O   1 
HETATM 956  O O   . HOH J 2 .  ? -1.101  16.202  17.823  1.00 21.14 ? 224  HOH D O   1 
HETATM 957  O O   . HOH J 2 .  ? -2.803  16.356  15.412  1.00 22.78 ? 228  HOH D O   1 
HETATM 958  O O   . HOH J 2 .  ? 8.395   15.350  9.626   1.00 30.90 ? 229  HOH D O   1 
HETATM 959  O O   . HOH J 2 .  ? 11.132  -12.222 -0.580  1.00 24.33 ? 233  HOH D O   1 
HETATM 960  O O   . HOH J 2 .  ? 10.289  0.242   2.329   1.00 33.02 ? 240  HOH D O   1 
HETATM 961  O O   . HOH J 2 .  ? 3.044   -21.202 -0.901  1.00 26.52 ? 247  HOH D O   1 
HETATM 962  O O   . HOH J 2 .  ? 0.721   -18.321 1.137   1.00 38.37 ? 256  HOH D O   1 
HETATM 963  O O   . HOH J 2 .  ? 13.627  -11.240 -4.232  1.00 36.74 ? 258  HOH D O   1 
HETATM 964  O O   . HOH J 2 .  ? 12.626  -11.577 -2.190  1.00 29.28 ? 260  HOH D O   1 
HETATM 965  O O   . HOH J 2 .  ? 1.702   -20.917 1.373   1.00 30.08 ? 261  HOH D O   1 
HETATM 966  O O   . HOH J 2 .  ? 1.377   -18.471 -1.493  1.00 29.08 ? 265  HOH D O   1 
HETATM 967  O O   . HOH J 2 .  ? 12.704  -14.647 -1.040  1.00 34.27 ? 269  HOH D O   1 
HETATM 968  O O   . HOH J 2 .  ? 3.383   -29.693 -15.163 1.00 37.90 ? 302  HOH D O   1 
HETATM 969  O O   . HOH J 2 .  ? 2.585   25.410  24.140  1.00 34.11 ? 1101 HOH D O   1 
HETATM 970  O O   . HOH J 2 .  ? 8.591   7.479   5.926   1.00 18.84 ? 1114 HOH D O   1 
HETATM 971  O O   . HOH J 2 .  ? 0.835   -27.867 -7.250  1.00 42.85 ? 1119 HOH D O   1 
HETATM 972  O O   . HOH K 2 .  ? 6.956   -7.708  -6.931  1.00 21.33 ? 103  HOH E O   1 
HETATM 973  O O   . HOH K 2 .  ? -0.593  0.394   6.421   1.00 32.50 ? 104  HOH E O   1 
HETATM 974  O O   . HOH K 2 .  ? 1.600   -5.083  -2.466  1.00 21.49 ? 124  HOH E O   1 
HETATM 975  O O   . HOH K 2 .  ? 9.393   -9.062  -5.145  1.00 15.63 ? 125  HOH E O   1 
HETATM 976  O O   . HOH K 2 .  ? -1.929  -0.196  4.180   1.00 23.67 ? 131  HOH E O   1 
HETATM 977  O O   . HOH K 2 .  ? 1.357   -0.916  -1.166  1.00 19.57 ? 133  HOH E O   1 
HETATM 978  O O   . HOH K 2 .  ? -1.129  2.209   7.866   1.00 19.11 ? 148  HOH E O   1 
HETATM 979  O O   . HOH K 2 .  ? 6.578   11.149  19.139  1.00 19.39 ? 151  HOH E O   1 
HETATM 980  O O   . HOH K 2 .  ? 9.768   -10.404 -7.980  1.00 25.33 ? 159  HOH E O   1 
HETATM 981  O O   . HOH K 2 .  ? 9.302   -0.964  -1.507  1.00 27.04 ? 173  HOH E O   1 
HETATM 982  O O   . HOH K 2 .  ? 11.520  -18.466 -5.936  1.00 23.08 ? 180  HOH E O   1 
HETATM 983  O O   . HOH K 2 .  ? 2.910   0.622   -2.256  1.00 14.15 ? 181  HOH E O   1 
HETATM 984  O O   . HOH K 2 .  ? 6.008   13.777  21.925  1.00 25.84 ? 191  HOH E O   1 
HETATM 985  O O   . HOH K 2 .  ? 6.885   -0.439  -2.411  1.00 19.47 ? 201  HOH E O   1 
HETATM 986  O O   . HOH K 2 .  ? 2.471   13.952  20.839  1.00 29.82 ? 206  HOH E O   1 
HETATM 987  O O   . HOH K 2 .  ? -0.131  15.143  20.680  1.00 30.12 ? 209  HOH E O   1 
HETATM 988  O O   . HOH K 2 .  ? 2.398   6.031   2.381   1.00 16.29 ? 215  HOH E O   1 
HETATM 989  O O   . HOH K 2 .  ? 10.925  -19.632 -1.145  1.00 18.80 ? 216  HOH E O   1 
HETATM 990  O O   . HOH K 2 .  ? 10.999  -20.847 -3.727  1.00 20.34 ? 217  HOH E O   1 
HETATM 991  O O   . HOH K 2 .  ? 1.888   4.244   14.147  1.00 22.76 ? 232  HOH E O   1 
HETATM 992  O O   . HOH K 2 .  ? 11.997  -12.639 -9.901  1.00 30.61 ? 241  HOH E O   1 
HETATM 993  O O   . HOH K 2 .  ? 13.571  -13.741 -7.755  1.00 34.10 ? 250  HOH E O   1 
HETATM 994  O O   . HOH K 2 .  ? -3.256  -2.254  4.124   1.00 20.28 ? 251  HOH E O   1 
HETATM 995  O O   . HOH K 2 .  ? 1.101   5.170   0.566   1.00 21.46 ? 254  HOH E O   1 
HETATM 996  O O   . HOH K 2 .  ? 10.194  -27.504 -7.589  1.00 50.54 ? 255  HOH E O   1 
HETATM 997  O O   . HOH K 2 .  ? 4.407   -2.072  -1.710  1.00 36.04 ? 268  HOH E O   1 
HETATM 998  O O   . HOH K 2 .  ? -0.563  8.216   14.801  1.00 27.97 ? 272  HOH E O   1 
HETATM 999  O O   . HOH K 2 .  ? -3.297  -3.070  1.248   1.00 23.68 ? 274  HOH E O   1 
HETATM 1000 O O   . HOH K 2 .  ? -1.847  13.868  19.134  1.00 33.21 ? 277  HOH E O   1 
HETATM 1001 O O   . HOH K 2 .  ? 11.313  -16.258 -9.124  1.00 29.91 ? 288  HOH E O   1 
HETATM 1002 O O   . HOH K 2 .  ? 1.331   11.599  21.190  1.00 29.06 ? 296  HOH E O   1 
HETATM 1003 O O   . HOH K 2 .  ? 3.470   9.828   21.061  1.00 26.71 ? 1110 HOH E O   1 
HETATM 1004 O O   . HOH K 2 .  ? 6.284   21.114  26.219  1.00 35.11 ? 1111 HOH E O   1 
HETATM 1005 O O   . HOH K 2 .  ? -0.299  12.036  23.617  1.00 40.59 ? 1135 HOH E O   1 
HETATM 1006 O O   . HOH K 2 .  ? 6.528   25.427  20.422  1.00 40.61 ? 1143 HOH E O   1 
HETATM 1007 O O   . HOH L 2 .  ? 6.534   -2.543  11.163  1.00 23.08 ? 123  HOH F O   1 
HETATM 1008 O O   . HOH L 2 .  ? 7.144   4.583   14.231  1.00 18.47 ? 128  HOH F O   1 
HETATM 1009 O O   . HOH L 2 .  ? 6.918   -5.477  8.316   1.00 29.72 ? 136  HOH F O   1 
HETATM 1010 O O   . HOH L 2 .  ? 0.372   -16.693 -4.617  1.00 27.73 ? 143  HOH F O   1 
HETATM 1011 O O   . HOH L 2 .  ? 1.311   -12.012 -6.502  1.00 21.91 ? 146  HOH F O   1 
HETATM 1012 O O   . HOH L 2 .  ? -0.082  -22.769 -11.864 1.00 29.72 ? 152  HOH F O   1 
HETATM 1013 O O   . HOH L 2 .  ? 4.395   -6.899  10.064  1.00 21.87 ? 155  HOH F O   1 
HETATM 1014 O O   . HOH L 2 .  ? 9.317   16.524  13.014  1.00 31.18 ? 160  HOH F O   1 
HETATM 1015 O O   . HOH L 2 .  ? 4.480   21.874  13.698  1.00 23.00 ? 162  HOH F O   1 
HETATM 1016 O O   . HOH L 2 .  ? 2.169   -17.541 -12.266 1.00 17.36 ? 164  HOH F O   1 
HETATM 1017 O O   . HOH L 2 .  ? 3.274   -2.200  9.873   1.00 23.26 ? 166  HOH F O   1 
HETATM 1018 O O   . HOH L 2 .  ? 4.737   -13.613 -13.085 1.00 16.52 ? 170  HOH F O   1 
HETATM 1019 O O   . HOH L 2 .  ? 2.541   -21.842 -13.656 1.00 29.83 ? 176  HOH F O   1 
HETATM 1020 O O   . HOH L 2 .  ? 3.681   -15.845 -13.435 1.00 16.81 ? 193  HOH F O   1 
HETATM 1021 O O   . HOH L 2 .  ? 2.860   -14.526 3.056   1.00 39.51 ? 204  HOH F O   1 
HETATM 1022 O O   . HOH L 2 .  ? 0.682   28.582  15.609  1.00 31.55 ? 205  HOH F O   1 
HETATM 1023 O O   . HOH L 2 .  ? 8.625   26.496  15.650  1.00 35.19 ? 211  HOH F O   1 
HETATM 1024 O O   . HOH L 2 .  ? 5.488   24.873  15.541  1.00 30.56 ? 214  HOH F O   1 
HETATM 1025 O O   . HOH L 2 .  ? 1.539   22.523  13.703  1.00 23.36 ? 219  HOH F O   1 
HETATM 1026 O O   . HOH L 2 .  ? 0.383   21.686  11.712  1.00 18.46 ? 220  HOH F O   1 
HETATM 1027 O O   . HOH L 2 .  ? 10.190  4.229   10.847  1.00 24.26 ? 222  HOH F O   1 
HETATM 1028 O O   . HOH L 2 .  ? 2.613   -12.248 2.888   1.00 20.07 ? 231  HOH F O   1 
HETATM 1029 O O   . HOH L 2 .  ? -0.273  -14.444 -3.449  1.00 28.62 ? 235  HOH F O   1 
HETATM 1030 O O   . HOH L 2 .  ? 2.205   -4.840  9.970   1.00 22.76 ? 238  HOH F O   1 
HETATM 1031 O O   . HOH L 2 .  ? 2.335   1.943   14.707  1.00 29.36 ? 248  HOH F O   1 
HETATM 1032 O O   . HOH L 2 .  ? 0.738   -4.513  12.336  1.00 26.59 ? 259  HOH F O   1 
HETATM 1033 O O   . HOH L 2 .  ? 2.350   24.933  14.050  1.00 28.48 ? 264  HOH F O   1 
HETATM 1034 O O   . HOH L 2 .  ? 1.985   27.177  13.750  1.00 32.95 ? 276  HOH F O   1 
HETATM 1035 O O   . HOH L 2 .  ? 6.846   4.294   17.040  1.00 30.96 ? 280  HOH F O   1 
HETATM 1036 O O   . HOH L 2 .  ? 0.541   -2.066  9.529   1.00 34.38 ? 283  HOH F O   1 
HETATM 1037 O O   . HOH L 2 .  ? 11.659  4.978   8.815   1.00 28.31 ? 286  HOH F O   1 
HETATM 1038 O O   . HOH L 2 .  ? 9.873   14.432  16.155  1.00 28.57 ? 291  HOH F O   1 
HETATM 1039 O O   . HOH L 2 .  ? 4.458   -27.464 -19.295 1.00 45.56 ? 1104 HOH F O   1 
HETATM 1040 O O   . HOH L 2 .  ? 5.979   27.996  15.301  1.00 40.39 ? 1107 HOH F O   1 
HETATM 1041 O O   . HOH L 2 .  ? 0.282   28.214  19.481  1.00 31.14 ? 1108 HOH F O   1 
HETATM 1042 O O   . HOH L 2 .  ? 1.738   27.449  21.352  1.00 38.01 ? 1127 HOH F O   1 
HETATM 1043 O O   . HOH L 2 .  ? 7.827   23.738  17.071  1.00 34.85 ? 1128 HOH F O   1 
# 
loop_
_atom_site_anisotrop.id 
_atom_site_anisotrop.type_symbol 
_atom_site_anisotrop.pdbx_label_atom_id 
_atom_site_anisotrop.pdbx_label_alt_id 
_atom_site_anisotrop.pdbx_label_comp_id 
_atom_site_anisotrop.pdbx_label_asym_id 
_atom_site_anisotrop.pdbx_label_seq_id 
_atom_site_anisotrop.pdbx_PDB_ins_code 
_atom_site_anisotrop.U[1][1] 
_atom_site_anisotrop.U[2][2] 
_atom_site_anisotrop.U[3][3] 
_atom_site_anisotrop.U[1][2] 
_atom_site_anisotrop.U[1][3] 
_atom_site_anisotrop.U[2][3] 
_atom_site_anisotrop.pdbx_auth_seq_id 
_atom_site_anisotrop.pdbx_auth_comp_id 
_atom_site_anisotrop.pdbx_auth_asym_id 
_atom_site_anisotrop.pdbx_auth_atom_id 
1    N N   . GLY A 3  ? 0.6047 0.4918 0.2726 0.0081  0.0379  -0.2274 3    GLY A N   
2    C CA  . GLY A 3  ? 0.3464 0.5710 0.1464 0.0230  -0.0267 -0.0747 3    GLY A CA  
3    C C   . GLY A 3  ? 0.3074 0.3040 0.1839 0.0600  -0.0475 -0.0714 3    GLY A C   
4    O O   . GLY A 3  ? 0.3110 0.3602 0.1976 -0.0592 -0.0241 -0.0493 3    GLY A O   
5    N N   . PRO A 4  ? 0.3194 0.2789 0.1923 0.0313  -0.0106 -0.0423 4    PRO A N   
6    C CA  . PRO A 4  ? 0.3382 0.2509 0.1504 0.0046  0.0073  0.0130  4    PRO A CA  
7    C C   . PRO A 4  ? 0.3267 0.2431 0.1464 0.0261  -0.0009 0.0002  4    PRO A C   
8    O O   . PRO A 4  ? 0.3814 0.1923 0.1520 0.0466  -0.0789 -0.0125 4    PRO A O   
9    C CB  . PRO A 4  ? 0.3265 0.2381 0.2259 0.0172  0.0123  -0.0578 4    PRO A CB  
10   C CG  . PRO A 4  ? 0.3239 0.1661 0.2269 0.0164  0.0141  -0.0255 4    PRO A CG  
11   C CD  . PRO A 4  ? 0.3089 0.1745 0.2117 0.0231  -0.0014 -0.0242 4    PRO A CD  
12   N N   . PRO A 5  ? 0.2849 0.2350 0.1342 0.0654  0.0099  -0.0018 5    PRO A N   
13   C CA  . PRO A 5  ? 0.2839 0.2414 0.1116 0.0416  0.0025  0.0144  5    PRO A CA  
14   C C   . PRO A 5  ? 0.2539 0.2000 0.1151 -0.0089 -0.0450 0.0103  5    PRO A C   
15   O O   . PRO A 5  ? 0.2611 0.1380 0.2751 0.0068  0.0388  0.0211  5    PRO A O   
16   C CB  . PRO A 5  ? 0.3601 0.2191 0.1195 0.0033  -0.0565 0.0569  5    PRO A CB  
17   C CG  . PRO A 5  ? 0.4551 0.1970 0.1700 0.0064  -0.0763 0.0355  5    PRO A CG  
18   C CD  . PRO A 5  ? 0.4513 0.2425 0.1565 -0.0298 -0.0385 0.0185  5    PRO A CD  
19   N N   . GLY A 6  ? 0.1872 0.1813 0.1970 0.0201  0.0544  -0.0218 6    GLY A N   
20   C CA  . GLY A 6  ? 0.1863 0.1768 0.1692 0.0095  0.0352  -0.0119 6    GLY A CA  
21   C C   . GLY A 6  ? 0.1511 0.0822 0.1698 -0.0259 -0.0033 -0.0417 6    GLY A C   
22   O O   . GLY A 6  ? 0.1430 0.1744 0.1676 -0.0088 -0.0106 -0.0510 6    GLY A O   
23   N N   . PRO A 7  ? 0.1224 0.1828 0.2110 -0.0031 -0.0136 -0.0484 7    PRO A N   
24   C CA  . PRO A 7  ? 0.0976 0.1790 0.2421 0.0062  -0.0212 -0.0674 7    PRO A CA  
25   C C   . PRO A 7  ? 0.1038 0.1515 0.1841 -0.0222 -0.0028 -0.0138 7    PRO A C   
26   O O   . PRO A 7  ? 0.0968 0.1359 0.1915 0.0173  -0.0070 0.0407  7    PRO A O   
27   C CB  . PRO A 7  ? 0.1307 0.1057 0.2398 -0.0191 -0.0344 -0.0425 7    PRO A CB  
28   C CG  . PRO A 7  ? 0.1273 0.2133 0.2555 0.0132  -0.0013 -0.0224 7    PRO A CG  
29   C CD  . PRO A 7  ? 0.0531 0.2423 0.2363 -0.0055 -0.0606 -0.0636 7    PRO A CD  
30   N N   . PRO A 8  ? 0.0771 0.1697 0.1830 -0.0177 -0.0128 -0.0173 8    PRO A N   
31   C CA  . PRO A 8  ? 0.0912 0.1523 0.2017 -0.0152 -0.0054 -0.0247 8    PRO A CA  
32   C C   . PRO A 8  ? 0.0954 0.1570 0.2390 0.0002  -0.0104 -0.0092 8    PRO A C   
33   O O   . PRO A 8  ? 0.0832 0.1371 0.2207 0.0036  0.0037  -0.0313 8    PRO A O   
34   C CB  . PRO A 8  ? 0.1677 0.2648 0.2266 -0.1355 0.0534  -0.0768 8    PRO A CB  
35   C CG  . PRO A 8  ? 0.2988 0.2297 0.2135 -0.1211 0.0753  -0.0835 8    PRO A CG  
36   C CD  . PRO A 8  ? 0.2208 0.2778 0.2149 -0.1470 0.0535  -0.0785 8    PRO A CD  
37   N N   . GLY A 9  ? 0.0759 0.1386 0.1204 0.0180  0.0322  -0.0346 9    GLY A N   
38   C CA  . GLY A 9  ? 0.0910 0.1329 0.1623 0.0267  0.0232  -0.0395 9    GLY A CA  
39   C C   . GLY A 9  ? 0.1331 0.0973 0.0661 0.0056  -0.0068 -0.0504 9    GLY A C   
40   O O   . GLY A 9  ? 0.1109 0.1805 0.0906 -0.0363 0.0034  -0.0443 9    GLY A O   
41   N N   . PRO A 10 ? 0.1438 0.0549 0.1804 -0.0344 -0.0394 -0.0444 10   PRO A N   
42   C CA  . PRO A 10 ? 0.1890 0.1288 0.1080 0.0574  -0.0964 -0.0229 10   PRO A CA  
43   C C   . PRO A 10 ? 0.0936 0.1128 0.1261 -0.0026 -0.0532 -0.0304 10   PRO A C   
44   O O   . PRO A 10 ? 0.0955 0.0929 0.1061 0.0009  -0.0365 0.0356  10   PRO A O   
45   C CB  . PRO A 10 ? 0.3640 0.1621 0.1000 0.1095  -0.0250 -0.0073 10   PRO A CB  
46   C CG  . PRO A 10 ? 0.2952 0.1021 0.1037 0.0783  -0.0836 0.0050  10   PRO A CG  
47   C CD  . PRO A 10 ? 0.2747 0.0730 0.1854 0.0217  -0.0034 0.0009  10   PRO A CD  
48   N N   . PRO A 11 ? 0.0892 0.1500 0.0983 -0.0087 -0.0451 -0.0241 11   PRO A N   
49   C CA  . PRO A 11 ? 0.1153 0.1382 0.1152 -0.0395 -0.0273 -0.0323 11   PRO A CA  
50   C C   . PRO A 11 ? 0.0812 0.1386 0.0392 -0.0146 -0.0182 -0.0367 11   PRO A C   
51   O O   . PRO A 11 ? 0.1849 0.0753 0.1267 0.0074  -0.0820 0.0087  11   PRO A O   
52   C CB  . PRO A 11 ? 0.1653 0.2162 0.1041 -0.0668 0.0765  -0.0333 11   PRO A CB  
53   C CG  . PRO A 11 ? 0.1210 0.2193 0.2775 -0.0596 0.0759  -0.0264 11   PRO A CG  
54   C CD  . PRO A 11 ? 0.1014 0.1771 0.2545 0.0295  -0.0729 -0.0716 11   PRO A CD  
55   N N   . GLY A 12 ? 0.1294 0.0466 0.1249 0.0084  -0.0800 -0.0624 12   GLY A N   
56   C CA  . GLY A 12 ? 0.1102 0.0907 0.1452 -0.0071 -0.0777 -0.0873 12   GLY A CA  
57   C C   . GLY A 12 ? 0.1515 0.0742 0.0512 -0.0004 -0.0570 0.0026  12   GLY A C   
58   O O   . GLY A 12 ? 0.1450 0.0666 0.1304 0.0259  -0.0607 0.0225  12   GLY A O   
59   N N   . HYP A 13 ? 0.1968 0.0967 0.1402 -0.0252 -0.0168 0.0012  13   HYP A N   
60   C CA  . HYP A 13 ? 0.2159 0.0869 0.1559 -0.0360 -0.0413 -0.0180 13   HYP A CA  
61   C C   . HYP A 13 ? 0.1560 0.1086 0.1414 0.0035  -0.0876 -0.0150 13   HYP A C   
62   O O   . HYP A 13 ? 0.0986 0.0886 0.1582 0.0092  -0.0168 0.0293  13   HYP A O   
63   C CB  . HYP A 13 ? 0.2467 0.1459 0.1188 -0.0661 -0.1186 0.0940  13   HYP A CB  
64   C CG  . HYP A 13 ? 0.2099 0.1367 0.1532 -0.0480 -0.0698 0.0487  13   HYP A CG  
65   C CD  . HYP A 13 ? 0.1898 0.1381 0.1852 -0.0384 -0.0214 0.0187  13   HYP A CD  
66   O OD1 . HYP A 13 ? 0.3168 0.3482 0.7793 -0.1231 0.2171  0.1298  13   HYP A OD1 
67   N N   . PRO A 14 ? 0.1584 0.0888 0.1018 -0.0013 -0.0701 0.0209  14   PRO A N   
68   C CA  . PRO A 14 ? 0.1287 0.1718 0.1117 0.0138  -0.0548 0.0015  14   PRO A CA  
69   C C   . PRO A 14 ? 0.1330 0.2223 0.0869 -0.0435 -0.0083 -0.0309 14   PRO A C   
70   O O   . PRO A 14 ? 0.1854 0.1249 0.1159 -0.0650 0.0344  -0.0740 14   PRO A O   
71   C CB  . PRO A 14 ? 0.1721 0.1427 0.1537 0.0223  0.0096  0.0376  14   PRO A CB  
72   C CG  . PRO A 14 ? 0.2280 0.2352 0.2252 0.0869  -0.1147 0.0475  14   PRO A CG  
73   C CD  . PRO A 14 ? 0.2831 0.0945 0.1269 0.0235  -0.1046 0.0273  14   PRO A CD  
74   N N   . GLY A 15 ? 0.1710 0.0768 0.0836 0.0152  -0.0393 0.0026  15   GLY A N   
75   C CA  . GLY A 15 ? 0.1822 0.0815 0.1095 0.0156  -0.0615 -0.0004 15   GLY A CA  
76   C C   . GLY A 15 ? 0.1107 0.0981 0.1808 -0.0143 0.0019  0.0511  15   GLY A C   
77   O O   . GLY A 15 ? 0.1813 0.0829 0.1458 0.0037  -0.0163 0.0407  15   GLY A O   
78   N N   . PRO A 16 ? 0.1439 0.1364 0.1277 -0.0451 0.0039  0.0407  16   PRO A N   
79   C CA  . PRO A 16 ? 0.1599 0.1375 0.1354 -0.0564 0.0562  0.0219  16   PRO A CA  
80   C C   . PRO A 16 ? 0.2576 0.1778 0.1704 -0.0178 0.1211  0.0382  16   PRO A C   
81   O O   . PRO A 16 ? 0.1494 0.2229 0.0652 -0.0481 0.0088  0.0485  16   PRO A O   
82   C CB  . PRO A 16 ? 0.1679 0.2281 0.1928 -0.1381 0.0786  0.1216  16   PRO A CB  
83   C CG  . PRO A 16 ? 0.1946 0.2039 0.2082 -0.0825 -0.0516 0.0104  16   PRO A CG  
84   C CD  . PRO A 16 ? 0.1010 0.1642 0.1102 -0.0356 0.0159  -0.0038 16   PRO A CD  
85   N N   . PRO A 17 ? 0.2612 0.1712 0.1688 -0.0127 0.1107  0.0275  17   PRO A N   
86   C CA  . PRO A 17 ? 0.2310 0.1911 0.1293 -0.0259 0.0775  0.0166  17   PRO A CA  
87   C C   . PRO A 17 ? 0.1715 0.1733 0.1659 -0.0437 0.0493  0.0314  17   PRO A C   
88   O O   . PRO A 17 ? 0.1462 0.1559 0.1773 -0.0749 0.0699  -0.0594 17   PRO A O   
89   C CB  . PRO A 17 ? 0.2813 0.1753 0.1224 -0.0208 0.0494  0.0098  17   PRO A CB  
90   C CG  . PRO A 17 ? 0.2676 0.1641 0.1209 -0.0332 0.0216  0.0074  17   PRO A CG  
91   C CD  . PRO A 17 ? 0.2493 0.1858 0.0959 -0.0094 0.0346  0.0232  17   PRO A CD  
92   N N   . GLY A 18 ? 0.0951 0.1599 0.1108 -0.0020 -0.0199 0.0391  18   GLY A N   
93   C CA  . GLY A 18 ? 0.1029 0.1424 0.1312 -0.0091 -0.0606 0.0848  18   GLY A CA  
94   C C   . GLY A 18 ? 0.1055 0.1725 0.1170 -0.0099 0.0267  -0.0124 18   GLY A C   
95   O O   . GLY A 18 ? 0.1573 0.1319 0.1225 -0.0404 0.0648  -0.0591 18   GLY A O   
96   N N   . PRO A 19 ? 0.1306 0.2194 0.0951 -0.0030 0.0574  -0.0655 19   PRO A N   
97   C CA  . PRO A 19 ? 0.2130 0.1887 0.1805 0.0243  -0.0262 -0.0730 19   PRO A CA  
98   C C   . PRO A 19 ? 0.1967 0.1975 0.1226 0.0323  -0.0098 -0.0416 19   PRO A C   
99   O O   . PRO A 19 ? 0.1858 0.1624 0.0805 0.0276  -0.0864 0.0395  19   PRO A O   
100  C CB  . PRO A 19 ? 0.1526 0.2058 0.2187 0.0310  -0.0491 -0.0515 19   PRO A CB  
101  C CG  . PRO A 19 ? 0.1353 0.3143 0.1069 -0.0005 -0.0258 -0.0686 19   PRO A CG  
102  C CD  . PRO A 19 ? 0.1922 0.2969 0.0594 -0.0452 0.0031  -0.0356 19   PRO A CD  
103  N N   . PRO A 20 ? 0.1399 0.1841 0.1529 0.0559  0.0067  -0.0156 20   PRO A N   
104  C CA  . PRO A 20 ? 0.1384 0.1603 0.1088 0.0475  0.0104  0.0324  20   PRO A CA  
105  C C   . PRO A 20 ? 0.1014 0.1422 0.1045 0.0027  0.0012  0.0055  20   PRO A C   
106  O O   . PRO A 20 ? 0.1275 0.1883 0.0735 0.0114  -0.0126 -0.0044 20   PRO A O   
107  C CB  . PRO A 20 ? 0.1715 0.1693 0.1861 0.0091  0.0694  0.0440  20   PRO A CB  
108  C CG  . PRO A 20 ? 0.1952 0.2431 0.3194 0.0310  0.1270  0.0194  20   PRO A CG  
109  C CD  . PRO A 20 ? 0.1413 0.2421 0.1583 0.0601  0.0187  0.0087  20   PRO A CD  
110  N N   . GLY A 21 ? 0.1129 0.1507 0.1333 0.0098  -0.0135 -0.0506 21   GLY A N   
111  C CA  . GLY A 21 ? 0.1092 0.1293 0.1565 -0.0053 0.0098  -0.0610 21   GLY A CA  
112  C C   . GLY A 21 ? 0.2141 0.1789 0.0946 -0.0812 -0.0207 0.0081  21   GLY A C   
113  O O   . GLY A 21 ? 0.1129 0.1144 0.1591 -0.0084 -0.0401 0.0141  21   GLY A O   
114  N N   . PRO A 22 ? 0.1923 0.1882 0.0732 0.0133  -0.0515 0.0478  22   PRO A N   
115  C CA  . PRO A 22 ? 0.1714 0.1862 0.0541 0.0476  -0.0398 0.0447  22   PRO A CA  
116  C C   . PRO A 22 ? 0.1042 0.1921 0.1197 0.0451  -0.0115 0.0099  22   PRO A C   
117  O O   . PRO A 22 ? 0.1286 0.1562 0.1545 0.0355  -0.0220 0.0320  22   PRO A O   
118  C CB  . PRO A 22 ? 0.1503 0.2490 0.0696 0.0139  0.0005  0.0287  22   PRO A CB  
119  C CG  . PRO A 22 ? 0.2217 0.3335 0.0779 -0.0665 -0.0357 0.0035  22   PRO A CG  
120  C CD  . PRO A 22 ? 0.1652 0.1903 0.0672 0.0473  -0.0263 0.0454  22   PRO A CD  
121  N N   . PRO A 23 ? 0.1504 0.2096 0.1445 0.0004  -0.0254 0.0223  23   PRO A N   
122  C CA  . PRO A 23 ? 0.1702 0.2063 0.1629 -0.0055 -0.0365 0.0126  23   PRO A CA  
123  C C   . PRO A 23 ? 0.2238 0.2081 0.1724 0.0006  0.0219  -0.0272 23   PRO A C   
124  O O   . PRO A 23 ? 0.2467 0.2471 0.1822 0.0225  0.0440  0.0042  23   PRO A O   
125  C CB  . PRO A 23 ? 0.2599 0.2109 0.2031 0.0217  -0.1365 0.0188  23   PRO A CB  
126  C CG  . PRO A 23 ? 0.2069 0.2483 0.2938 -0.0066 -0.1076 -0.0295 23   PRO A CG  
127  C CD  . PRO A 23 ? 0.1283 0.2360 0.2483 0.0150  -0.0494 -0.0481 23   PRO A CD  
128  N N   . GLY A 24 ? 0.1556 0.2080 0.2100 -0.0211 0.0120  -0.0196 24   GLY A N   
129  C CA  . GLY A 24 ? 0.1864 0.2467 0.3024 -0.0156 0.0556  -0.0720 24   GLY A CA  
130  C C   . GLY A 24 ? 0.3355 0.3613 0.2901 0.0114  0.0944  -0.0876 24   GLY A C   
131  O O   . GLY A 24 ? 0.3716 0.1821 0.1602 0.0541  0.0837  -0.0504 24   GLY A O   
132  N N   . PRO A 25 ? 0.3828 0.3085 0.3378 0.0905  0.1023  -0.0704 25   PRO A N   
133  C CA  . PRO A 25 ? 0.4165 0.2285 0.3540 0.1056  0.1183  -0.0723 25   PRO A CA  
134  C C   . PRO A 25 ? 0.5476 0.2429 0.5047 0.0628  0.0918  -0.0776 25   PRO A C   
135  O O   . PRO A 25 ? 0.3862 0.1646 0.4975 0.0767  0.1239  -0.1416 25   PRO A O   
136  C CB  . PRO A 25 ? 0.4199 0.3294 0.3987 0.1136  0.1391  -0.1018 25   PRO A CB  
137  C CG  . PRO A 25 ? 0.4006 0.3566 0.4234 0.1153  0.1198  -0.1207 25   PRO A CG  
138  C CD  . PRO A 25 ? 0.3418 0.3634 0.3943 0.0412  0.1352  -0.1009 25   PRO A CD  
139  N N   . GLY B 6  ? 0.9013 0.0836 0.3212 -0.1062 -0.3808 -0.0050 6    GLY B N   
140  C CA  . GLY B 6  ? 0.5176 0.1291 0.4299 0.0811  -0.1754 -0.1598 6    GLY B CA  
141  C C   . GLY B 6  ? 0.3896 0.1722 0.1975 0.0296  -0.0002 -0.1283 6    GLY B C   
142  O O   . GLY B 6  ? 0.3366 0.2084 0.2541 0.0614  0.0917  -0.0912 6    GLY B O   
143  N N   . PRO B 7  ? 0.3147 0.2820 0.1937 0.0563  0.0168  -0.1322 7    PRO B N   
144  C CA  . PRO B 7  ? 0.2771 0.2937 0.2121 0.0815  -0.0109 -0.1440 7    PRO B CA  
145  C C   . PRO B 7  ? 0.2370 0.2735 0.1738 0.0534  0.0434  -0.1174 7    PRO B C   
146  O O   . PRO B 7  ? 0.2133 0.2327 0.1277 0.0478  -0.0553 -0.0251 7    PRO B O   
147  C CB  . PRO B 7  ? 0.2094 0.3792 0.2386 0.1046  -0.0054 -0.1116 7    PRO B CB  
148  C CG  . PRO B 7  ? 0.3113 0.3741 0.2126 0.0432  -0.0371 -0.1058 7    PRO B CG  
149  C CD  . PRO B 7  ? 0.3858 0.3345 0.1755 0.0312  0.0176  -0.1139 7    PRO B CD  
150  N N   . PRO B 8  ? 0.1549 0.2380 0.1651 0.0875  -0.0170 0.0060  8    PRO B N   
151  C CA  . PRO B 8  ? 0.1446 0.2000 0.1050 0.0648  0.0059  0.0483  8    PRO B CA  
152  C C   . PRO B 8  ? 0.0788 0.1703 0.1358 0.0174  0.0136  0.0784  8    PRO B C   
153  O O   . PRO B 8  ? 0.1792 0.1550 0.1015 0.0736  0.0083  0.0346  8    PRO B O   
154  C CB  . PRO B 8  ? 0.1658 0.1944 0.2632 0.0280  0.1163  0.1015  8    PRO B CB  
155  C CG  . PRO B 8  ? 0.2148 0.2958 0.4667 0.0619  0.1906  0.0453  8    PRO B CG  
156  C CD  . PRO B 8  ? 0.1797 0.2927 0.3170 0.0928  0.0813  0.0308  8    PRO B CD  
157  N N   . GLY B 9  ? 0.1360 0.1593 0.1046 0.0530  -0.0081 0.0196  9    GLY B N   
158  C CA  . GLY B 9  ? 0.1558 0.0861 0.1359 -0.0254 0.0273  -0.0399 9    GLY B CA  
159  C C   . GLY B 9  ? 0.1778 0.0587 0.0978 -0.0214 -0.0321 0.0499  9    GLY B C   
160  O O   . GLY B 9  ? 0.1276 0.1112 0.1981 -0.0205 -0.0323 0.0490  9    GLY B O   
161  N N   . PRO B 10 ? 0.1946 0.1107 0.1028 0.0251  -0.0354 0.0424  10   PRO B N   
162  C CA  . PRO B 10 ? 0.1286 0.1250 0.0757 0.0611  -0.0141 0.0375  10   PRO B CA  
163  C C   . PRO B 10 ? 0.1129 0.1248 0.0779 0.0584  -0.0108 0.0158  10   PRO B C   
164  O O   . PRO B 10 ? 0.1175 0.1120 0.1147 0.0542  -0.0194 0.0444  10   PRO B O   
165  C CB  . PRO B 10 ? 0.2061 0.1615 0.1025 -0.0722 -0.0062 0.0283  10   PRO B CB  
166  C CG  . PRO B 10 ? 0.2485 0.1932 0.0706 -0.1026 -0.0619 0.0340  10   PRO B CG  
167  C CD  . PRO B 10 ? 0.2224 0.1194 0.0566 0.0030  -0.0377 0.0715  10   PRO B CD  
168  N N   . PRO B 11 ? 0.1266 0.1451 0.0647 0.0504  -0.0057 0.0184  11   PRO B N   
169  C CA  . PRO B 11 ? 0.1290 0.1481 0.1512 0.0470  -0.0107 -0.0332 11   PRO B CA  
170  C C   . PRO B 11 ? 0.1641 0.1559 0.0857 0.0689  0.0041  0.0005  11   PRO B C   
171  O O   . PRO B 11 ? 0.1712 0.1538 0.1441 0.1024  0.0162  0.0405  11   PRO B O   
172  C CB  . PRO B 11 ? 0.1811 0.1636 0.1140 0.0570  -0.0547 0.0012  11   PRO B CB  
173  C CG  . PRO B 11 ? 0.1601 0.2433 0.1685 0.0584  -0.0656 -0.0836 11   PRO B CG  
174  C CD  . PRO B 11 ? 0.1522 0.2101 0.1155 0.0955  -0.0518 -0.0873 11   PRO B CD  
175  N N   . GLY B 12 ? 0.0831 0.1245 0.0871 0.0155  -0.0226 0.0011  12   GLY B N   
176  C CA  . GLY B 12 ? 0.1258 0.1732 0.0690 0.0467  0.0034  0.0119  12   GLY B CA  
177  C C   . GLY B 12 ? 0.1518 0.2079 0.0646 0.0358  0.0032  0.0156  12   GLY B C   
178  O O   . GLY B 12 ? 0.1484 0.0756 0.0876 0.0178  0.0091  -0.0194 12   GLY B O   
179  N N   . HYP B 13 ? 0.1475 0.1524 0.1111 0.0267  -0.0055 -0.0510 13   HYP B N   
180  C CA  . HYP B 13 ? 0.1724 0.0988 0.0757 0.0600  -0.0094 0.0044  13   HYP B CA  
181  C C   . HYP B 13 ? 0.1689 0.1020 0.0928 0.0589  -0.0269 -0.0168 13   HYP B C   
182  O O   . HYP B 13 ? 0.1487 0.0775 0.1014 0.0332  -0.0266 -0.0215 13   HYP B O   
183  C CB  . HYP B 13 ? 0.1905 0.1826 0.1525 0.0190  0.0303  -0.0694 13   HYP B CB  
184  C CG  . HYP B 13 ? 0.1466 0.2350 0.1712 0.0283  0.0219  -0.0186 13   HYP B CG  
185  C CD  . HYP B 13 ? 0.1576 0.1373 0.1175 0.1095  -0.0562 -0.0097 13   HYP B CD  
186  O OD1 . HYP B 13 ? 0.3277 0.7140 0.3294 -0.3002 0.0602  -0.1178 13   HYP B OD1 
187  N N   . PRO B 14 ? 0.1363 0.1550 0.0826 0.0304  0.0327  -0.0276 14   PRO B N   
188  C CA  . PRO B 14 ? 0.1951 0.1500 0.0712 0.0430  -0.0360 -0.0376 14   PRO B CA  
189  C C   . PRO B 14 ? 0.1485 0.1248 0.1576 -0.0349 -0.1234 -0.0384 14   PRO B C   
190  O O   . PRO B 14 ? 0.1395 0.0930 0.1301 0.0049  0.0442  -0.0541 14   PRO B O   
191  C CB  . PRO B 14 ? 0.2147 0.1606 0.0626 0.0742  -0.0255 -0.0160 14   PRO B CB  
192  C CG  . PRO B 14 ? 0.3981 0.1452 0.1420 0.0232  -0.0862 0.0101  14   PRO B CG  
193  C CD  . PRO B 14 ? 0.3512 0.2056 0.0690 -0.0323 0.0289  -0.0199 14   PRO B CD  
194  N N   . GLY B 15 ? 0.1022 0.1276 0.1598 0.0022  -0.0501 -0.0196 15   GLY B N   
195  C CA  . GLY B 15 ? 0.0758 0.1592 0.1656 0.0194  -0.0199 -0.0158 15   GLY B CA  
196  C C   . GLY B 15 ? 0.0810 0.1252 0.1637 -0.0236 -0.0137 -0.0158 15   GLY B C   
197  O O   . GLY B 15 ? 0.1560 0.0836 0.1629 -0.0069 -0.0302 -0.0348 15   GLY B O   
198  N N   . PRO B 16 ? 0.0377 0.1735 0.1812 -0.0166 -0.0174 -0.0486 16   PRO B N   
199  C CA  . PRO B 16 ? 0.1389 0.1858 0.2133 0.0028  -0.0132 -0.0940 16   PRO B CA  
200  C C   . PRO B 16 ? 0.1046 0.1575 0.2155 -0.0226 0.0439  -0.0762 16   PRO B C   
201  O O   . PRO B 16 ? 0.0724 0.1511 0.1691 0.0605  0.0084  0.0238  16   PRO B O   
202  C CB  . PRO B 16 ? 0.0942 0.1320 0.2693 -0.0171 0.0342  -0.0638 16   PRO B CB  
203  C CG  . PRO B 16 ? 0.2050 0.3309 0.2549 0.1717  -0.0024 -0.0559 16   PRO B CG  
204  C CD  . PRO B 16 ? 0.0405 0.2304 0.2026 0.0469  -0.0782 -0.1008 16   PRO B CD  
205  N N   . PRO B 17 ? 0.0327 0.1964 0.2014 -0.0159 0.0182  -0.0783 17   PRO B N   
206  C CA  . PRO B 17 ? 0.0984 0.1516 0.1724 -0.0333 0.0356  -0.0457 17   PRO B CA  
207  C C   . PRO B 17 ? 0.0916 0.1982 0.2191 -0.0060 0.0320  -0.0060 17   PRO B C   
208  O O   . PRO B 17 ? 0.0890 0.1854 0.1829 -0.0018 0.0405  -0.0382 17   PRO B O   
209  C CB  . PRO B 17 ? 0.1532 0.2254 0.1954 -0.1085 0.0825  -0.0778 17   PRO B CB  
210  C CG  . PRO B 17 ? 0.2277 0.2798 0.2202 -0.1727 0.0859  -0.0880 17   PRO B CG  
211  C CD  . PRO B 17 ? 0.1259 0.1842 0.2049 -0.0648 0.0396  -0.0536 17   PRO B CD  
212  N N   . GLY B 18 ? 0.0692 0.1815 0.0725 0.0100  0.0376  0.0353  18   GLY B N   
213  C CA  . GLY B 18 ? 0.1547 0.1713 0.0693 0.0403  -0.0382 0.0146  18   GLY B CA  
214  C C   . GLY B 18 ? 0.1294 0.1227 0.1428 -0.0370 0.0092  -0.0289 18   GLY B C   
215  O O   . GLY B 18 ? 0.0772 0.2147 0.1166 -0.0368 -0.0366 -0.0162 18   GLY B O   
216  N N   . PRO B 19 ? 0.1497 0.0972 0.1898 -0.0569 -0.0314 -0.0410 19   PRO B N   
217  C CA  . PRO B 19 ? 0.1567 0.1931 0.1531 0.0524  -0.1226 -0.0354 19   PRO B CA  
218  C C   . PRO B 19 ? 0.0939 0.1429 0.1215 -0.0009 -0.0673 -0.0058 19   PRO B C   
219  O O   . PRO B 19 ? 0.0884 0.1349 0.1048 -0.0309 -0.0664 0.0602  19   PRO B O   
220  C CB  . PRO B 19 ? 0.3571 0.2705 0.1611 0.1218  -0.1512 0.0022  19   PRO B CB  
221  C CG  . PRO B 19 ? 0.3492 0.1323 0.2294 -0.0221 -0.1185 0.0305  19   PRO B CG  
222  C CD  . PRO B 19 ? 0.2990 0.1255 0.1777 -0.0504 -0.0205 -0.0066 19   PRO B CD  
223  N N   . PRO B 20 ? 0.1290 0.0996 0.1154 -0.0141 -0.0416 0.0253  20   PRO B N   
224  C CA  . PRO B 20 ? 0.1529 0.0814 0.1983 -0.0053 -0.0462 -0.0375 20   PRO B CA  
225  C C   . PRO B 20 ? 0.1434 0.1310 0.1075 -0.0116 -0.0468 -0.0425 20   PRO B C   
226  O O   . PRO B 20 ? 0.1878 0.0943 0.2119 0.0172  -0.0918 0.0255  20   PRO B O   
227  C CB  . PRO B 20 ? 0.1748 0.3246 0.0841 0.0346  -0.0067 -0.0117 20   PRO B CB  
228  C CG  . PRO B 20 ? 0.1451 0.2724 0.1852 0.1117  -0.0742 -0.0153 20   PRO B CG  
229  C CD  . PRO B 20 ? 0.1482 0.2323 0.2116 0.0818  -0.0763 -0.0580 20   PRO B CD  
230  N N   . GLY B 21 ? 0.1839 0.1584 0.1579 -0.0457 -0.0879 -0.0420 21   GLY B N   
231  C CA  . GLY B 21 ? 0.0970 0.1760 0.1046 -0.0018 -0.0698 0.0061  21   GLY B CA  
232  C C   . GLY B 21 ? 0.1434 0.1600 0.0953 -0.0137 -0.0882 0.0176  21   GLY B C   
233  O O   . GLY B 21 ? 0.1533 0.1160 0.1037 0.0132  -0.0730 0.0045  21   GLY B O   
234  N N   . PRO B 22 ? 0.2191 0.1785 0.1274 -0.0518 -0.0171 -0.0090 22   PRO B N   
235  C CA  . PRO B 22 ? 0.2161 0.1741 0.1213 -0.0612 -0.0800 -0.0195 22   PRO B CA  
236  C C   . PRO B 22 ? 0.1735 0.1159 0.1084 -0.0364 -0.1164 0.0053  22   PRO B C   
237  O O   . PRO B 22 ? 0.1380 0.1207 0.1163 -0.0148 -0.0213 0.0634  22   PRO B O   
238  C CB  . PRO B 22 ? 0.2379 0.1856 0.1270 -0.0555 -0.0871 0.0318  22   PRO B CB  
239  C CG  . PRO B 22 ? 0.2167 0.1796 0.1251 -0.0498 -0.0619 0.0125  22   PRO B CG  
240  C CD  . PRO B 22 ? 0.1999 0.1834 0.1629 -0.0635 -0.0613 0.0456  22   PRO B CD  
241  N N   . PRO B 23 ? 0.1825 0.1143 0.1041 -0.0287 -0.0385 0.0744  23   PRO B N   
242  C CA  . PRO B 23 ? 0.2099 0.2024 0.1512 0.0188  -0.0367 0.0118  23   PRO B CA  
243  C C   . PRO B 23 ? 0.2168 0.2149 0.1313 -0.0141 -0.0086 -0.0268 23   PRO B C   
244  O O   . PRO B 23 ? 0.2480 0.1200 0.1185 -0.0229 0.0025  -0.0396 23   PRO B O   
245  C CB  . PRO B 23 ? 0.2633 0.1993 0.2233 0.0399  -0.0064 0.0472  23   PRO B CB  
246  C CG  . PRO B 23 ? 0.3037 0.2069 0.2213 0.0845  -0.0512 0.0741  23   PRO B CG  
247  C CD  . PRO B 23 ? 0.2150 0.1345 0.1615 -0.0150 -0.0501 0.1052  23   PRO B CD  
248  N N   . GLY B 24 ? 0.1913 0.1355 0.1335 0.0195  -0.0205 0.0307  24   GLY B N   
249  C CA  . GLY B 24 ? 0.2396 0.1260 0.1534 0.0234  -0.0603 0.0255  24   GLY B CA  
250  C C   . GLY B 24 ? 0.2396 0.1339 0.1571 0.0084  -0.0490 0.0397  24   GLY B C   
251  O O   . GLY B 24 ? 0.2972 0.1408 0.1953 0.0528  -0.0464 0.0457  24   GLY B O   
252  N N   . PRO B 25 ? 0.2561 0.2035 0.1533 -0.0502 -0.0176 0.0275  25   PRO B N   
253  C CA  . PRO B 25 ? 0.2582 0.2113 0.2244 -0.0852 0.0748  0.0285  25   PRO B CA  
254  C C   . PRO B 25 ? 0.2999 0.2200 0.2224 -0.0281 0.0627  0.0398  25   PRO B C   
255  O O   . PRO B 25 ? 0.3300 0.2393 0.1242 0.0461  0.0300  0.0524  25   PRO B O   
256  C CB  . PRO B 25 ? 0.2660 0.2707 0.2712 -0.1031 0.0677  0.0044  25   PRO B CB  
257  C CG  . PRO B 25 ? 0.2947 0.2995 0.1303 -0.1136 -0.0112 -0.0428 25   PRO B CG  
258  C CD  . PRO B 25 ? 0.2280 0.2554 0.1112 -0.0719 -0.0387 -0.0001 25   PRO B CD  
259  N N   . PRO B 26 ? 0.3037 0.2245 0.1807 -0.0324 0.0110  0.0405  26   PRO B N   
260  C CA  . PRO B 26 ? 0.3927 0.2033 0.1492 -0.0164 -0.0072 0.0393  26   PRO B CA  
261  C C   . PRO B 26 ? 0.3726 0.2306 0.1692 -0.0448 -0.0209 0.0648  26   PRO B C   
262  O O   . PRO B 26 ? 0.3611 0.3714 0.1795 -0.0563 -0.0393 -0.0349 26   PRO B O   
263  C CB  . PRO B 26 ? 0.4838 0.2152 0.1828 -0.0094 0.0063  0.0676  26   PRO B CB  
264  C CG  . PRO B 26 ? 0.4919 0.2665 0.1826 0.0246  0.0579  0.0782  26   PRO B CG  
265  C CD  . PRO B 26 ? 0.4142 0.2980 0.1274 0.0460  -0.0245 0.0785  26   PRO B CD  
266  N N   . GLY B 27 ? 0.3290 0.2927 0.1439 -0.1024 -0.0517 0.0185  27   GLY B N   
267  C CA  . GLY B 27 ? 0.1586 0.3849 0.1689 -0.0009 -0.0440 0.0195  27   GLY B CA  
268  C C   . GLY B 27 ? 0.2650 0.4158 0.1900 0.0304  -0.0707 -0.0898 27   GLY B C   
269  O O   . GLY B 27 ? 0.2961 0.3454 0.2494 -0.0110 0.0250  -0.1422 27   GLY B O   
270  O OXT . GLY B 27 ? 0.2875 0.6238 0.1892 0.1120  -0.0448 -0.2212 27   GLY B OXT 
271  N N   . PRO C 4  ? 0.3753 0.4918 0.5368 0.0594  -0.1712 -0.2954 4    PRO C N   
272  C CA  . PRO C 4  ? 0.3183 0.5136 0.3890 0.0881  -0.1521 -0.2301 4    PRO C CA  
273  C C   . PRO C 4  ? 0.3268 0.3495 0.2631 0.0854  -0.1565 -0.0828 4    PRO C C   
274  O O   . PRO C 4  ? 0.3109 0.1772 0.2470 0.0145  -0.0856 -0.0675 4    PRO C O   
275  C CB  . PRO C 4  ? 0.2410 0.6320 0.3262 0.1516  -0.1753 -0.2810 4    PRO C CB  
276  C CG  . PRO C 4  ? 0.3394 0.5576 0.4513 0.1776  -0.1600 -0.3071 4    PRO C CG  
277  C CD  . PRO C 4  ? 0.3526 0.4794 0.4892 0.0728  -0.2183 -0.3447 4    PRO C CD  
278  N N   . PRO C 5  ? 0.2324 0.2269 0.2241 -0.0207 -0.1005 -0.0055 5    PRO C N   
279  C CA  . PRO C 5  ? 0.2773 0.1328 0.2810 -0.0065 -0.1297 -0.0117 5    PRO C CA  
280  C C   . PRO C 5  ? 0.2446 0.1668 0.2104 0.0112  -0.0962 -0.0397 5    PRO C C   
281  O O   . PRO C 5  ? 0.2335 0.1843 0.2496 0.0369  -0.1042 -0.0011 5    PRO C O   
282  C CB  . PRO C 5  ? 0.3253 0.4026 0.1584 0.0109  -0.0347 -0.0152 5    PRO C CB  
283  C CG  . PRO C 5  ? 0.3055 0.3844 0.3157 -0.0046 -0.0024 0.0162  5    PRO C CG  
284  C CD  . PRO C 5  ? 0.2546 0.2946 0.2764 0.0188  -0.1312 0.0130  5    PRO C CD  
285  N N   . GLY C 6  ? 0.2700 0.1499 0.2139 -0.0026 -0.1014 -0.0714 6    GLY C N   
286  C CA  . GLY C 6  ? 0.2308 0.1574 0.1752 0.0234  -0.0783 -0.0556 6    GLY C CA  
287  C C   . GLY C 6  ? 0.2570 0.1556 0.1064 0.0338  -0.0718 0.0035  6    GLY C C   
288  O O   . GLY C 6  ? 0.2493 0.1515 0.1489 0.0347  -0.0861 -0.0395 6    GLY C O   
289  N N   . PRO C 7  ? 0.2927 0.1645 0.1113 0.0234  -0.0104 -0.0130 7    PRO C N   
290  C CA  . PRO C 7  ? 0.3001 0.1578 0.0738 0.0108  -0.0350 0.0021  7    PRO C CA  
291  C C   . PRO C 7  ? 0.2262 0.1030 0.0685 -0.0121 -0.0624 0.0091  7    PRO C C   
292  O O   . PRO C 7  ? 0.2036 0.1266 0.0723 0.0172  0.0063  0.0546  7    PRO C O   
293  C CB  . PRO C 7  ? 0.3192 0.2041 0.0701 0.0033  -0.0481 0.0632  7    PRO C CB  
294  C CG  . PRO C 7  ? 0.2991 0.2011 0.1673 0.0080  -0.0371 0.0698  7    PRO C CG  
295  C CD  . PRO C 7  ? 0.2854 0.2084 0.1613 0.0210  -0.0187 0.0405  7    PRO C CD  
296  N N   . PRO C 8  ? 0.1881 0.1004 0.0879 -0.0187 -0.0352 0.0311  8    PRO C N   
297  C CA  . PRO C 8  ? 0.1941 0.1253 0.1133 0.0057  -0.0396 0.0081  8    PRO C CA  
298  C C   . PRO C 8  ? 0.1767 0.1594 0.0929 0.0145  -0.0182 -0.0208 8    PRO C C   
299  O O   . PRO C 8  ? 0.2268 0.1713 0.0914 -0.0505 0.0013  -0.0505 8    PRO C O   
300  C CB  . PRO C 8  ? 0.1668 0.1316 0.1906 -0.0017 -0.0160 0.0234  8    PRO C CB  
301  C CG  . PRO C 8  ? 0.2794 0.2094 0.1962 0.0651  -0.0938 0.0430  8    PRO C CG  
302  C CD  . PRO C 8  ? 0.2737 0.0990 0.1360 -0.0115 -0.0931 0.0309  8    PRO C CD  
303  N N   . GLY C 9  ? 0.1604 0.1348 0.0993 0.0272  -0.0166 0.0086  9    GLY C N   
304  C CA  . GLY C 9  ? 0.2129 0.1285 0.1097 0.0362  -0.0577 -0.0033 9    GLY C CA  
305  C C   . GLY C 9  ? 0.1960 0.1352 0.1048 0.0283  -0.0916 0.0240  9    GLY C C   
306  O O   . GLY C 9  ? 0.1898 0.1731 0.1094 0.0381  -0.0596 0.0717  9    GLY C O   
307  N N   . PRO C 10 ? 0.1319 0.1745 0.0510 0.0024  0.0043  0.0387  10   PRO C N   
308  C CA  . PRO C 10 ? 0.1172 0.1799 0.1240 -0.0268 0.0500  0.0339  10   PRO C CA  
309  C C   . PRO C 10 ? 0.2232 0.1820 0.0573 0.0426  0.0254  0.0570  10   PRO C C   
310  O O   . PRO C 10 ? 0.1930 0.1803 0.0228 0.0325  0.0137  0.0373  10   PRO C O   
311  C CB  . PRO C 10 ? 0.1426 0.2673 0.1659 -0.0694 0.0075  0.0791  10   PRO C CB  
312  C CG  . PRO C 10 ? 0.1726 0.2633 0.1351 -0.0487 -0.0310 0.0426  10   PRO C CG  
313  C CD  . PRO C 10 ? 0.1501 0.2328 0.0357 -0.0097 -0.0353 0.0608  10   PRO C CD  
314  N N   . PRO C 11 ? 0.1792 0.1909 0.1538 0.0444  0.0586  0.0848  11   PRO C N   
315  C CA  . PRO C 11 ? 0.1958 0.1578 0.1465 0.0357  0.0277  0.0659  11   PRO C CA  
316  C C   . PRO C 11 ? 0.2103 0.1584 0.1651 0.0496  0.0050  0.0563  11   PRO C C   
317  O O   . PRO C 11 ? 0.1704 0.1604 0.1138 -0.0193 -0.0069 -0.0549 11   PRO C O   
318  C CB  . PRO C 11 ? 0.2750 0.1763 0.1626 0.0051  0.0383  0.0835  11   PRO C CB  
319  C CG  . PRO C 11 ? 0.2617 0.1861 0.1639 0.0546  0.0417  0.0829  11   PRO C CG  
320  C CD  . PRO C 11 ? 0.1968 0.2056 0.1538 0.0682  0.0269  0.1085  11   PRO C CD  
321  N N   . GLY C 12 ? 0.1104 0.1899 0.1213 0.0073  -0.0637 0.0168  12   GLY C N   
322  C CA  . GLY C 12 ? 0.0423 0.1434 0.1424 0.0141  -0.0674 0.0689  12   GLY C CA  
323  C C   . GLY C 12 ? 0.1218 0.1634 0.1212 0.0073  0.0069  -0.0455 12   GLY C C   
324  O O   . GLY C 12 ? 0.1093 0.1049 0.1226 0.0078  0.0112  -0.0850 12   GLY C O   
325  N N   . HYP C 13 ? 0.1643 0.1813 0.0831 0.0197  0.0472  -0.0839 13   HYP C N   
326  C CA  . HYP C 13 ? 0.1534 0.1387 0.1636 0.0550  -0.0303 -0.0551 13   HYP C CA  
327  C C   . HYP C 13 ? 0.1569 0.1366 0.0886 0.0518  0.0189  -0.0235 13   HYP C C   
328  O O   . HYP C 13 ? 0.1396 0.1213 0.0682 0.0644  -0.0531 0.0222  13   HYP C O   
329  C CB  . HYP C 13 ? 0.0777 0.1679 0.1841 0.0526  -0.0413 -0.0386 13   HYP C CB  
330  C CG  . HYP C 13 ? 0.0979 0.2250 0.1282 -0.0001 -0.1008 -0.0259 13   HYP C CG  
331  C CD  . HYP C 13 ? 0.2393 0.2564 0.0601 -0.0731 0.0532  -0.0783 13   HYP C CD  
332  O OD1 . HYP C 13 ? 0.6454 0.3209 0.4039 -0.0727 -0.3010 0.1850  13   HYP C OD1 
333  N N   . PRO C 14 ? 0.1351 0.1216 0.1925 0.0638  -0.0174 0.0215  14   PRO C N   
334  C CA  . PRO C 14 ? 0.1399 0.1150 0.0974 0.0444  -0.0018 0.0145  14   PRO C CA  
335  C C   . PRO C 14 ? 0.0303 0.1487 0.1282 -0.0105 -0.0238 0.0536  14   PRO C C   
336  O O   . PRO C 14 ? 0.1066 0.1533 0.0715 0.0688  -0.0058 0.0011  14   PRO C O   
337  C CB  . PRO C 14 ? 0.2053 0.1185 0.1187 -0.0112 0.0824  0.0656  14   PRO C CB  
338  C CG  . PRO C 14 ? 0.1910 0.1846 0.2336 0.0335  0.0859  0.0516  14   PRO C CG  
339  C CD  . PRO C 14 ? 0.1481 0.1831 0.2353 0.0461  0.0504  0.0520  14   PRO C CD  
340  N N   . GLY C 15 ? 0.0584 0.1837 0.1166 0.0226  -0.0296 0.0062  15   GLY C N   
341  C CA  . GLY C 15 ? 0.1049 0.0807 0.1470 -0.0590 0.0206  0.0053  15   GLY C CA  
342  C C   . GLY C 15 ? 0.1739 0.0821 0.0770 -0.0619 -0.0427 0.0851  15   GLY C C   
343  O O   . GLY C 15 ? 0.0851 0.1151 0.0824 -0.0345 -0.0559 0.0318  15   GLY C O   
344  N N   . PRO C 16 ? 0.1379 0.1346 0.0841 0.0431  -0.0211 0.0671  16   PRO C N   
345  C CA  . PRO C 16 ? 0.1096 0.1415 0.0576 0.0600  -0.0083 0.0731  16   PRO C CA  
346  C C   . PRO C 16 ? 0.0034 0.1330 0.1135 0.0234  0.0067  0.0671  16   PRO C C   
347  O O   . PRO C 16 ? 0.1009 0.1596 0.0940 0.0792  -0.0283 0.0599  16   PRO C O   
348  C CB  . PRO C 16 ? 0.1244 0.1742 0.0806 -0.0080 0.0008  0.0824  16   PRO C CB  
349  C CG  . PRO C 16 ? 0.1217 0.2126 0.0934 0.0026  -0.0104 0.0383  16   PRO C CG  
350  C CD  . PRO C 16 ? 0.1631 0.1419 0.0703 0.0261  -0.0218 0.0872  16   PRO C CD  
351  N N   . PRO C 17 ? 0.0835 0.1965 0.1263 0.0040  -0.0014 0.0050  17   PRO C N   
352  C CA  . PRO C 17 ? 0.0771 0.1955 0.1445 -0.0059 -0.0212 -0.0276 17   PRO C CA  
353  C C   . PRO C 17 ? 0.1135 0.1414 0.2155 -0.0015 0.0295  0.0174  17   PRO C C   
354  O O   . PRO C 17 ? 0.1347 0.1834 0.1093 0.0514  0.0130  0.0211  17   PRO C O   
355  C CB  . PRO C 17 ? 0.1407 0.1697 0.1039 0.0187  -0.1027 0.0576  17   PRO C CB  
356  C CG  . PRO C 17 ? 0.1455 0.1779 0.1727 0.0174  -0.1103 0.0017  17   PRO C CG  
357  C CD  . PRO C 17 ? 0.1166 0.1950 0.1809 0.0025  -0.0677 -0.0439 17   PRO C CD  
358  N N   . GLY C 18 ? 0.0680 0.1537 0.0810 -0.0159 -0.0393 -0.0117 18   GLY C N   
359  C CA  . GLY C 18 ? 0.1401 0.2040 0.0579 0.0455  0.0283  0.0781  18   GLY C CA  
360  C C   . GLY C 18 ? 0.1437 0.2141 0.0469 0.0550  0.0209  0.0908  18   GLY C C   
361  O O   . GLY C 18 ? 0.1354 0.1108 0.1144 -0.0014 0.0257  0.0305  18   GLY C O   
362  N N   . PRO C 19 ? 0.1338 0.1747 0.0884 -0.0022 0.0190  0.0135  19   PRO C N   
363  C CA  . PRO C 19 ? 0.1799 0.1466 0.0635 0.0226  0.0222  0.0496  19   PRO C CA  
364  C C   . PRO C 19 ? 0.1817 0.1462 0.0608 0.0325  0.0313  0.0243  19   PRO C C   
365  O O   . PRO C 19 ? 0.1216 0.1196 0.0598 0.0065  0.0059  0.0136  19   PRO C O   
366  C CB  . PRO C 19 ? 0.1883 0.1496 0.1145 0.0276  0.0464  0.0256  19   PRO C CB  
367  C CG  . PRO C 19 ? 0.1574 0.1244 0.1280 0.0208  0.0407  0.0271  19   PRO C CG  
368  C CD  . PRO C 19 ? 0.1303 0.0978 0.1026 0.0149  0.0203  0.0443  19   PRO C CD  
369  N N   . PRO C 20 ? 0.2643 0.1574 0.0366 0.0674  0.0740  -0.0154 20   PRO C N   
370  C CA  . PRO C 20 ? 0.2485 0.1654 0.1077 0.0500  -0.0348 0.0013  20   PRO C CA  
371  C C   . PRO C 20 ? 0.1817 0.1283 0.1576 -0.0184 -0.0593 0.0052  20   PRO C C   
372  O O   . PRO C 20 ? 0.1863 0.1280 0.1253 -0.0159 0.0349  -0.0290 20   PRO C O   
373  C CB  . PRO C 20 ? 0.3339 0.1644 0.1063 0.0337  -0.0583 -0.0024 20   PRO C CB  
374  C CG  . PRO C 20 ? 0.4207 0.1353 0.0709 0.0049  0.0079  0.0053  20   PRO C CG  
375  C CD  . PRO C 20 ? 0.4536 0.1779 0.0232 -0.0040 0.0381  -0.0157 20   PRO C CD  
376  N N   . GLY C 21 ? 0.1500 0.1230 0.1330 0.0001  -0.0155 -0.0048 21   GLY C N   
377  C CA  . GLY C 21 ? 0.1588 0.1497 0.1316 0.0225  -0.0028 0.0109  21   GLY C CA  
378  C C   . GLY C 21 ? 0.0931 0.1551 0.1618 -0.0294 -0.0364 -0.0626 21   GLY C C   
379  O O   . GLY C 21 ? 0.1066 0.1997 0.1396 -0.0454 -0.0053 -0.0493 21   GLY C O   
380  N N   . PRO C 22 ? 0.0699 0.1926 0.2255 -0.0218 -0.0168 -0.0671 22   PRO C N   
381  C CA  . PRO C 22 ? 0.1906 0.1799 0.2769 0.0061  -0.0031 -0.1143 22   PRO C CA  
382  C C   . PRO C 22 ? 0.1491 0.2606 0.2372 -0.0403 0.0445  -0.1145 22   PRO C C   
383  O O   . PRO C 22 ? 0.1259 0.1391 0.1833 0.0665  0.0171  -0.0103 22   PRO C O   
384  C CB  . PRO C 22 ? 0.1052 0.2035 0.3616 -0.0138 0.0363  -0.0820 22   PRO C CB  
385  C CG  . PRO C 22 ? 0.0851 0.2140 0.3412 0.0244  0.0005  -0.0605 22   PRO C CG  
386  C CD  . PRO C 22 ? 0.0557 0.2467 0.2645 0.0387  -0.0816 -0.0976 22   PRO C CD  
387  N N   . PRO C 23 ? 0.0954 0.2975 0.2218 -0.0620 0.0342  -0.1024 23   PRO C N   
388  C CA  . PRO C 23 ? 0.1305 0.2542 0.1655 -0.0638 0.0250  -0.0597 23   PRO C CA  
389  C C   . PRO C 23 ? 0.1815 0.3011 0.1388 -0.0489 0.0385  -0.0338 23   PRO C C   
390  O O   . PRO C 23 ? 0.1820 0.2145 0.2217 -0.0300 0.0090  -0.0673 23   PRO C O   
391  C CB  . PRO C 23 ? 0.2031 0.2937 0.1435 -0.0939 0.0473  -0.0470 23   PRO C CB  
392  C CG  . PRO C 23 ? 0.2413 0.3055 0.2032 -0.1074 0.0558  -0.0189 23   PRO C CG  
393  C CD  . PRO C 23 ? 0.1495 0.2347 0.2172 -0.0624 0.0193  -0.0107 23   PRO C CD  
394  N N   . GLY C 24 ? 0.1026 0.2394 0.1465 0.0260  0.0478  0.0055  24   GLY C N   
395  C CA  . GLY C 24 ? 0.1782 0.2173 0.3526 0.0415  -0.0484 0.0248  24   GLY C CA  
396  C C   . GLY C 24 ? 0.2503 0.2461 0.3130 0.0762  -0.0525 0.0169  24   GLY C C   
397  O O   . GLY C 24 ? 0.2541 0.2062 0.2531 -0.0375 -0.0891 -0.0717 24   GLY C O   
398  N N   . PRO C 25 ? 0.2688 0.1537 0.2654 -0.0243 -0.1111 -0.0817 25   PRO C N   
399  C CA  . PRO C 25 ? 0.3125 0.1879 0.2729 0.0264  -0.1139 -0.0643 25   PRO C CA  
400  C C   . PRO C 25 ? 0.1968 0.2167 0.2824 -0.0338 -0.0415 -0.1012 25   PRO C C   
401  O O   . PRO C 25 ? 0.2218 0.1409 0.3593 0.0195  -0.1142 -0.0098 25   PRO C O   
402  C CB  . PRO C 25 ? 0.4007 0.2151 0.3209 0.0592  -0.0668 -0.0271 25   PRO C CB  
403  C CG  . PRO C 25 ? 0.3843 0.1695 0.3288 0.0047  -0.0720 -0.0490 25   PRO C CG  
404  C CD  . PRO C 25 ? 0.3322 0.1607 0.3450 -0.0129 -0.0458 -0.0326 25   PRO C CD  
405  N N   . PRO C 26 ? 0.2884 0.3651 0.3203 -0.0167 0.0256  -0.1236 26   PRO C N   
406  C CA  . PRO C 26 ? 0.3700 0.3763 0.2850 -0.0765 0.0768  -0.1257 26   PRO C CA  
407  C C   . PRO C 26 ? 0.3646 0.3458 0.2725 -0.0504 0.0079  -0.0673 26   PRO C C   
408  O O   . PRO C 26 ? 0.4342 0.2383 0.2962 0.0081  -0.0766 -0.1035 26   PRO C O   
409  C CB  . PRO C 26 ? 0.3762 0.5111 0.3243 -0.0525 0.0854  -0.1491 26   PRO C CB  
410  C CG  . PRO C 26 ? 0.3516 0.4732 0.3026 -0.0154 0.0662  -0.1311 26   PRO C CG  
411  C CD  . PRO C 26 ? 0.2905 0.4491 0.3158 -0.0034 0.0832  -0.1290 26   PRO C CD  
412  N N   . GLY C 27 ? 0.5125 0.1448 0.3115 -0.0285 -0.0955 -0.0285 27   GLY C N   
413  C CA  . GLY C 27 ? 0.5550 0.1204 0.5110 -0.0512 -0.1780 -0.0066 27   GLY C CA  
414  C C   . GLY C 27 ? 0.5639 0.1468 0.4149 -0.0230 -0.2510 0.0513  27   GLY C C   
415  O O   . GLY C 27 ? 0.5087 0.3205 0.9317 0.0135  -0.3328 -0.2153 27   GLY C O   
416  O OXT . GLY C 27 ? 1.0986 0.0874 0.8888 -0.0942 0.0364  -0.0661 27   GLY C OXT 
417  N N   . PRO D 1  ? 0.5216 0.2541 0.2631 -0.0059 -0.0259 -0.0144 1    PRO D N   
418  C CA  . PRO D 1  ? 0.3757 0.2408 0.2359 0.0200  -0.0215 0.0286  1    PRO D CA  
419  C C   . PRO D 1  ? 0.3239 0.2262 0.1784 -0.0886 0.0595  0.0269  1    PRO D C   
420  O O   . PRO D 1  ? 0.4067 0.4536 0.1633 -0.2878 0.0765  -0.1045 1    PRO D O   
421  C CB  . PRO D 1  ? 0.4748 0.2231 0.3560 0.0511  -0.1267 0.0720  1    PRO D CB  
422  C CG  . PRO D 1  ? 0.5393 0.1979 0.4188 0.0286  -0.1324 0.0711  1    PRO D CG  
423  C CD  . PRO D 1  ? 0.5708 0.1942 0.3250 0.0557  -0.0070 -0.0278 1    PRO D CD  
424  N N   . PRO D 2  ? 0.3421 0.2283 0.1346 -0.0814 0.0500  0.0002  2    PRO D N   
425  C CA  . PRO D 2  ? 0.3418 0.2461 0.1083 -0.0319 0.0103  0.0373  2    PRO D CA  
426  C C   . PRO D 2  ? 0.2671 0.1319 0.1171 0.0185  0.0025  0.0358  2    PRO D C   
427  O O   . PRO D 2  ? 0.2703 0.1554 0.1701 0.0320  -0.0041 0.0273  2    PRO D O   
428  C CB  . PRO D 2  ? 0.3759 0.2444 0.0652 -0.0263 0.0087  0.0432  2    PRO D CB  
429  C CG  . PRO D 2  ? 0.3622 0.2264 0.2067 -0.0275 0.0607  0.0428  2    PRO D CG  
430  C CD  . PRO D 2  ? 0.3581 0.1907 0.2942 -0.0661 0.0761  0.0522  2    PRO D CD  
431  N N   . GLY D 3  ? 0.2289 0.2065 0.1344 -0.0015 -0.0098 -0.0185 3    GLY D N   
432  C CA  . GLY D 3  ? 0.2031 0.1092 0.1373 0.0290  -0.0224 -0.0162 3    GLY D CA  
433  C C   . GLY D 3  ? 0.1764 0.1629 0.1498 -0.0116 -0.0385 0.0198  3    GLY D C   
434  O O   . GLY D 3  ? 0.2061 0.1342 0.1306 0.0135  -0.0107 0.0005  3    GLY D O   
435  N N   . PRO D 4  ? 0.1635 0.1561 0.1475 -0.0201 -0.0164 0.0171  4    PRO D N   
436  C CA  . PRO D 4  ? 0.1635 0.1682 0.0927 -0.0154 0.0311  -0.0109 4    PRO D CA  
437  C C   . PRO D 4  ? 0.1989 0.1596 0.1398 -0.0141 0.0692  0.0003  4    PRO D C   
438  O O   . PRO D 4  ? 0.2248 0.0982 0.1413 0.0127  0.0273  -0.0401 4    PRO D O   
439  C CB  . PRO D 4  ? 0.2134 0.1728 0.1054 -0.0617 0.0242  0.0202  4    PRO D CB  
440  C CG  . PRO D 4  ? 0.1839 0.1193 0.1503 -0.0486 -0.0239 0.0187  4    PRO D CG  
441  C CD  . PRO D 4  ? 0.2198 0.1332 0.1418 -0.0127 -0.0073 0.0030  4    PRO D CD  
442  N N   . PRO D 5  ? 0.2245 0.1972 0.1811 0.0254  -0.0207 -0.0739 5    PRO D N   
443  C CA  . PRO D 5  ? 0.1998 0.1976 0.1914 0.0007  0.0175  -0.1097 5    PRO D CA  
444  C C   . PRO D 5  ? 0.1638 0.2814 0.1333 0.0573  -0.0337 -0.0024 5    PRO D C   
445  O O   . PRO D 5  ? 0.2565 0.1523 0.1508 0.0689  -0.0312 -0.0499 5    PRO D O   
446  C CB  . PRO D 5  ? 0.1601 0.2598 0.1635 0.0367  -0.0047 -0.1705 5    PRO D CB  
447  C CG  . PRO D 5  ? 0.1923 0.2239 0.2279 0.0340  0.0455  -0.1560 5    PRO D CG  
448  C CD  . PRO D 5  ? 0.2251 0.2251 0.1789 0.0296  -0.0142 -0.1521 5    PRO D CD  
449  N N   . GLY D 6  ? 0.2393 0.1922 0.0737 0.0594  0.0365  0.0033  6    GLY D N   
450  C CA  . GLY D 6  ? 0.1912 0.1130 0.0576 0.0052  0.0136  0.0225  6    GLY D CA  
451  C C   . GLY D 6  ? 0.1263 0.2618 0.0767 0.0054  0.0168  -0.0293 6    GLY D C   
452  O O   . GLY D 6  ? 0.1182 0.1753 0.1392 0.0134  0.0293  -0.0243 6    GLY D O   
453  N N   . PRO D 7  ? 0.1397 0.1042 0.0879 0.0061  0.0315  0.0062  7    PRO D N   
454  C CA  . PRO D 7  ? 0.1393 0.0863 0.0865 0.0195  0.0777  -0.0002 7    PRO D CA  
455  C C   . PRO D 7  ? 0.2011 0.0785 0.1331 0.0353  -0.0439 0.0125  7    PRO D C   
456  O O   . PRO D 7  ? 0.1577 0.1147 0.1004 0.0148  0.0254  0.0404  7    PRO D O   
457  C CB  . PRO D 7  ? 0.1577 0.3670 0.1600 -0.0804 0.1130  -0.0495 7    PRO D CB  
458  C CG  . PRO D 7  ? 0.1692 0.4483 0.1568 -0.1079 0.0568  -0.0076 7    PRO D CG  
459  C CD  . PRO D 7  ? 0.1940 0.3306 0.1551 -0.1067 0.0534  0.0050  7    PRO D CD  
460  N N   . PRO D 8  ? 0.1301 0.1171 0.1441 0.0499  -0.0051 -0.0357 8    PRO D N   
461  C CA  . PRO D 8  ? 0.1143 0.1249 0.1005 0.0328  -0.0026 -0.0437 8    PRO D CA  
462  C C   . PRO D 8  ? 0.1060 0.0746 0.0583 0.0086  0.0280  -0.0246 8    PRO D C   
463  O O   . PRO D 8  ? 0.0938 0.1552 0.0795 -0.0139 -0.0374 0.0813  8    PRO D O   
464  C CB  . PRO D 8  ? 0.1859 0.1026 0.0835 0.0175  -0.0426 0.0238  8    PRO D CB  
465  C CG  . PRO D 8  ? 0.2125 0.1142 0.1229 0.0619  -0.0339 -0.0405 8    PRO D CG  
466  C CD  . PRO D 8  ? 0.2793 0.1186 0.0719 0.0388  -0.0168 -0.0546 8    PRO D CD  
467  N N   . GLY D 9  ? 0.1142 0.1401 0.0516 0.0200  0.0128  0.0487  9    GLY D N   
468  C CA  . GLY D 9  ? 0.1473 0.1130 0.0856 0.0305  0.0275  0.0230  9    GLY D CA  
469  C C   . GLY D 9  ? 0.1884 0.0676 0.1183 0.0182  0.0203  -0.0186 9    GLY D C   
470  O O   . GLY D 9  ? 0.1670 0.0640 0.1089 -0.0535 0.0160  -0.0304 9    GLY D O   
471  N N   . PRO D 10 ? 0.1632 0.1094 0.1729 0.0025  0.0538  -0.0309 10   PRO D N   
472  C CA  . PRO D 10 ? 0.1782 0.0943 0.1835 -0.0017 0.0870  -0.0111 10   PRO D CA  
473  C C   . PRO D 10 ? 0.1093 0.0377 0.1257 0.0725  0.0626  0.0014  10   PRO D C   
474  O O   . PRO D 10 ? 0.1024 0.1300 0.1296 -0.0096 0.0689  -0.0190 10   PRO D O   
475  C CB  . PRO D 10 ? 0.1487 0.1079 0.3006 -0.0209 0.0624  -0.0992 10   PRO D CB  
476  C CG  . PRO D 10 ? 0.2059 0.2566 0.2966 0.0885  0.0220  -0.1191 10   PRO D CG  
477  C CD  . PRO D 10 ? 0.1224 0.1446 0.2791 -0.0017 -0.0067 -0.1329 10   PRO D CD  
478  N N   . PRO D 11 ? 0.2460 0.1100 0.1479 0.0210  0.1294  -0.0442 11   PRO D N   
479  C CA  . PRO D 11 ? 0.2926 0.0696 0.1142 0.0710  0.0693  -0.0374 11   PRO D CA  
480  C C   . PRO D 11 ? 0.1803 0.1035 0.1379 0.0704  0.0572  -0.0316 11   PRO D C   
481  O O   . PRO D 11 ? 0.1678 0.2101 0.2520 0.0481  0.0630  -0.0444 11   PRO D O   
482  C CB  . PRO D 11 ? 0.4883 0.1770 0.0948 -0.0596 0.0636  -0.0070 11   PRO D CB  
483  C CG  . PRO D 11 ? 0.5385 0.1857 0.1498 -0.1035 0.1243  -0.0278 11   PRO D CG  
484  C CD  . PRO D 11 ? 0.4284 0.1622 0.1372 -0.0281 0.1831  -0.0821 11   PRO D CD  
485  N N   . GLY D 12 ? 0.2049 0.1177 0.1209 0.0456  -0.0091 0.0140  12   GLY D N   
486  C CA  . GLY D 12 ? 0.1358 0.1308 0.2144 0.0495  -0.0070 0.0312  12   GLY D CA  
487  C C   . GLY D 12 ? 0.0921 0.1946 0.2143 0.0529  -0.0404 -0.0135 12   GLY D C   
488  O O   . GLY D 12 ? 0.1387 0.1522 0.2595 0.0597  0.0199  0.0170  12   GLY D O   
489  N N   . HYP D 13 ? 0.0731 0.2093 0.1472 0.0569  -0.0591 -0.0356 13   HYP D N   
490  C CA  . HYP D 13 ? 0.1313 0.1989 0.1772 0.0616  -0.0371 -0.0476 13   HYP D CA  
491  C C   . HYP D 13 ? 0.0884 0.1287 0.2197 0.0232  0.0010  -0.0361 13   HYP D C   
492  O O   . HYP D 13 ? 0.1055 0.1324 0.2164 -0.0010 0.0429  -0.0172 13   HYP D O   
493  C CB  . HYP D 13 ? 0.1211 0.1897 0.2820 0.0610  -0.0566 0.0037  13   HYP D CB  
494  C CG  . HYP D 13 ? 0.1538 0.3106 0.2505 0.0815  -0.0513 0.0667  13   HYP D CG  
495  C CD  . HYP D 13 ? 0.1067 0.3035 0.1103 0.0500  -0.0968 -0.0484 13   HYP D CD  
496  O OD1 . HYP D 13 ? 0.3484 0.6866 0.2803 0.2369  -0.0722 0.1718  13   HYP D OD1 
497  N N   . PRO D 14 ? 0.0448 0.1730 0.1848 -0.0201 -0.0132 -0.0381 14   PRO D N   
498  C CA  . PRO D 14 ? 0.0588 0.1251 0.1894 0.0130  -0.0363 -0.0250 14   PRO D CA  
499  C C   . PRO D 14 ? 0.1496 0.0804 0.1565 0.0297  -0.0687 -0.0018 14   PRO D C   
500  O O   . PRO D 14 ? 0.0826 0.3458 0.0950 -0.0047 -0.0288 0.0377  14   PRO D O   
501  C CB  . PRO D 14 ? 0.0999 0.3225 0.2265 0.0495  -0.0061 -0.0890 14   PRO D CB  
502  C CG  . PRO D 14 ? 0.0728 0.2995 0.2979 0.0419  -0.0098 -0.1029 14   PRO D CG  
503  C CD  . PRO D 14 ? 0.0333 0.1883 0.3594 -0.0066 -0.0110 -0.0612 14   PRO D CD  
504  N N   . GLY D 15 ? 0.1087 0.1315 0.0555 -0.0159 -0.0114 0.0609  15   GLY D N   
505  C CA  . GLY D 15 ? 0.1835 0.1062 0.0967 -0.0188 -0.0667 0.0588  15   GLY D CA  
506  C C   . GLY D 15 ? 0.0912 0.1100 0.2004 -0.0840 -0.0646 -0.0191 15   GLY D C   
507  O O   . GLY D 15 ? 0.1451 0.1143 0.1577 -0.0660 -0.0449 0.0311  15   GLY D O   
508  N N   . PRO D 16 ? 0.1407 0.0960 0.1655 -0.0398 -0.0003 -0.0018 16   PRO D N   
509  C CA  . PRO D 16 ? 0.1406 0.1373 0.1530 -0.0073 0.0159  0.0136  16   PRO D CA  
510  C C   . PRO D 16 ? 0.1675 0.1657 0.1568 0.0564  0.0018  0.0053  16   PRO D C   
511  O O   . PRO D 16 ? 0.1278 0.1056 0.1231 0.0161  0.0422  0.0386  16   PRO D O   
512  C CB  . PRO D 16 ? 0.2190 0.0994 0.1606 -0.0322 -0.0064 0.0066  16   PRO D CB  
513  C CG  . PRO D 16 ? 0.2176 0.1337 0.1279 -0.0628 0.0641  -0.0197 16   PRO D CG  
514  C CD  . PRO D 16 ? 0.1891 0.1309 0.2200 -0.0304 0.0745  -0.0153 16   PRO D CD  
515  N N   . PRO D 17 ? 0.1566 0.1173 0.1664 0.0418  -0.0245 0.0024  17   PRO D N   
516  C CA  . PRO D 17 ? 0.1292 0.0977 0.1687 0.0391  -0.0261 0.0104  17   PRO D CA  
517  C C   . PRO D 17 ? 0.1333 0.1149 0.1059 0.0325  -0.0016 0.0279  17   PRO D C   
518  O O   . PRO D 17 ? 0.1850 0.1429 0.0995 0.0438  0.0196  0.0314  17   PRO D O   
519  C CB  . PRO D 17 ? 0.1304 0.1486 0.1782 0.0540  -0.0195 -0.0037 17   PRO D CB  
520  C CG  . PRO D 17 ? 0.1361 0.3129 0.1633 0.0733  -0.0395 -0.0151 17   PRO D CG  
521  C CD  . PRO D 17 ? 0.1793 0.1945 0.1573 0.0726  -0.0346 0.0089  17   PRO D CD  
522  N N   . GLY D 18 ? 0.1605 0.1631 0.0812 0.0071  0.0058  -0.0217 18   GLY D N   
523  C CA  . GLY D 18 ? 0.1022 0.1555 0.0979 0.0418  0.0192  0.0138  18   GLY D CA  
524  C C   . GLY D 18 ? 0.1263 0.1513 0.1830 0.0295  -0.0045 0.0214  18   GLY D C   
525  O O   . GLY D 18 ? 0.1582 0.1641 0.1755 0.0570  -0.0271 0.0215  18   GLY D O   
526  N N   . PRO D 19 ? 0.1610 0.1840 0.2155 -0.0012 -0.0332 0.0225  19   PRO D N   
527  C CA  . PRO D 19 ? 0.2419 0.1834 0.1755 -0.0364 0.0109  0.0585  19   PRO D CA  
528  C C   . PRO D 19 ? 0.2113 0.1335 0.1114 -0.0738 -0.0688 0.0307  19   PRO D C   
529  O O   . PRO D 19 ? 0.1354 0.2595 0.1734 -0.0155 -0.0224 0.1242  19   PRO D O   
530  C CB  . PRO D 19 ? 0.2797 0.3025 0.1924 -0.1128 0.0288  0.0954  19   PRO D CB  
531  C CG  . PRO D 19 ? 0.1690 0.2845 0.2272 -0.1049 0.0475  0.0621  19   PRO D CG  
532  C CD  . PRO D 19 ? 0.1333 0.2559 0.2720 -0.0009 -0.0120 -0.0533 19   PRO D CD  
533  N N   . PRO D 20 ? 0.3036 0.1393 0.1446 -0.0457 -0.0670 0.0287  20   PRO D N   
534  C CA  . PRO D 20 ? 0.2704 0.1714 0.1479 -0.0049 -0.0891 0.0229  20   PRO D CA  
535  C C   . PRO D 20 ? 0.1912 0.2467 0.1005 -0.0714 -0.0225 0.0769  20   PRO D C   
536  O O   . PRO D 20 ? 0.1910 0.2289 0.2117 0.0044  0.0159  0.0280  20   PRO D O   
537  C CB  . PRO D 20 ? 0.4407 0.1840 0.1812 0.0448  -0.1052 0.0229  20   PRO D CB  
538  C CG  . PRO D 20 ? 0.4742 0.1639 0.1783 0.0118  -0.1027 0.0394  20   PRO D CG  
539  C CD  . PRO D 20 ? 0.4135 0.1719 0.1529 -0.0102 -0.0890 0.0475  20   PRO D CD  
540  N N   . GLY D 21 ? 0.2861 0.1564 0.0978 -0.0610 0.0051  0.0930  21   GLY D N   
541  C CA  . GLY D 21 ? 0.3713 0.3655 0.1220 -0.0237 -0.0079 -0.0801 21   GLY D CA  
542  C C   . GLY D 21 ? 0.3063 0.4260 0.1146 -0.0767 -0.0213 -0.0550 21   GLY D C   
543  O O   . GLY D 21 ? 0.4101 0.4203 0.1485 -0.1688 -0.0945 -0.0237 21   GLY D O   
544  N N   . PRO D 22 ? 0.2678 0.5426 0.1660 -0.1187 -0.0409 -0.0118 22   PRO D N   
545  C CA  . PRO D 22 ? 0.2806 0.5508 0.0917 -0.1177 -0.0145 -0.0593 22   PRO D CA  
546  C C   . PRO D 22 ? 0.3611 0.6371 0.0888 -0.1084 0.0504  -0.0996 22   PRO D C   
547  O O   . PRO D 22 ? 0.3720 0.5722 0.2837 -0.1710 0.0845  -0.2523 22   PRO D O   
548  C CB  . PRO D 22 ? 0.3681 0.6181 0.1576 -0.1361 -0.1032 -0.0447 22   PRO D CB  
549  C CG  . PRO D 22 ? 0.3216 0.5573 0.2625 -0.0897 -0.1332 -0.0094 22   PRO D CG  
550  C CD  . PRO D 22 ? 0.3208 0.5624 0.2149 -0.0840 -0.0945 -0.0179 22   PRO D CD  
551  N N   . GLY E 3  ? 0.3972 0.1923 0.2183 0.0376  -0.0373 0.0803  3    GLY E N   
552  C CA  . GLY E 3  ? 0.3870 0.1901 0.2811 0.0205  -0.1258 0.0774  3    GLY E CA  
553  C C   . GLY E 3  ? 0.3761 0.1945 0.3342 0.0045  -0.1506 0.0055  3    GLY E C   
554  O O   . GLY E 3  ? 0.3686 0.1299 0.2281 0.0104  -0.1931 0.0227  3    GLY E O   
555  N N   . PRO E 4  ? 0.4133 0.2016 0.2629 0.0229  -0.0306 -0.0229 4    PRO E N   
556  C CA  . PRO E 4  ? 0.3437 0.1884 0.2353 0.0006  -0.0454 -0.0024 4    PRO E CA  
557  C C   . PRO E 4  ? 0.2820 0.1994 0.2534 0.0266  -0.0577 -0.0198 4    PRO E C   
558  O O   . PRO E 4  ? 0.3332 0.2365 0.1430 0.1226  0.0107  0.0485  4    PRO E O   
559  C CB  . PRO E 4  ? 0.3432 0.1638 0.2626 -0.0132 0.0481  -0.0438 4    PRO E CB  
560  C CG  . PRO E 4  ? 0.3353 0.2087 0.2568 -0.0023 -0.0113 -0.0794 4    PRO E CG  
561  C CD  . PRO E 4  ? 0.3873 0.2326 0.3298 0.0423  -0.0098 -0.0307 4    PRO E CD  
562  N N   . PRO E 5  ? 0.2696 0.2094 0.2028 0.0518  -0.0903 0.0131  5    PRO E N   
563  C CA  . PRO E 5  ? 0.2169 0.2264 0.1905 0.0733  -0.0862 0.0170  5    PRO E CA  
564  C C   . PRO E 5  ? 0.2127 0.2881 0.1426 0.0642  -0.0441 -0.0265 5    PRO E C   
565  O O   . PRO E 5  ? 0.2844 0.1319 0.1235 0.0470  -0.0582 -0.0650 5    PRO E O   
566  C CB  . PRO E 5  ? 0.2029 0.2387 0.1700 0.0784  -0.1148 0.0296  5    PRO E CB  
567  C CG  . PRO E 5  ? 0.1788 0.3838 0.1584 -0.0114 -0.0647 0.0280  5    PRO E CG  
568  C CD  . PRO E 5  ? 0.2368 0.3664 0.1972 0.0404  -0.0924 -0.0323 5    PRO E CD  
569  N N   . GLY E 6  ? 0.2191 0.2251 0.1281 0.0744  -0.0435 -0.0544 6    GLY E N   
570  C CA  . GLY E 6  ? 0.1630 0.1902 0.0770 0.1063  0.0026  0.0071  6    GLY E CA  
571  C C   . GLY E 6  ? 0.2654 0.1915 0.0631 0.1008  -0.0756 0.0192  6    GLY E C   
572  O O   . GLY E 6  ? 0.3173 0.2248 0.1513 0.1626  -0.1030 0.0010  6    GLY E O   
573  N N   . PRO E 7  ? 0.3249 0.2128 0.0764 0.0548  -0.0722 -0.0031 7    PRO E N   
574  C CA  . PRO E 7  ? 0.3091 0.2215 0.1280 0.0359  0.0972  0.0645  7    PRO E CA  
575  C C   . PRO E 7  ? 0.1667 0.1588 0.0680 -0.0371 -0.0099 0.0216  7    PRO E C   
576  O O   . PRO E 7  ? 0.1421 0.1984 0.1017 -0.0397 0.0287  0.0538  7    PRO E O   
577  C CB  . PRO E 7  ? 0.2925 0.2625 0.1786 0.0536  0.1211  0.0589  7    PRO E CB  
578  C CG  . PRO E 7  ? 0.3287 0.2233 0.2095 -0.0046 -0.0032 0.0286  7    PRO E CG  
579  C CD  . PRO E 7  ? 0.2764 0.2348 0.3218 0.0126  -0.0558 0.0067  7    PRO E CD  
580  N N   . PRO E 8  ? 0.2908 0.1280 0.1016 -0.0606 -0.0088 0.0037  8    PRO E N   
581  C CA  . PRO E 8  ? 0.2319 0.1318 0.1081 -0.0582 -0.0434 -0.0159 8    PRO E CA  
582  C C   . PRO E 8  ? 0.1665 0.1641 0.0976 -0.0806 -0.0014 0.0191  8    PRO E C   
583  O O   . PRO E 8  ? 0.1662 0.1965 0.1521 0.0001  0.0258  0.0704  8    PRO E O   
584  C CB  . PRO E 8  ? 0.4897 0.1528 0.1250 0.0244  -0.0919 -0.0163 8    PRO E CB  
585  C CG  . PRO E 8  ? 0.6004 0.1358 0.1116 0.0182  -0.0629 -0.0249 8    PRO E CG  
586  C CD  . PRO E 8  ? 0.4875 0.1299 0.1145 -0.0257 -0.0325 0.0114  8    PRO E CD  
587  N N   . GLY E 9  ? 0.1748 0.0687 0.0874 -0.0078 -0.0011 0.0667  9    GLY E N   
588  C CA  . GLY E 9  ? 0.1797 0.1631 0.0971 -0.0087 0.0046  0.0073  9    GLY E CA  
589  C C   . GLY E 9  ? 0.1249 0.1853 0.1200 -0.0178 0.0006  0.0122  9    GLY E C   
590  O O   . GLY E 9  ? 0.1453 0.1460 0.1129 -0.0273 -0.0260 -0.0197 9    GLY E O   
591  N N   . PRO E 10 ? 0.1158 0.1891 0.0303 -0.0095 0.0429  0.0032  10   PRO E N   
592  C CA  . PRO E 10 ? 0.1262 0.1795 0.0665 0.0042  -0.0104 0.0220  10   PRO E CA  
593  C C   . PRO E 10 ? 0.1480 0.1560 0.0497 -0.0065 0.0061  0.0278  10   PRO E C   
594  O O   . PRO E 10 ? 0.1964 0.1280 0.0773 -0.0441 0.0517  -0.0364 10   PRO E O   
595  C CB  . PRO E 10 ? 0.1658 0.1777 0.1270 0.0136  -0.0558 0.0038  10   PRO E CB  
596  C CG  . PRO E 10 ? 0.2796 0.1462 0.0513 0.0544  -0.0352 -0.0155 10   PRO E CG  
597  C CD  . PRO E 10 ? 0.2229 0.1562 0.0242 0.0152  0.0301  -0.0136 10   PRO E CD  
598  N N   . PRO E 11 ? 0.1167 0.1796 0.0789 -0.0449 0.0238  -0.0084 11   PRO E N   
599  C CA  . PRO E 11 ? 0.1832 0.1327 0.0684 -0.0305 0.0257  0.0220  11   PRO E CA  
600  C C   . PRO E 11 ? 0.0991 0.0417 0.0717 0.0118  0.0060  0.0271  11   PRO E C   
601  O O   . PRO E 11 ? 0.1274 0.1355 0.1445 0.0527  -0.0561 -0.0161 11   PRO E O   
602  C CB  . PRO E 11 ? 0.2000 0.1614 0.0364 -0.0710 -0.0150 0.0509  11   PRO E CB  
603  C CG  . PRO E 11 ? 0.1579 0.2047 0.0886 -0.0824 0.0145  0.0112  11   PRO E CG  
604  C CD  . PRO E 11 ? 0.1364 0.2384 0.1300 -0.0551 0.0305  0.0491  11   PRO E CD  
605  N N   . GLY E 12 ? 0.1002 0.1900 0.0883 0.0394  0.0248  0.0260  12   GLY E N   
606  C CA  . GLY E 12 ? 0.1631 0.0796 0.0865 0.0231  0.0264  0.0114  12   GLY E CA  
607  C C   . GLY E 12 ? 0.1743 0.0492 0.1627 0.0645  -0.0962 0.0525  12   GLY E C   
608  O O   . GLY E 12 ? 0.1917 0.0970 0.0903 -0.0039 -0.0126 -0.0389 12   GLY E O   
609  N N   . HYP E 13 ? 0.1765 0.1224 0.1650 0.0055  -0.0925 0.0744  13   HYP E N   
610  C CA  . HYP E 13 ? 0.1926 0.1547 0.1366 0.0065  -0.0421 0.0148  13   HYP E CA  
611  C C   . HYP E 13 ? 0.1782 0.1631 0.2397 -0.0014 0.0296  -0.0127 13   HYP E C   
612  O O   . HYP E 13 ? 0.1844 0.1518 0.1429 0.0267  0.0419  -0.0821 13   HYP E O   
613  C CB  . HYP E 13 ? 0.2279 0.3242 0.0689 0.0572  0.0089  0.0055  13   HYP E CB  
614  C CG  . HYP E 13 ? 0.3051 0.2093 0.1693 0.0086  -0.0295 0.0731  13   HYP E CG  
615  C CD  . HYP E 13 ? 0.2415 0.1001 0.1924 0.0365  0.0840  0.0139  13   HYP E CD  
616  O OD1 . HYP E 13 ? 0.5786 0.2501 0.2522 0.0054  -0.0320 0.1259  13   HYP E OD1 
617  N N   . PRO E 14 ? 0.2053 0.1869 0.2383 0.0315  -0.0397 -0.0624 14   PRO E N   
618  C CA  . PRO E 14 ? 0.1702 0.1508 0.1383 -0.0077 -0.0158 0.0080  14   PRO E CA  
619  C C   . PRO E 14 ? 0.1911 0.1869 0.1155 0.0061  -0.0103 0.0186  14   PRO E C   
620  O O   . PRO E 14 ? 0.1824 0.1526 0.1230 0.0564  -0.0030 0.0180  14   PRO E O   
621  C CB  . PRO E 14 ? 0.1388 0.2320 0.1015 0.0355  -0.0021 -0.1064 14   PRO E CB  
622  C CG  . PRO E 14 ? 0.1653 0.2767 0.2149 0.0080  0.0767  -0.1482 14   PRO E CG  
623  C CD  . PRO E 14 ? 0.1940 0.2520 0.2257 0.0562  -0.0192 -0.1603 14   PRO E CD  
624  N N   . GLY E 15 ? 0.1871 0.1885 0.0335 0.0058  -0.0008 0.0406  15   GLY E N   
625  C CA  . GLY E 15 ? 0.1923 0.1783 0.0510 -0.0181 0.0184  0.0405  15   GLY E CA  
626  C C   . GLY E 15 ? 0.1396 0.2994 0.0312 -0.0018 0.0012  0.0392  15   GLY E C   
627  O O   . GLY E 15 ? 0.1306 0.1638 0.1761 0.0144  0.0418  -0.0516 15   GLY E O   
628  N N   . PRO E 16 ? 0.1280 0.0950 0.0494 0.0221  0.0035  0.0596  16   PRO E N   
629  C CA  . PRO E 16 ? 0.1759 0.1257 0.0502 -0.0265 0.0382  0.0406  16   PRO E CA  
630  C C   . PRO E 16 ? 0.2416 0.1102 0.1447 0.0161  -0.0516 0.0232  16   PRO E C   
631  O O   . PRO E 16 ? 0.2050 0.1155 0.0831 -0.0259 0.0246  0.0385  16   PRO E O   
632  C CB  . PRO E 16 ? 0.1671 0.2194 0.1316 0.0164  0.0930  -0.0266 16   PRO E CB  
633  C CG  . PRO E 16 ? 0.1800 0.3405 0.2052 -0.0801 0.0936  -0.0310 16   PRO E CG  
634  C CD  . PRO E 16 ? 0.2185 0.1629 0.1856 -0.1232 0.0747  -0.0568 16   PRO E CD  
635  N N   . PRO E 17 ? 0.0629 0.1448 0.2072 0.0089  -0.0403 0.0144  17   PRO E N   
636  C CA  . PRO E 17 ? 0.1142 0.1473 0.0863 -0.0019 -0.0142 0.0073  17   PRO E CA  
637  C C   . PRO E 17 ? 0.1117 0.1102 0.0528 -0.0172 0.0129  -0.0032 17   PRO E C   
638  O O   . PRO E 17 ? 0.1194 0.1667 0.0925 -0.0242 0.0112  0.0647  17   PRO E O   
639  C CB  . PRO E 17 ? 0.1886 0.1389 0.0965 -0.0273 -0.0605 0.0702  17   PRO E CB  
640  C CG  . PRO E 17 ? 0.1037 0.1716 0.1345 -0.0105 -0.0242 0.0370  17   PRO E CG  
641  C CD  . PRO E 17 ? 0.1795 0.1459 0.1131 -0.0274 -0.0119 0.0293  17   PRO E CD  
642  N N   . GLY E 18 ? 0.1232 0.1184 0.0963 -0.0060 0.0292  0.0178  18   GLY E N   
643  C CA  . GLY E 18 ? 0.1166 0.1550 0.1278 0.0050  0.0801  0.0732  18   GLY E CA  
644  C C   . GLY E 18 ? 0.1588 0.1100 0.1386 0.0300  0.0688  0.0542  18   GLY E C   
645  O O   . GLY E 18 ? 0.1289 0.1009 0.1621 -0.0366 0.0339  0.0095  18   GLY E O   
646  N N   . PRO E 19 ? 0.1128 0.1245 0.1825 -0.0178 0.0727  0.0264  19   PRO E N   
647  C CA  . PRO E 19 ? 0.1146 0.1345 0.2033 0.0123  0.0734  0.0101  19   PRO E CA  
648  C C   . PRO E 19 ? 0.1731 0.0671 0.1541 0.0382  0.0332  0.0567  19   PRO E C   
649  O O   . PRO E 19 ? 0.1411 0.1371 0.1429 -0.0021 0.0421  0.0289  19   PRO E O   
650  C CB  . PRO E 19 ? 0.1426 0.2434 0.2336 0.0679  0.0217  -0.0436 19   PRO E CB  
651  C CG  . PRO E 19 ? 0.2092 0.1999 0.2410 0.0837  0.0234  -0.0210 19   PRO E CG  
652  C CD  . PRO E 19 ? 0.0879 0.1878 0.2487 -0.0096 0.0227  -0.0664 19   PRO E CD  
653  N N   . PRO E 20 ? 0.2370 0.1388 0.1635 -0.0004 0.1157  -0.0136 20   PRO E N   
654  C CA  . PRO E 20 ? 0.2879 0.0967 0.1841 0.0272  0.0960  -0.0201 20   PRO E CA  
655  C C   . PRO E 20 ? 0.2121 0.1389 0.2256 0.0045  0.0487  -0.0068 20   PRO E C   
656  O O   . PRO E 20 ? 0.2056 0.1526 0.2045 -0.0280 0.0693  -0.0530 20   PRO E O   
657  C CB  . PRO E 20 ? 0.4065 0.1660 0.1779 -0.0224 0.0696  -0.0179 20   PRO E CB  
658  C CG  . PRO E 20 ? 0.3589 0.1898 0.1748 -0.0678 0.0707  -0.0022 20   PRO E CG  
659  C CD  . PRO E 20 ? 0.2643 0.1655 0.1482 0.0019  0.0816  0.0039  20   PRO E CD  
660  N N   . GLY E 21 ? 0.1716 0.1039 0.2252 0.0217  -0.0223 -0.0017 21   GLY E N   
661  C CA  . GLY E 21 ? 0.1364 0.0961 0.3021 0.0300  -0.0775 -0.0282 21   GLY E CA  
662  C C   . GLY E 21 ? 0.1477 0.0847 0.4245 0.0013  0.0442  0.0429  21   GLY E C   
663  O O   . GLY E 21 ? 0.1886 0.1496 0.4959 0.0331  0.1188  0.1202  21   GLY E O   
664  N N   . PRO E 22 ? 0.1541 0.1974 0.3466 0.0858  0.0134  0.0268  22   PRO E N   
665  C CA  . PRO E 22 ? 0.0880 0.2155 0.3700 0.0487  -0.0145 -0.0249 22   PRO E CA  
666  C C   . PRO E 22 ? 0.1006 0.3431 0.4191 0.0325  -0.0312 -0.0890 22   PRO E C   
667  O O   . PRO E 22 ? 0.1327 0.1580 0.5848 -0.0320 0.0114  -0.0453 22   PRO E O   
668  C CB  . PRO E 22 ? 0.1975 0.1417 0.4246 0.0820  -0.0719 -0.0565 22   PRO E CB  
669  C CG  . PRO E 22 ? 0.2311 0.1652 0.4070 0.0318  -0.0927 0.0260  22   PRO E CG  
670  C CD  . PRO E 22 ? 0.1893 0.2573 0.2831 0.0817  -0.0608 0.0006  22   PRO E CD  
671  N N   . PRO E 23 ? 0.1705 0.2299 0.5476 0.0755  -0.0107 -0.1626 23   PRO E N   
672  C CA  . PRO E 23 ? 0.2105 0.1576 0.5295 0.0755  -0.0296 -0.1113 23   PRO E CA  
673  C C   . PRO E 23 ? 0.3074 0.2015 0.2165 0.0682  -0.1079 -0.1024 23   PRO E C   
674  O O   . PRO E 23 ? 0.4212 0.5500 0.1640 0.1632  -0.0852 -0.0825 23   PRO E O   
675  C CB  . PRO E 23 ? 0.2775 0.1624 0.5676 -0.0180 0.0377  -0.1656 23   PRO E CB  
676  C CG  . PRO E 23 ? 0.2171 0.2349 0.5754 -0.0418 0.0929  -0.2250 23   PRO E CG  
677  C CD  . PRO E 23 ? 0.2181 0.2955 0.5494 -0.0035 0.0913  -0.2422 23   PRO E CD  
678  N N   . GLY E 24 ? 0.2933 0.3257 0.2299 -0.0642 -0.0609 -0.0497 24   GLY E N   
679  C CA  . GLY E 24 ? 0.3725 0.2990 0.2045 -0.0459 -0.0733 -0.0393 24   GLY E CA  
680  C C   . GLY E 24 ? 0.3646 0.3401 0.2497 -0.0111 -0.1734 -0.0909 24   GLY E C   
681  O O   . GLY E 24 ? 0.4401 0.2025 0.3782 0.0613  -0.0725 0.0454  24   GLY E O   
682  N N   . PRO F 5  ? 0.2233 0.2883 0.3943 0.0972  -0.0663 -0.0037 5    PRO F N   
683  C CA  . PRO F 5  ? 0.2994 0.2984 0.2539 0.0699  -0.0893 -0.0541 5    PRO F CA  
684  C C   . PRO F 5  ? 0.2904 0.1994 0.1449 0.0309  -0.0258 -0.0371 5    PRO F C   
685  O O   . PRO F 5  ? 0.3637 0.1868 0.2203 0.0208  0.0440  -0.0227 5    PRO F O   
686  C CB  . PRO F 5  ? 0.3507 0.3695 0.1475 0.1391  -0.0447 -0.0007 5    PRO F CB  
687  C CG  . PRO F 5  ? 0.2174 0.3448 0.3205 0.0792  -0.0323 0.0295  5    PRO F CG  
688  C CD  . PRO F 5  ? 0.2264 0.3618 0.3816 0.0410  -0.0423 0.0632  5    PRO F CD  
689  N N   . GLY F 6  ? 0.2997 0.2240 0.1544 0.0212  0.0119  -0.0043 6    GLY F N   
690  C CA  . GLY F 6  ? 0.2966 0.1797 0.1261 0.0053  -0.0136 0.0073  6    GLY F CA  
691  C C   . GLY F 6  ? 0.2806 0.1529 0.1345 0.0119  -0.0307 -0.0123 6    GLY F C   
692  O O   . GLY F 6  ? 0.1919 0.2093 0.1538 -0.0876 -0.0408 -0.0113 6    GLY F O   
693  N N   . PRO F 7  ? 0.2369 0.1653 0.1494 -0.0270 -0.0096 0.0084  7    PRO F N   
694  C CA  . PRO F 7  ? 0.2432 0.1940 0.1733 -0.0035 -0.0116 -0.0267 7    PRO F CA  
695  C C   . PRO F 7  ? 0.2673 0.1296 0.1543 0.0239  -0.0203 0.0117  7    PRO F C   
696  O O   . PRO F 7  ? 0.1899 0.3065 0.1580 -0.0504 0.0694  -0.0461 7    PRO F O   
697  C CB  . PRO F 7  ? 0.2646 0.1823 0.2599 0.0317  -0.0284 -0.0535 7    PRO F CB  
698  C CG  . PRO F 7  ? 0.3205 0.2529 0.2784 0.0649  -0.0816 -0.0337 7    PRO F CG  
699  C CD  . PRO F 7  ? 0.2477 0.2365 0.2253 -0.0310 -0.0729 -0.0775 7    PRO F CD  
700  N N   . PRO F 8  ? 0.2444 0.1666 0.1646 -0.0369 0.1077  -0.0565 8    PRO F N   
701  C CA  . PRO F 8  ? 0.2702 0.0846 0.1925 0.0311  0.0645  -0.0390 8    PRO F CA  
702  C C   . PRO F 8  ? 0.1804 0.1893 0.2276 -0.0039 0.0127  0.0272  8    PRO F C   
703  O O   . PRO F 8  ? 0.1853 0.1483 0.2285 -0.0308 0.0121  -0.1019 8    PRO F O   
704  C CB  . PRO F 8  ? 0.3280 0.1363 0.1864 -0.0075 -0.0056 -0.0201 8    PRO F CB  
705  C CG  . PRO F 8  ? 0.4139 0.1535 0.2138 -0.0281 -0.0411 0.0130  8    PRO F CG  
706  C CD  . PRO F 8  ? 0.3110 0.1336 0.1635 -0.0141 0.0501  -0.0203 8    PRO F CD  
707  N N   . GLY F 9  ? 0.1480 0.1292 0.1799 0.0136  -0.0731 0.0069  9    GLY F N   
708  C CA  . GLY F 9  ? 0.1079 0.1408 0.2668 0.0448  -0.1038 -0.0036 9    GLY F CA  
709  C C   . GLY F 9  ? 0.0905 0.1328 0.3159 -0.0100 -0.0420 0.0110  9    GLY F C   
710  O O   . GLY F 9  ? 0.2143 0.1211 0.3801 -0.0088 0.0453  0.0509  9    GLY F O   
711  N N   . PRO F 10 ? 0.1620 0.1997 0.2441 0.0849  -0.0722 -0.0347 10   PRO F N   
712  C CA  . PRO F 10 ? 0.1545 0.2586 0.2792 0.0774  -0.0773 -0.0966 10   PRO F CA  
713  C C   . PRO F 10 ? 0.0701 0.2364 0.2757 0.0561  -0.0353 -0.0706 10   PRO F C   
714  O O   . PRO F 10 ? 0.0997 0.1242 0.3742 0.0180  0.0516  -0.0758 10   PRO F O   
715  C CB  . PRO F 10 ? 0.1651 0.2311 0.3625 0.1048  -0.1294 -0.1160 10   PRO F CB  
716  C CG  . PRO F 10 ? 0.2876 0.1378 0.4013 0.0614  -0.0851 -0.0051 10   PRO F CG  
717  C CD  . PRO F 10 ? 0.1516 0.2332 0.2419 0.0856  -0.1000 -0.0154 10   PRO F CD  
718  N N   . PRO F 11 ? 0.0347 0.1874 0.2512 -0.0053 -0.0219 -0.0509 11   PRO F N   
719  C CA  . PRO F 11 ? 0.0346 0.1486 0.2832 0.0145  -0.0510 -0.0486 11   PRO F CA  
720  C C   . PRO F 11 ? 0.1718 0.1022 0.2377 0.0260  -0.0586 -0.0462 11   PRO F C   
721  O O   . PRO F 11 ? 0.1512 0.2059 0.1693 0.0318  -0.0292 -0.0800 11   PRO F O   
722  C CB  . PRO F 11 ? 0.0910 0.2792 0.3554 -0.0006 -0.0010 -0.1487 11   PRO F CB  
723  C CG  . PRO F 11 ? 0.0485 0.2218 0.4233 0.0228  -0.0065 -0.1105 11   PRO F CG  
724  C CD  . PRO F 11 ? 0.0400 0.1643 0.3587 -0.0318 -0.0090 -0.0630 11   PRO F CD  
725  N N   . GLY F 12 ? 0.1234 0.0866 0.1277 0.0166  0.0035  -0.0044 12   GLY F N   
726  C CA  . GLY F 12 ? 0.1228 0.1069 0.0784 0.0283  -0.0471 0.0315  12   GLY F CA  
727  C C   . GLY F 12 ? 0.0576 0.0778 0.1901 -0.0411 -0.0304 -0.0250 12   GLY F C   
728  O O   . GLY F 12 ? 0.0859 0.1075 0.1262 -0.0056 -0.0266 0.0203  12   GLY F O   
729  N N   . HYP F 13 ? 0.1437 0.0802 0.1594 -0.0176 0.0184  -0.0063 13   HYP F N   
730  C CA  . HYP F 13 ? 0.2044 0.1034 0.1581 0.0310  -0.0015 -0.0244 13   HYP F CA  
731  C C   . HYP F 13 ? 0.0685 0.1715 0.1540 0.0245  0.0194  -0.0298 13   HYP F C   
732  O O   . HYP F 13 ? 0.0953 0.0911 0.1714 -0.0075 0.0070  0.0017  13   HYP F O   
733  C CB  . HYP F 13 ? 0.3180 0.0901 0.1357 -0.0083 -0.0740 -0.0091 13   HYP F CB  
734  C CG  . HYP F 13 ? 0.2688 0.1184 0.1981 -0.0960 -0.0317 0.0102  13   HYP F CG  
735  C CD  . HYP F 13 ? 0.1525 0.1243 0.1882 -0.0712 0.0326  -0.0449 13   HYP F CD  
736  O OD1 . HYP F 13 ? 0.2997 0.3239 0.2885 -0.1272 -0.0786 0.1859  13   HYP F OD1 
737  N N   . PRO F 14 ? 0.1317 0.1456 0.1489 0.0490  -0.0186 -0.0325 14   PRO F N   
738  C CA  . PRO F 14 ? 0.1297 0.1079 0.1389 0.0318  0.0010  -0.0118 14   PRO F CA  
739  C C   . PRO F 14 ? 0.1645 0.0975 0.1208 0.0160  -0.0026 0.0051  14   PRO F C   
740  O O   . PRO F 14 ? 0.1383 0.1310 0.1341 0.0421  0.0357  -0.0009 14   PRO F O   
741  C CB  . PRO F 14 ? 0.1623 0.1267 0.1273 0.0619  -0.0002 0.0017  14   PRO F CB  
742  C CG  . PRO F 14 ? 0.1673 0.2393 0.1133 0.1044  -0.0170 -0.0250 14   PRO F CG  
743  C CD  . PRO F 14 ? 0.1072 0.1922 0.1566 0.0647  -0.0017 -0.0395 14   PRO F CD  
744  N N   . GLY F 15 ? 0.1547 0.1837 0.1151 0.0150  0.0024  -0.0582 15   GLY F N   
745  C CA  . GLY F 15 ? 0.1091 0.1436 0.1364 0.0401  0.0102  0.0226  15   GLY F CA  
746  C C   . GLY F 15 ? 0.1636 0.1426 0.1171 0.0517  -0.0695 -0.0270 15   GLY F C   
747  O O   . GLY F 15 ? 0.1663 0.1757 0.1398 0.0692  -0.0122 0.0784  15   GLY F O   
748  N N   . PRO F 16 ? 0.1832 0.1714 0.1358 0.0043  -0.0464 -0.0007 16   PRO F N   
749  C CA  . PRO F 16 ? 0.1730 0.1831 0.0723 -0.0135 -0.0005 0.0136  16   PRO F CA  
750  C C   . PRO F 16 ? 0.1966 0.1816 0.0529 -0.0055 -0.0078 0.0133  16   PRO F C   
751  O O   . PRO F 16 ? 0.1209 0.1787 0.0846 -0.0349 -0.0044 0.0232  16   PRO F O   
752  C CB  . PRO F 16 ? 0.1744 0.2311 0.2106 -0.0207 0.0314  0.0955  16   PRO F CB  
753  C CG  . PRO F 16 ? 0.1289 0.1835 0.3352 -0.0231 0.0391  0.0776  16   PRO F CG  
754  C CD  . PRO F 16 ? 0.1150 0.2002 0.2101 -0.0180 0.0286  0.0319  16   PRO F CD  
755  N N   . PRO F 17 ? 0.2179 0.1891 0.0456 0.0060  -0.0157 0.0176  17   PRO F N   
756  C CA  . PRO F 17 ? 0.1434 0.1595 0.0702 -0.0443 -0.0277 -0.0128 17   PRO F CA  
757  C C   . PRO F 17 ? 0.1160 0.1381 0.0618 -0.1262 -0.0064 0.0354  17   PRO F C   
758  O O   . PRO F 17 ? 0.1075 0.2185 0.1122 -0.0433 0.0110  -0.0177 17   PRO F O   
759  C CB  . PRO F 17 ? 0.2546 0.2017 0.1523 0.0454  -0.0153 0.0232  17   PRO F CB  
760  C CG  . PRO F 17 ? 0.4178 0.1661 0.1568 0.0423  0.0547  0.0517  17   PRO F CG  
761  C CD  . PRO F 17 ? 0.2032 0.2129 0.1223 -0.0172 0.0340  0.0656  17   PRO F CD  
762  N N   . GLY F 18 ? 0.1607 0.0577 0.0463 -0.0456 0.0030  0.0491  18   GLY F N   
763  C CA  . GLY F 18 ? 0.1436 0.1330 0.0594 -0.0330 0.0130  0.0070  18   GLY F CA  
764  C C   . GLY F 18 ? 0.0956 0.1486 0.1161 -0.0461 -0.0181 0.0176  18   GLY F C   
765  O O   . GLY F 18 ? 0.1670 0.1160 0.0695 -0.0383 -0.0211 -0.0154 18   GLY F O   
766  N N   . PRO F 19 ? 0.1077 0.2028 0.0430 -0.0493 0.0127  0.0072  19   PRO F N   
767  C CA  . PRO F 19 ? 0.0808 0.2137 0.0741 -0.0605 -0.0048 0.0131  19   PRO F CA  
768  C C   . PRO F 19 ? 0.1395 0.1834 0.0943 -0.0629 0.0340  0.0240  19   PRO F C   
769  O O   . PRO F 19 ? 0.1729 0.2103 0.1222 -0.0752 0.0789  -0.0047 19   PRO F O   
770  C CB  . PRO F 19 ? 0.1355 0.2613 0.0771 -0.0594 -0.0336 0.0202  19   PRO F CB  
771  C CG  . PRO F 19 ? 0.1377 0.2054 0.0791 -0.0275 -0.0219 0.0028  19   PRO F CG  
772  C CD  . PRO F 19 ? 0.2397 0.2082 0.0242 -0.0439 -0.0120 0.0005  19   PRO F CD  
773  N N   . PRO F 20 ? 0.1405 0.2030 0.0486 -0.0867 0.0211  0.0032  20   PRO F N   
774  C CA  . PRO F 20 ? 0.1203 0.1743 0.0648 -0.0935 -0.0065 -0.0001 20   PRO F CA  
775  C C   . PRO F 20 ? 0.1148 0.1072 0.0730 -0.0045 0.0216  0.0132  20   PRO F C   
776  O O   . PRO F 20 ? 0.1396 0.1574 0.1221 -0.0053 -0.0161 0.0338  20   PRO F O   
777  C CB  . PRO F 20 ? 0.1468 0.1900 0.0623 -0.1047 -0.0326 0.0325  20   PRO F CB  
778  C CG  . PRO F 20 ? 0.1445 0.2428 0.1158 -0.0477 0.0197  0.0731  20   PRO F CG  
779  C CD  . PRO F 20 ? 0.1310 0.2248 0.1309 -0.0651 0.0270  0.0968  20   PRO F CD  
780  N N   . GLY F 21 ? 0.1885 0.1524 0.1444 0.0274  0.0827  0.0009  21   GLY F N   
781  C CA  . GLY F 21 ? 0.1983 0.1058 0.1427 -0.0036 0.1072  0.0182  21   GLY F CA  
782  C C   . GLY F 21 ? 0.1604 0.1194 0.1701 0.0317  0.0080  0.0518  21   GLY F C   
783  O O   . GLY F 21 ? 0.1728 0.1408 0.1042 -0.0245 0.0287  -0.0196 21   GLY F O   
784  N N   . PRO F 22 ? 0.1624 0.1676 0.1757 0.0129  0.0199  0.0708  22   PRO F N   
785  C CA  . PRO F 22 ? 0.2381 0.1818 0.1395 0.0085  -0.0158 0.0703  22   PRO F CA  
786  C C   . PRO F 22 ? 0.2152 0.1743 0.1950 -0.0144 0.0345  0.0546  22   PRO F C   
787  O O   . PRO F 22 ? 0.2070 0.1252 0.1658 -0.0096 0.0655  -0.0181 22   PRO F O   
788  C CB  . PRO F 22 ? 0.2725 0.2432 0.1195 -0.0108 0.0331  0.0968  22   PRO F CB  
789  C CG  . PRO F 22 ? 0.2720 0.1292 0.1725 0.0107  0.0455  0.0365  22   PRO F CG  
790  C CD  . PRO F 22 ? 0.2224 0.1396 0.1444 0.0477  0.1182  0.0090  22   PRO F CD  
791  N N   . PRO F 23 ? 0.1943 0.2531 0.1999 0.0235  0.0136  -0.0756 23   PRO F N   
792  C CA  . PRO F 23 ? 0.1633 0.2438 0.2236 -0.0032 0.0278  -0.0967 23   PRO F CA  
793  C C   . PRO F 23 ? 0.2481 0.1942 0.2781 0.0710  0.0939  0.0478  23   PRO F C   
794  O O   . PRO F 23 ? 0.3345 0.1537 0.2293 0.1023  0.0381  0.0069  23   PRO F O   
795  C CB  . PRO F 23 ? 0.1672 0.3165 0.1631 0.0285  -0.0268 -0.1595 23   PRO F CB  
796  C CG  . PRO F 23 ? 0.1595 0.3546 0.2217 0.0023  0.0309  -0.1573 23   PRO F CG  
797  C CD  . PRO F 23 ? 0.1983 0.3381 0.1421 0.0535  0.0068  -0.1596 23   PRO F CD  
798  N N   . GLY F 24 ? 0.2416 0.1719 0.1335 0.0571  0.0807  0.0229  24   GLY F N   
799  C CA  . GLY F 24 ? 0.2833 0.2137 0.1161 0.0712  0.1004  0.0355  24   GLY F CA  
800  C C   . GLY F 24 ? 0.2727 0.3206 0.1370 0.1120  0.0660  -0.0067 24   GLY F C   
801  O O   . GLY F 24 ? 0.3271 0.2906 0.1427 0.0474  0.1217  -0.0412 24   GLY F O   
802  N N   . PRO F 25 ? 0.2747 0.3769 0.0905 0.0096  0.0277  0.0202  25   PRO F N   
803  C CA  . PRO F 25 ? 0.2766 0.3811 0.1513 0.0197  0.0769  -0.0732 25   PRO F CA  
804  C C   . PRO F 25 ? 0.3608 0.3825 0.2001 0.0216  0.0643  -0.0371 25   PRO F C   
805  O O   . PRO F 25 ? 0.3207 0.4224 0.2689 0.1436  0.0361  -0.0310 25   PRO F O   
806  C CB  . PRO F 25 ? 0.3482 0.4438 0.1733 0.0031  0.1259  -0.0554 25   PRO F CB  
807  C CG  . PRO F 25 ? 0.4185 0.3116 0.2107 -0.0803 0.1058  0.0586  25   PRO F CG  
808  C CD  . PRO F 25 ? 0.3816 0.3446 0.1689 -0.1029 0.0381  0.0411  25   PRO F CD  
809  N N   . PRO F 26 ? 0.4008 0.3486 0.2944 -0.0172 -0.0128 -0.0268 26   PRO F N   
810  C CA  . PRO F 26 ? 0.2890 0.3426 0.3062 0.0057  0.0080  -0.0011 26   PRO F CA  
811  C C   . PRO F 26 ? 0.2860 0.4776 0.2102 0.0477  0.1177  -0.1184 26   PRO F C   
812  O O   . PRO F 26 ? 0.3564 0.3812 0.2186 0.0552  0.0928  0.0213  26   PRO F O   
813  C CB  . PRO F 26 ? 0.4434 0.2416 0.2649 0.0022  0.0104  0.0213  26   PRO F CB  
814  C CG  . PRO F 26 ? 0.4195 0.2083 0.2043 -0.0150 0.0340  -0.0148 26   PRO F CG  
815  C CD  . PRO F 26 ? 0.3832 0.2649 0.2166 0.0111  0.0392  -0.0920 26   PRO F CD  
816  O O   . HOH G .  ? 0.2239 0.4162 0.1787 -0.1126 0.0563  0.1321  107  HOH A O   
817  O O   . HOH G .  ? 0.1744 0.0816 0.1945 0.0032  0.0135  -0.0079 110  HOH A O   
818  O O   . HOH G .  ? 0.1612 0.2443 0.2780 0.0147  -0.1022 0.0028  112  HOH A O   
819  O O   . HOH G .  ? 0.1088 0.1933 0.2094 -0.0404 -0.0294 -0.0041 115  HOH A O   
820  O O   . HOH G .  ? 0.2454 0.2097 0.2203 0.0669  0.0095  0.1108  116  HOH A O   
821  O O   . HOH G .  ? 0.0939 0.3086 0.2179 0.0073  -0.0227 -0.0714 120  HOH A O   
822  O O   . HOH G .  ? 0.2744 0.3588 0.1062 0.0622  -0.0735 0.0140  129  HOH A O   
823  O O   . HOH G .  ? 0.4900 0.2128 0.0794 -0.1628 -0.0599 0.0289  137  HOH A O   
824  O O   . HOH G .  ? 0.3336 0.2128 0.1243 -0.1119 -0.0254 -0.0064 139  HOH A O   
825  O O   . HOH G .  ? 0.2523 0.3947 0.2852 -0.0403 0.0461  -0.0313 150  HOH A O   
826  O O   . HOH G .  ? 0.2518 0.4178 0.1868 0.1316  -0.0889 0.0020  161  HOH A O   
827  O O   . HOH G .  ? 0.4468 0.1570 0.5423 -0.0112 0.1808  0.0046  163  HOH A O   
828  O O   . HOH G .  ? 0.2557 0.2615 0.2286 -0.0289 -0.0229 -0.0910 171  HOH A O   
829  O O   . HOH G .  ? 0.3671 0.2429 0.3798 0.1162  0.0491  0.0426  172  HOH A O   
830  O O   . HOH G .  ? 0.2143 0.4107 0.4413 -0.0616 -0.0919 -0.1061 174  HOH A O   
831  O O   . HOH G .  ? 0.6016 0.1403 0.1416 -0.0217 -0.1166 0.0053  177  HOH A O   
832  O O   . HOH G .  ? 0.1412 0.3965 0.2434 -0.0508 -0.0636 0.0653  189  HOH A O   
833  O O   . HOH G .  ? 0.1457 0.3621 0.1679 0.1151  -0.0199 -0.0514 190  HOH A O   
834  O O   . HOH G .  ? 0.2416 0.2786 0.3938 -0.0428 -0.1084 -0.0652 196  HOH A O   
835  O O   . HOH G .  ? 0.1539 0.0987 0.3086 -0.0123 0.0871  0.0382  197  HOH A O   
836  O O   . HOH G .  ? 0.4223 0.2432 0.1861 0.0251  -0.0774 0.0121  207  HOH A O   
837  O O   . HOH G .  ? 0.4122 0.3824 0.4037 0.1499  0.1598  -0.1878 221  HOH A O   
838  O O   . HOH G .  ? 0.2319 0.3956 0.4252 -0.0843 -0.1304 -0.0516 223  HOH A O   
839  O O   . HOH G .  ? 0.3759 0.3561 0.3941 -0.0200 0.0805  0.1899  244  HOH A O   
840  O O   . HOH G .  ? 0.3060 0.1733 0.3328 0.0184  0.0623  -0.0062 245  HOH A O   
841  O O   . HOH G .  ? 0.3107 0.3331 0.4306 -0.1127 -0.1056 0.1158  249  HOH A O   
842  O O   . HOH G .  ? 0.2235 0.3267 0.3556 -0.0683 0.1434  0.0027  252  HOH A O   
843  O O   . HOH G .  ? 0.4946 0.3372 0.4256 0.2163  -0.0708 -0.1286 271  HOH A O   
844  O O   . HOH G .  ? 0.4610 0.3760 0.2324 0.0207  -0.1524 -0.0556 275  HOH A O   
845  O O   . HOH G .  ? 0.3948 0.2777 0.4575 -0.0073 -0.1324 0.1213  279  HOH A O   
846  O O   . HOH G .  ? 0.3346 0.2085 0.1520 -0.0506 -0.0443 -0.0179 281  HOH A O   
847  O O   . HOH G .  ? 0.4170 0.2617 0.5038 0.1603  0.0992  0.1955  284  HOH A O   
848  O O   . HOH G .  ? 0.2540 0.2101 0.3780 0.0122  -0.0355 -0.0586 285  HOH A O   
849  O O   . HOH G .  ? 0.2850 0.2735 0.4179 0.1175  0.1201  0.0954  287  HOH A O   
850  O O   . HOH G .  ? 0.3842 0.5302 0.5094 -0.0710 0.0104  0.0617  290  HOH A O   
851  O O   . HOH G .  ? 0.3697 0.4422 0.4287 -0.0634 0.0940  0.0228  295  HOH A O   
852  O O   . HOH G .  ? 0.2628 0.5496 0.7238 -0.1543 0.0559  -0.0381 297  HOH A O   
853  O O   . HOH G .  ? 0.6768 0.3196 0.5990 0.1530  -0.0955 0.0108  1103 HOH A O   
854  O O   . HOH G .  ? 0.6693 0.3279 0.4468 0.0539  0.3272  -0.1270 1106 HOH A O   
855  O O   . HOH G .  ? 0.5665 0.2680 0.3256 0.1957  0.0235  -0.1024 1115 HOH A O   
856  O O   . HOH G .  ? 0.4913 0.4398 0.4687 0.0826  0.0429  0.0185  1117 HOH A O   
857  O O   . HOH G .  ? 0.4381 0.1796 0.7271 0.0187  0.0539  -0.1154 1142 HOH A O   
858  O O   . HOH G .  ? 0.4949 0.4958 0.3812 0.2802  0.0906  0.0570  1145 HOH A O   
859  O O   . HOH H .  ? 0.1750 0.2889 0.2300 -0.0272 -0.0338 0.0604  106  HOH B O   
860  O O   . HOH H .  ? 0.2173 0.2674 0.1938 0.0613  -0.0382 0.0524  108  HOH B O   
861  O O   . HOH H .  ? 0.2912 0.2153 0.1993 0.1418  -0.0090 0.0736  113  HOH B O   
862  O O   . HOH H .  ? 0.2882 0.1612 0.2323 0.1116  -0.1594 -0.0141 114  HOH B O   
863  O O   . HOH H .  ? 0.0527 0.2820 0.2551 0.0113  -0.0007 -0.0238 117  HOH B O   
864  O O   . HOH H .  ? 0.1466 0.1782 0.2670 0.0110  0.0030  -0.0060 126  HOH B O   
865  O O   . HOH H .  ? 0.2452 0.2701 0.1510 -0.1101 0.0477  0.0065  127  HOH B O   
866  O O   . HOH H .  ? 0.2289 0.1663 0.1105 0.0671  -0.0475 0.0437  130  HOH B O   
867  O O   . HOH H .  ? 0.1413 0.3996 0.4222 0.0823  0.0556  -0.1257 138  HOH B O   
868  O O   . HOH H .  ? 0.4166 0.5285 0.3561 -0.2785 -0.0939 -0.0281 140  HOH B O   
869  O O   . HOH H .  ? 0.3791 0.2721 0.2183 0.1453  -0.0395 -0.0490 142  HOH B O   
870  O O   . HOH H .  ? 0.3708 0.1672 0.1282 -0.1191 -0.0867 0.0184  144  HOH B O   
871  O O   . HOH H .  ? 0.2943 0.1074 0.4132 0.0266  0.0258  0.0210  149  HOH B O   
872  O O   . HOH H .  ? 0.3039 0.3649 0.2028 -0.1570 0.0587  0.0326  154  HOH B O   
873  O O   . HOH H .  ? 0.3389 0.2377 0.4590 0.0930  -0.0362 0.1551  156  HOH B O   
874  O O   . HOH H .  ? 0.2006 0.5402 0.5791 -0.1671 0.1230  -0.1290 157  HOH B O   
875  O O   . HOH H .  ? 0.1937 0.1851 0.2732 -0.1049 -0.0258 0.0702  165  HOH B O   
876  O O   . HOH H .  ? 0.2013 0.3161 0.1781 0.0620  -0.0242 -0.0161 168  HOH B O   
877  O O   . HOH H .  ? 0.3929 0.2763 0.0889 -0.1693 -0.0153 0.0032  169  HOH B O   
878  O O   . HOH H .  ? 0.3642 0.3123 0.4136 0.0078  0.1271  0.1701  175  HOH B O   
879  O O   . HOH H .  ? 0.1280 0.2991 0.2344 0.0084  -0.0262 -0.0250 187  HOH B O   
880  O O   . HOH H .  ? 0.3609 0.4473 0.2166 -0.0084 -0.1887 -0.0449 194  HOH B O   
881  O O   . HOH H .  ? 0.2317 0.1724 0.2269 0.0159  -0.0131 0.0739  198  HOH B O   
882  O O   . HOH H .  ? 0.2855 0.2947 0.4885 0.0413  0.0552  0.1007  202  HOH B O   
883  O O   . HOH H .  ? 0.2103 0.4626 0.2254 0.1154  -0.0241 -0.0363 227  HOH B O   
884  O O   . HOH H .  ? 0.3100 0.4384 0.3543 0.0332  0.0006  -0.0364 230  HOH B O   
885  O O   . HOH H .  ? 0.1394 0.4119 0.2119 0.0186  -0.0340 0.0164  234  HOH B O   
886  O O   . HOH H .  ? 0.2291 0.1424 0.2472 0.0106  -0.0887 0.0363  236  HOH B O   
887  O O   . HOH H .  ? 0.4610 0.2123 0.4111 -0.1371 0.0996  -0.0030 246  HOH B O   
888  O O   . HOH H .  ? 0.3934 0.3850 0.3802 0.0217  0.1217  0.0480  262  HOH B O   
889  O O   . HOH H .  ? 0.5046 0.1150 0.3603 -0.0223 -0.2244 -0.0255 263  HOH B O   
890  O O   . HOH H .  ? 0.2774 0.3828 0.4157 -0.0583 0.0646  0.1017  278  HOH B O   
891  O O   . HOH H .  ? 0.3807 0.4508 0.1695 -0.2083 0.0464  0.0043  289  HOH B O   
892  O O   . HOH H .  ? 0.3974 0.5947 0.3461 0.0256  0.1259  -0.0925 292  HOH B O   
893  O O   . HOH H .  ? 0.2671 0.4148 0.5847 0.1349  0.0214  0.2132  300  HOH B O   
894  O O   . HOH H .  ? 0.5388 0.2014 0.2006 0.0281  -0.1196 -0.0201 1105 HOH B O   
895  O O   . HOH H .  ? 0.3608 0.4140 0.2577 0.0706  -0.0825 -0.1209 1109 HOH B O   
896  O O   . HOH H .  ? 0.3784 0.5738 0.3663 -0.0588 -0.0168 -0.1838 1112 HOH B O   
897  O O   . HOH H .  ? 0.5056 0.2953 0.7982 0.0525  -0.0480 0.1031  1138 HOH B O   
898  O O   . HOH H .  ? 0.3667 0.3995 0.5307 -0.0547 -0.1254 -0.1127 1144 HOH B O   
899  O O   . HOH I .  ? 0.1782 0.2796 0.4439 0.0398  0.0094  -0.1619 101  HOH C O   
900  O O   . HOH I .  ? 0.2674 0.2821 0.4451 -0.0850 0.0327  -0.0649 102  HOH C O   
901  O O   . HOH I .  ? 0.2137 0.2723 0.1763 0.0574  -0.0522 0.1018  105  HOH C O   
902  O O   . HOH I .  ? 0.3078 0.2197 0.0808 0.0582  -0.0179 0.0530  119  HOH C O   
903  O O   . HOH I .  ? 0.4150 0.5001 0.4723 -0.1174 -0.2763 -0.0959 134  HOH C O   
904  O O   . HOH I .  ? 0.1989 0.2951 0.2719 0.0120  -0.0356 -0.0095 141  HOH C O   
905  O O   . HOH I .  ? 0.1132 0.2661 0.1878 -0.0405 -0.0462 0.0680  145  HOH C O   
906  O O   . HOH I .  ? 0.3149 0.3739 0.1934 -0.1065 0.1286  0.0791  147  HOH C O   
907  O O   . HOH I .  ? 0.2912 0.4700 0.2140 0.0752  -0.0860 -0.0709 153  HOH C O   
908  O O   . HOH I .  ? 0.3056 0.2369 0.1182 -0.0022 -0.0260 0.0612  158  HOH C O   
909  O O   . HOH I .  ? 0.1044 0.3305 0.1980 0.0615  -0.0307 -0.0701 167  HOH C O   
910  O O   . HOH I .  ? 0.4096 0.2757 0.3292 0.0188  0.0483  0.0457  179  HOH C O   
911  O O   . HOH I .  ? 0.2072 0.3207 0.4024 -0.0054 0.1381  0.1548  184  HOH C O   
912  O O   . HOH I .  ? 0.3551 0.3305 0.2097 0.0971  -0.0103 -0.0565 185  HOH C O   
913  O O   . HOH I .  ? 0.3000 0.1682 0.5224 -0.0546 0.1160  -0.0219 186  HOH C O   
914  O O   . HOH I .  ? 0.2039 0.1159 0.2874 -0.0095 -0.1001 0.0504  199  HOH C O   
915  O O   . HOH I .  ? 0.0882 0.4436 0.1873 0.1016  -0.0135 -0.0941 225  HOH C O   
916  O O   . HOH I .  ? 0.1984 0.1367 0.3131 0.0446  -0.0878 -0.0449 226  HOH C O   
917  O O   . HOH I .  ? 0.4332 0.3051 0.3136 0.1387  -0.0706 0.1435  237  HOH C O   
918  O O   . HOH I .  ? 0.4412 0.1197 0.3995 0.0617  0.1678  0.0359  242  HOH C O   
919  O O   . HOH I .  ? 0.2456 0.3608 0.2485 0.0007  0.0439  -0.0280 243  HOH C O   
920  O O   . HOH I .  ? 0.4941 0.4641 0.2851 -0.1386 -0.1450 0.1095  253  HOH C O   
921  O O   . HOH I .  ? 0.1443 0.2811 0.3535 -0.0344 0.0028  -0.0533 257  HOH C O   
922  O O   . HOH I .  ? 0.5291 0.3744 0.2147 -0.2270 -0.1054 0.0715  266  HOH C O   
923  O O   . HOH I .  ? 0.4090 0.3560 0.3015 -0.0209 -0.1164 0.0006  267  HOH C O   
924  O O   . HOH I .  ? 0.0975 0.3638 0.4325 -0.1009 -0.0310 0.0921  270  HOH C O   
925  O O   . HOH I .  ? 0.5756 0.5743 0.7860 -0.1759 -0.0335 0.0383  273  HOH C O   
926  O O   . HOH I .  ? 0.2562 0.1797 0.4452 0.0708  0.0973  0.2218  282  HOH C O   
927  O O   . HOH I .  ? 0.2490 0.3195 0.4661 -0.1230 -0.1151 0.1494  293  HOH C O   
928  O O   . HOH I .  ? 0.3047 0.6808 0.2795 0.1726  0.0597  -0.0624 294  HOH C O   
929  O O   . HOH I .  ? 0.2658 0.3527 0.3628 -0.0800 0.1487  0.0731  298  HOH C O   
930  O O   . HOH I .  ? 0.1612 0.3826 0.3807 -0.0372 0.0583  0.1063  299  HOH C O   
931  O O   . HOH I .  ? 0.5273 0.3552 0.3350 -0.1237 -0.1457 -0.0644 301  HOH C O   
932  O O   . HOH I .  ? 0.5591 0.2327 0.3803 -0.0382 -0.0550 0.0354  1102 HOH C O   
933  O O   . HOH I .  ? 0.3747 0.4290 0.4546 0.0488  -0.0530 0.0178  1116 HOH C O   
934  O O   . HOH I .  ? 0.5155 0.5392 0.4478 0.1198  -0.0909 -0.0767 1134 HOH C O   
935  O O   . HOH I .  ? 0.1984 0.7049 0.5673 -0.1368 -0.1215 0.0353  1137 HOH C O   
936  O O   . HOH J .  ? 0.2763 0.1990 0.2086 -0.0462 -0.0885 0.0020  109  HOH D O   
937  O O   . HOH J .  ? 0.1893 0.2505 0.4323 0.1336  0.0292  0.0039  111  HOH D O   
938  O O   . HOH J .  ? 0.2538 0.3243 0.3577 -0.1843 -0.1835 0.0615  118  HOH D O   
939  O O   . HOH J .  ? 0.4822 0.2823 0.2475 0.0241  0.1808  0.1509  121  HOH D O   
940  O O   . HOH J .  ? 0.3899 0.2589 0.1812 -0.0306 -0.0173 0.0503  122  HOH D O   
941  O O   . HOH J .  ? 0.1783 0.1673 0.2506 -0.0696 -0.0244 0.0810  132  HOH D O   
942  O O   . HOH J .  ? 0.3610 0.1852 0.2292 -0.0373 -0.1263 0.0322  135  HOH D O   
943  O O   . HOH J .  ? 0.1448 0.4703 0.2469 -0.0843 -0.0160 0.0114  178  HOH D O   
944  O O   . HOH J .  ? 0.3652 0.4077 0.1993 -0.0788 -0.0113 0.0948  182  HOH D O   
945  O O   . HOH J .  ? 0.1550 0.2291 0.1605 0.0914  0.0016  0.0692  183  HOH D O   
946  O O   . HOH J .  ? 0.3614 0.3328 0.4017 -0.2980 -0.1660 0.1034  188  HOH D O   
947  O O   . HOH J .  ? 0.3687 0.2484 0.2481 -0.0529 0.0353  0.1213  192  HOH D O   
948  O O   . HOH J .  ? 0.2864 0.6443 0.2288 0.1602  -0.1406 -0.0939 195  HOH D O   
949  O O   . HOH J .  ? 0.2102 0.2301 0.1636 -0.1150 0.0260  0.0192  200  HOH D O   
950  O O   . HOH J .  ? 0.1716 0.2023 0.1585 0.0011  0.0636  0.0206  203  HOH D O   
951  O O   . HOH J .  ? 0.2907 0.2814 0.4559 -0.1446 0.0787  -0.1041 208  HOH D O   
952  O O   . HOH J .  ? 0.1916 0.6078 0.4028 0.0403  0.1028  0.0387  210  HOH D O   
953  O O   . HOH J .  ? 0.4393 0.2831 0.3866 -0.0763 0.0890  0.0145  212  HOH D O   
954  O O   . HOH J .  ? 0.4903 0.4508 0.3348 -0.0332 0.0944  0.0556  213  HOH D O   
955  O O   . HOH J .  ? 0.1781 0.3327 0.1617 0.0831  -0.0057 0.0448  218  HOH D O   
956  O O   . HOH J .  ? 0.2506 0.3246 0.2281 0.0079  0.0920  0.0306  224  HOH D O   
957  O O   . HOH J .  ? 0.2965 0.2820 0.2870 0.0519  0.0302  -0.0032 228  HOH D O   
958  O O   . HOH J .  ? 0.2229 0.5583 0.3930 -0.0392 0.0004  -0.1189 229  HOH D O   
959  O O   . HOH J .  ? 0.1956 0.3505 0.3781 -0.0110 -0.0684 0.0554  233  HOH D O   
960  O O   . HOH J .  ? 0.4228 0.3164 0.5156 -0.2139 0.1914  -0.0168 240  HOH D O   
961  O O   . HOH J .  ? 0.2296 0.3263 0.4518 0.0853  0.0225  0.1006  247  HOH D O   
962  O O   . HOH J .  ? 0.4720 0.4966 0.4892 -0.0078 0.2063  0.0424  256  HOH D O   
963  O O   . HOH J .  ? 0.4242 0.4212 0.5506 0.1203  -0.0256 -0.0208 258  HOH D O   
964  O O   . HOH J .  ? 0.1856 0.5940 0.3330 -0.1524 0.0340  -0.0487 260  HOH D O   
965  O O   . HOH J .  ? 0.1891 0.5671 0.3868 -0.0210 0.0263  0.0751  261  HOH D O   
966  O O   . HOH J .  ? 0.3098 0.3263 0.4687 0.0327  0.1387  0.0866  265  HOH D O   
967  O O   . HOH J .  ? 0.3912 0.5458 0.3650 -0.3366 0.0565  -0.1595 269  HOH D O   
968  O O   . HOH J .  ? 0.6458 0.5066 0.2876 -0.0680 0.0688  -0.2197 302  HOH D O   
969  O O   . HOH J .  ? 0.4265 0.2631 0.6066 -0.1142 -0.0392 0.0409  1101 HOH D O   
970  O O   . HOH J .  ? 0.1626 0.2957 0.2576 -0.0248 0.0284  0.0642  1114 HOH D O   
971  O O   . HOH J .  ? 0.5742 0.3428 0.7110 0.0126  0.0931  -0.1171 1119 HOH D O   
972  O O   . HOH K .  ? 0.4193 0.2885 0.1026 -0.1179 0.0673  0.0817  103  HOH E O   
973  O O   . HOH K .  ? 0.3235 0.5841 0.3273 -0.2707 0.0626  -0.1689 104  HOH E O   
974  O O   . HOH K .  ? 0.2416 0.3625 0.2122 -0.0064 -0.1474 -0.0654 124  HOH E O   
975  O O   . HOH K .  ? 0.1388 0.2008 0.2540 -0.0336 0.0035  0.0017  125  HOH E O   
976  O O   . HOH K .  ? 0.2916 0.1671 0.4408 0.0405  0.0710  0.0260  131  HOH E O   
977  O O   . HOH K .  ? 0.2408 0.2544 0.2484 -0.0035 -0.1143 -0.1483 133  HOH E O   
978  O O   . HOH K .  ? 0.2006 0.2146 0.3111 -0.0874 -0.0247 -0.0603 148  HOH E O   
979  O O   . HOH K .  ? 0.3537 0.1208 0.2621 0.0094  -0.0117 0.0097  151  HOH E O   
980  O O   . HOH K .  ? 0.2511 0.1651 0.5462 -0.0990 -0.1576 0.1832  159  HOH E O   
981  O O   . HOH K .  ? 0.3333 0.4301 0.2641 0.0904  -0.0041 -0.0781 173  HOH E O   
982  O O   . HOH K .  ? 0.2049 0.2077 0.4645 -0.0007 0.1119  -0.0925 180  HOH E O   
983  O O   . HOH K .  ? 0.1216 0.2476 0.1682 0.1021  0.0338  0.1282  181  HOH E O   
984  O O   . HOH K .  ? 0.3494 0.1740 0.4585 -0.0941 -0.1831 0.0489  191  HOH E O   
985  O O   . HOH K .  ? 0.1764 0.4314 0.1321 0.0788  0.0212  0.0193  201  HOH E O   
986  O O   . HOH K .  ? 0.4799 0.5200 0.1332 -0.1507 0.0163  0.0926  206  HOH E O   
987  O O   . HOH K .  ? 0.3178 0.4747 0.3518 0.0463  0.1421  0.1090  209  HOH E O   
988  O O   . HOH K .  ? 0.2142 0.1021 0.3027 -0.0169 -0.0510 0.0125  215  HOH E O   
989  O O   . HOH K .  ? 0.2211 0.1803 0.3130 0.0954  0.0609  0.1528  216  HOH E O   
990  O O   . HOH K .  ? 0.1644 0.4294 0.1788 -0.0519 -0.0202 -0.0815 217  HOH E O   
991  O O   . HOH K .  ? 0.2860 0.2773 0.3017 -0.0231 0.1903  0.2004  232  HOH E O   
992  O O   . HOH K .  ? 0.2328 0.5892 0.3410 -0.0514 -0.0539 0.0845  241  HOH E O   
993  O O   . HOH K .  ? 0.2436 0.6575 0.3948 0.0942  0.1014  0.1652  250  HOH E O   
994  O O   . HOH K .  ? 0.1199 0.3027 0.3480 0.0016  0.0183  -0.0590 251  HOH E O   
995  O O   . HOH K .  ? 0.2152 0.2704 0.3299 0.0180  -0.0174 -0.0376 254  HOH E O   
996  O O   . HOH K .  ? 0.7505 0.5651 0.6048 0.1148  0.0190  0.0640  255  HOH E O   
997  O O   . HOH K .  ? 0.2804 0.6682 0.4207 -0.1155 -0.0985 -0.0320 268  HOH E O   
998  O O   . HOH K .  ? 0.3729 0.4312 0.2584 0.0406  0.0215  0.0467  272  HOH E O   
999  O O   . HOH K .  ? 0.2606 0.1459 0.4932 -0.1403 -0.2041 0.1753  274  HOH E O   
1000 O O   . HOH K .  ? 0.2647 0.4115 0.5857 -0.0482 -0.0883 0.0479  277  HOH E O   
1001 O O   . HOH K .  ? 0.4128 0.2949 0.4287 -0.0042 0.0736  -0.0171 288  HOH E O   
1002 O O   . HOH K .  ? 0.3065 0.4218 0.3758 0.1205  -0.0539 0.0501  296  HOH E O   
1003 O O   . HOH K .  ? 0.2447 0.4772 0.2929 -0.0449 -0.1456 -0.0487 1110 HOH E O   
1004 O O   . HOH K .  ? 0.4379 0.5355 0.3607 -0.2021 0.0582  -0.0791 1111 HOH E O   
1005 O O   . HOH K .  ? 0.4634 0.6868 0.3919 -0.0601 0.1239  0.0183  1135 HOH E O   
1006 O O   . HOH K .  ? 0.5269 0.3638 0.6523 0.0496  -0.0073 -0.0818 1143 HOH E O   
1007 O O   . HOH L .  ? 0.2351 0.2366 0.4052 -0.0331 -0.1457 0.0280  123  HOH F O   
1008 O O   . HOH L .  ? 0.2236 0.2191 0.2592 0.0404  -0.0792 -0.0320 128  HOH F O   
1009 O O   . HOH L .  ? 0.5962 0.1141 0.4188 0.0554  -0.1088 -0.0349 136  HOH F O   
1010 O O   . HOH L .  ? 0.3065 0.5656 0.1815 -0.0362 0.0951  -0.0444 143  HOH F O   
1011 O O   . HOH L .  ? 0.1376 0.5110 0.1840 0.0777  -0.0399 -0.1056 146  HOH F O   
1012 O O   . HOH L .  ? 0.4728 0.3459 0.3105 0.1496  0.1359  0.1141  152  HOH F O   
1013 O O   . HOH L .  ? 0.2239 0.4467 0.1604 -0.1269 -0.0710 0.0276  155  HOH F O   
1014 O O   . HOH L .  ? 0.4115 0.3413 0.4320 -0.0607 0.1741  0.0830  160  HOH F O   
1015 O O   . HOH L .  ? 0.3805 0.2970 0.1965 -0.0258 -0.0793 0.0220  162  HOH F O   
1016 O O   . HOH L .  ? 0.2989 0.1805 0.1804 0.0433  -0.0922 -0.0093 164  HOH F O   
1017 O O   . HOH L .  ? 0.3773 0.2875 0.2190 -0.0335 0.0005  0.1659  166  HOH F O   
1018 O O   . HOH L .  ? 0.1978 0.2238 0.2059 0.0602  0.0897  0.0581  170  HOH F O   
1019 O O   . HOH L .  ? 0.3721 0.5529 0.2084 0.0766  -0.0327 -0.1104 176  HOH F O   
1020 O O   . HOH L .  ? 0.1724 0.3220 0.1444 0.1351  0.0196  0.0743  193  HOH F O   
1021 O O   . HOH L .  ? 0.4617 0.5243 0.5154 0.1033  0.2340  -0.0719 204  HOH F O   
1022 O O   . HOH L .  ? 0.4647 0.3300 0.4042 0.0218  0.1660  0.0093  205  HOH F O   
1023 O O   . HOH L .  ? 0.5258 0.3994 0.4119 -0.0474 -0.0116 0.1048  211  HOH F O   
1024 O O   . HOH L .  ? 0.4606 0.3858 0.3148 -0.0047 0.0750  0.0254  214  HOH F O   
1025 O O   . HOH L .  ? 0.3272 0.2323 0.3279 0.0430  -0.0488 0.0235  219  HOH F O   
1026 O O   . HOH L .  ? 0.2240 0.2237 0.2536 -0.0088 0.0394  0.0201  220  HOH F O   
1027 O O   . HOH L .  ? 0.1708 0.3629 0.3881 -0.0693 -0.0925 0.0476  222  HOH F O   
1028 O O   . HOH L .  ? 0.3232 0.1770 0.2623 -0.0953 0.1424  0.0809  231  HOH F O   
1029 O O   . HOH L .  ? 0.2266 0.3702 0.4906 -0.0214 0.0958  0.0137  235  HOH F O   
1030 O O   . HOH L .  ? 0.1183 0.3779 0.3686 0.0601  -0.0218 0.0368  238  HOH F O   
1031 O O   . HOH L .  ? 0.3062 0.4498 0.3597 0.0763  0.0933  -0.0347 248  HOH F O   
1032 O O   . HOH L .  ? 0.2148 0.4899 0.3058 -0.0492 -0.0003 0.1277  259  HOH F O   
1033 O O   . HOH L .  ? 0.2373 0.5026 0.3422 0.0168  0.0381  0.0243  264  HOH F O   
1034 O O   . HOH L .  ? 0.4493 0.2789 0.5236 -0.0333 0.0717  -0.1306 276  HOH F O   
1035 O O   . HOH L .  ? 0.5255 0.3080 0.3427 -0.0317 0.2107  -0.0285 280  HOH F O   
1036 O O   . HOH L .  ? 0.2563 0.7195 0.3306 -0.1501 0.1639  -0.0174 283  HOH F O   
1037 O O   . HOH L .  ? 0.2410 0.5618 0.2730 -0.0696 0.0609  -0.1134 286  HOH F O   
1038 O O   . HOH L .  ? 0.2659 0.2868 0.5328 -0.0848 -0.0066 -0.0502 291  HOH F O   
1039 O O   . HOH L .  ? 0.6106 0.4814 0.6392 -0.2729 0.0339  -0.1673 1104 HOH F O   
1040 O O   . HOH L .  ? 0.5429 0.3318 0.6601 -0.1308 0.2665  0.1115  1107 HOH F O   
1041 O O   . HOH L .  ? 0.3137 0.4676 0.4018 0.0518  -0.1404 -0.1176 1108 HOH F O   
1042 O O   . HOH L .  ? 0.6257 0.3506 0.4676 0.0433  0.2427  -0.1119 1127 HOH F O   
1043 O O   . HOH L .  ? 0.4795 0.3396 0.5051 -0.0376 0.0185  0.0213  1128 HOH F O   
# 
loop_
_pdbx_poly_seq_scheme.asym_id 
_pdbx_poly_seq_scheme.entity_id 
_pdbx_poly_seq_scheme.seq_id 
_pdbx_poly_seq_scheme.mon_id 
_pdbx_poly_seq_scheme.ndb_seq_num 
_pdbx_poly_seq_scheme.pdb_seq_num 
_pdbx_poly_seq_scheme.auth_seq_num 
_pdbx_poly_seq_scheme.pdb_mon_id 
_pdbx_poly_seq_scheme.auth_mon_id 
_pdbx_poly_seq_scheme.pdb_strand_id 
_pdbx_poly_seq_scheme.pdb_ins_code 
_pdbx_poly_seq_scheme.hetero 
A 1 1  PRO 1  1  ?  ?   ?   A . n 
A 1 2  PRO 2  2  ?  ?   ?   A . n 
A 1 3  GLY 3  3  3  GLY GLY A . n 
A 1 4  PRO 4  4  4  PRO PRO A . n 
A 1 5  PRO 5  5  5  PRO PRO A . n 
A 1 6  GLY 6  6  6  GLY GLY A . n 
A 1 7  PRO 7  7  7  PRO PRO A . n 
A 1 8  PRO 8  8  8  PRO PRO A . n 
A 1 9  GLY 9  9  9  GLY GLY A . n 
A 1 10 PRO 10 10 10 PRO PRO A . n 
A 1 11 PRO 11 11 11 PRO PRO A . n 
A 1 12 GLY 12 12 12 GLY GLY A . n 
A 1 13 HYP 13 13 13 HYP HYP A . n 
A 1 14 PRO 14 14 14 PRO PRO A . n 
A 1 15 GLY 15 15 15 GLY GLY A . n 
A 1 16 PRO 16 16 16 PRO PRO A . n 
A 1 17 PRO 17 17 17 PRO PRO A . n 
A 1 18 GLY 18 18 18 GLY GLY A . n 
A 1 19 PRO 19 19 19 PRO PRO A . n 
A 1 20 PRO 20 20 20 PRO PRO A . n 
A 1 21 GLY 21 21 21 GLY GLY A . n 
A 1 22 PRO 22 22 22 PRO PRO A . n 
A 1 23 PRO 23 23 23 PRO PRO A . n 
A 1 24 GLY 24 24 24 GLY GLY A . n 
A 1 25 PRO 25 25 25 PRO PRO A . n 
A 1 26 PRO 26 26 ?  ?   ?   A . n 
A 1 27 GLY 27 27 ?  ?   ?   A . n 
B 1 1  PRO 1  1  ?  ?   ?   B . n 
B 1 2  PRO 2  2  ?  ?   ?   B . n 
B 1 3  GLY 3  3  ?  ?   ?   B . n 
B 1 4  PRO 4  4  ?  ?   ?   B . n 
B 1 5  PRO 5  5  ?  ?   ?   B . n 
B 1 6  GLY 6  6  6  GLY GLY B . n 
B 1 7  PRO 7  7  7  PRO PRO B . n 
B 1 8  PRO 8  8  8  PRO PRO B . n 
B 1 9  GLY 9  9  9  GLY GLY B . n 
B 1 10 PRO 10 10 10 PRO PRO B . n 
B 1 11 PRO 11 11 11 PRO PRO B . n 
B 1 12 GLY 12 12 12 GLY GLY B . n 
B 1 13 HYP 13 13 13 HYP HYP B . n 
B 1 14 PRO 14 14 14 PRO PRO B . n 
B 1 15 GLY 15 15 15 GLY GLY B . n 
B 1 16 PRO 16 16 16 PRO PRO B . n 
B 1 17 PRO 17 17 17 PRO PRO B . n 
B 1 18 GLY 18 18 18 GLY GLY B . n 
B 1 19 PRO 19 19 19 PRO PRO B . n 
B 1 20 PRO 20 20 20 PRO PRO B . n 
B 1 21 GLY 21 21 21 GLY GLY B . n 
B 1 22 PRO 22 22 22 PRO PRO B . n 
B 1 23 PRO 23 23 23 PRO PRO B . n 
B 1 24 GLY 24 24 24 GLY GLY B . n 
B 1 25 PRO 25 25 25 PRO PRO B . n 
B 1 26 PRO 26 26 26 PRO PRO B . n 
B 1 27 GLY 27 27 27 GLY GLY B . n 
C 1 1  PRO 1  1  ?  ?   ?   C . n 
C 1 2  PRO 2  2  ?  ?   ?   C . n 
C 1 3  GLY 3  3  ?  ?   ?   C . n 
C 1 4  PRO 4  4  4  PRO PRO C . n 
C 1 5  PRO 5  5  5  PRO PRO C . n 
C 1 6  GLY 6  6  6  GLY GLY C . n 
C 1 7  PRO 7  7  7  PRO PRO C . n 
C 1 8  PRO 8  8  8  PRO PRO C . n 
C 1 9  GLY 9  9  9  GLY GLY C . n 
C 1 10 PRO 10 10 10 PRO PRO C . n 
C 1 11 PRO 11 11 11 PRO PRO C . n 
C 1 12 GLY 12 12 12 GLY GLY C . n 
C 1 13 HYP 13 13 13 HYP HYP C . n 
C 1 14 PRO 14 14 14 PRO PRO C . n 
C 1 15 GLY 15 15 15 GLY GLY C . n 
C 1 16 PRO 16 16 16 PRO PRO C . n 
C 1 17 PRO 17 17 17 PRO PRO C . n 
C 1 18 GLY 18 18 18 GLY GLY C . n 
C 1 19 PRO 19 19 19 PRO PRO C . n 
C 1 20 PRO 20 20 20 PRO PRO C . n 
C 1 21 GLY 21 21 21 GLY GLY C . n 
C 1 22 PRO 22 22 22 PRO PRO C . n 
C 1 23 PRO 23 23 23 PRO PRO C . n 
C 1 24 GLY 24 24 24 GLY GLY C . n 
C 1 25 PRO 25 25 25 PRO PRO C . n 
C 1 26 PRO 26 26 26 PRO PRO C . n 
C 1 27 GLY 27 27 27 GLY GLY C . n 
D 1 1  PRO 1  1  1  PRO PRO D . n 
D 1 2  PRO 2  2  2  PRO PRO D . n 
D 1 3  GLY 3  3  3  GLY GLY D . n 
D 1 4  PRO 4  4  4  PRO PRO D . n 
D 1 5  PRO 5  5  5  PRO PRO D . n 
D 1 6  GLY 6  6  6  GLY GLY D . n 
D 1 7  PRO 7  7  7  PRO PRO D . n 
D 1 8  PRO 8  8  8  PRO PRO D . n 
D 1 9  GLY 9  9  9  GLY GLY D . n 
D 1 10 PRO 10 10 10 PRO PRO D . n 
D 1 11 PRO 11 11 11 PRO PRO D . n 
D 1 12 GLY 12 12 12 GLY GLY D . n 
D 1 13 HYP 13 13 13 HYP HYP D . n 
D 1 14 PRO 14 14 14 PRO PRO D . n 
D 1 15 GLY 15 15 15 GLY GLY D . n 
D 1 16 PRO 16 16 16 PRO PRO D . n 
D 1 17 PRO 17 17 17 PRO PRO D . n 
D 1 18 GLY 18 18 18 GLY GLY D . n 
D 1 19 PRO 19 19 19 PRO PRO D . n 
D 1 20 PRO 20 20 20 PRO PRO D . n 
D 1 21 GLY 21 21 21 GLY GLY D . n 
D 1 22 PRO 22 22 22 PRO PRO D . n 
D 1 23 PRO 23 23 ?  ?   ?   D . n 
D 1 24 GLY 24 24 ?  ?   ?   D . n 
D 1 25 PRO 25 25 ?  ?   ?   D . n 
D 1 26 PRO 26 26 ?  ?   ?   D . n 
D 1 27 GLY 27 27 ?  ?   ?   D . n 
E 1 1  PRO 1  1  ?  ?   ?   E . n 
E 1 2  PRO 2  2  ?  ?   ?   E . n 
E 1 3  GLY 3  3  3  GLY GLY E . n 
E 1 4  PRO 4  4  4  PRO PRO E . n 
E 1 5  PRO 5  5  5  PRO PRO E . n 
E 1 6  GLY 6  6  6  GLY GLY E . n 
E 1 7  PRO 7  7  7  PRO PRO E . n 
E 1 8  PRO 8  8  8  PRO PRO E . n 
E 1 9  GLY 9  9  9  GLY GLY E . n 
E 1 10 PRO 10 10 10 PRO PRO E . n 
E 1 11 PRO 11 11 11 PRO PRO E . n 
E 1 12 GLY 12 12 12 GLY GLY E . n 
E 1 13 HYP 13 13 13 HYP HYP E . n 
E 1 14 PRO 14 14 14 PRO PRO E . n 
E 1 15 GLY 15 15 15 GLY GLY E . n 
E 1 16 PRO 16 16 16 PRO PRO E . n 
E 1 17 PRO 17 17 17 PRO PRO E . n 
E 1 18 GLY 18 18 18 GLY GLY E . n 
E 1 19 PRO 19 19 19 PRO PRO E . n 
E 1 20 PRO 20 20 20 PRO PRO E . n 
E 1 21 GLY 21 21 21 GLY GLY E . n 
E 1 22 PRO 22 22 22 PRO PRO E . n 
E 1 23 PRO 23 23 23 PRO PRO E . n 
E 1 24 GLY 24 24 24 GLY GLY E . n 
E 1 25 PRO 25 25 ?  ?   ?   E . n 
E 1 26 PRO 26 26 ?  ?   ?   E . n 
E 1 27 GLY 27 27 ?  ?   ?   E . n 
F 1 1  PRO 1  1  ?  ?   ?   F . n 
F 1 2  PRO 2  2  ?  ?   ?   F . n 
F 1 3  GLY 3  3  ?  ?   ?   F . n 
F 1 4  PRO 4  4  ?  ?   ?   F . n 
F 1 5  PRO 5  5  5  PRO PRO F . n 
F 1 6  GLY 6  6  6  GLY GLY F . n 
F 1 7  PRO 7  7  7  PRO PRO F . n 
F 1 8  PRO 8  8  8  PRO PRO F . n 
F 1 9  GLY 9  9  9  GLY GLY F . n 
F 1 10 PRO 10 10 10 PRO PRO F . n 
F 1 11 PRO 11 11 11 PRO PRO F . n 
F 1 12 GLY 12 12 12 GLY GLY F . n 
F 1 13 HYP 13 13 13 HYP HYP F . n 
F 1 14 PRO 14 14 14 PRO PRO F . n 
F 1 15 GLY 15 15 15 GLY GLY F . n 
F 1 16 PRO 16 16 16 PRO PRO F . n 
F 1 17 PRO 17 17 17 PRO PRO F . n 
F 1 18 GLY 18 18 18 GLY GLY F . n 
F 1 19 PRO 19 19 19 PRO PRO F . n 
F 1 20 PRO 20 20 20 PRO PRO F . n 
F 1 21 GLY 21 21 21 GLY GLY F . n 
F 1 22 PRO 22 22 22 PRO PRO F . n 
F 1 23 PRO 23 23 23 PRO PRO F . n 
F 1 24 GLY 24 24 24 GLY GLY F . n 
F 1 25 PRO 25 25 25 PRO PRO F . n 
F 1 26 PRO 26 26 26 PRO PRO F . n 
F 1 27 GLY 27 27 ?  ?   ?   F . n 
# 
loop_
_pdbx_nonpoly_scheme.asym_id 
_pdbx_nonpoly_scheme.entity_id 
_pdbx_nonpoly_scheme.mon_id 
_pdbx_nonpoly_scheme.ndb_seq_num 
_pdbx_nonpoly_scheme.pdb_seq_num 
_pdbx_nonpoly_scheme.auth_seq_num 
_pdbx_nonpoly_scheme.pdb_mon_id 
_pdbx_nonpoly_scheme.auth_mon_id 
_pdbx_nonpoly_scheme.pdb_strand_id 
_pdbx_nonpoly_scheme.pdb_ins_code 
G 2 HOH 1  107  107  HOH HOH A . 
G 2 HOH 2  110  110  HOH HOH A . 
G 2 HOH 3  112  112  HOH HOH A . 
G 2 HOH 4  115  115  HOH HOH A . 
G 2 HOH 5  116  116  HOH HOH A . 
G 2 HOH 6  120  120  HOH HOH A . 
G 2 HOH 7  129  129  HOH HOH A . 
G 2 HOH 8  137  137  HOH HOH A . 
G 2 HOH 9  139  139  HOH HOH A . 
G 2 HOH 10 150  150  HOH HOH A . 
G 2 HOH 11 161  161  HOH HOH A . 
G 2 HOH 12 163  163  HOH HOH A . 
G 2 HOH 13 171  171  HOH HOH A . 
G 2 HOH 14 172  172  HOH HOH A . 
G 2 HOH 15 174  174  HOH HOH A . 
G 2 HOH 16 177  177  HOH HOH A . 
G 2 HOH 17 189  189  HOH HOH A . 
G 2 HOH 18 190  190  HOH HOH A . 
G 2 HOH 19 196  196  HOH HOH A . 
G 2 HOH 20 197  197  HOH HOH A . 
G 2 HOH 21 207  207  HOH HOH A . 
G 2 HOH 22 221  221  HOH HOH A . 
G 2 HOH 23 223  223  HOH HOH A . 
G 2 HOH 24 244  244  HOH HOH A . 
G 2 HOH 25 245  245  HOH HOH A . 
G 2 HOH 26 249  249  HOH HOH A . 
G 2 HOH 27 252  252  HOH HOH A . 
G 2 HOH 28 271  271  HOH HOH A . 
G 2 HOH 29 275  275  HOH HOH A . 
G 2 HOH 30 279  279  HOH HOH A . 
G 2 HOH 31 281  281  HOH HOH A . 
G 2 HOH 32 284  284  HOH HOH A . 
G 2 HOH 33 285  285  HOH HOH A . 
G 2 HOH 34 287  287  HOH HOH A . 
G 2 HOH 35 290  290  HOH HOH A . 
G 2 HOH 36 295  295  HOH HOH A . 
G 2 HOH 37 297  297  HOH HOH A . 
G 2 HOH 38 1103 1103 HOH HOH A . 
G 2 HOH 39 1106 1106 HOH HOH A . 
G 2 HOH 40 1115 1115 HOH HOH A . 
G 2 HOH 41 1117 1117 HOH HOH A . 
G 2 HOH 42 1142 1142 HOH HOH A . 
G 2 HOH 43 1145 1145 HOH HOH A . 
H 2 HOH 1  106  106  HOH HOH B . 
H 2 HOH 2  108  108  HOH HOH B . 
H 2 HOH 3  113  113  HOH HOH B . 
H 2 HOH 4  114  114  HOH HOH B . 
H 2 HOH 5  117  117  HOH HOH B . 
H 2 HOH 6  126  126  HOH HOH B . 
H 2 HOH 7  127  127  HOH HOH B . 
H 2 HOH 8  130  130  HOH HOH B . 
H 2 HOH 9  138  138  HOH HOH B . 
H 2 HOH 10 140  140  HOH HOH B . 
H 2 HOH 11 142  142  HOH HOH B . 
H 2 HOH 12 144  144  HOH HOH B . 
H 2 HOH 13 149  149  HOH HOH B . 
H 2 HOH 14 154  154  HOH HOH B . 
H 2 HOH 15 156  156  HOH HOH B . 
H 2 HOH 16 157  157  HOH HOH B . 
H 2 HOH 17 165  165  HOH HOH B . 
H 2 HOH 18 168  168  HOH HOH B . 
H 2 HOH 19 169  169  HOH HOH B . 
H 2 HOH 20 175  175  HOH HOH B . 
H 2 HOH 21 187  187  HOH HOH B . 
H 2 HOH 22 194  194  HOH HOH B . 
H 2 HOH 23 198  198  HOH HOH B . 
H 2 HOH 24 202  202  HOH HOH B . 
H 2 HOH 25 227  227  HOH HOH B . 
H 2 HOH 26 230  230  HOH HOH B . 
H 2 HOH 27 234  234  HOH HOH B . 
H 2 HOH 28 236  236  HOH HOH B . 
H 2 HOH 29 246  246  HOH HOH B . 
H 2 HOH 30 262  262  HOH HOH B . 
H 2 HOH 31 263  263  HOH HOH B . 
H 2 HOH 32 278  278  HOH HOH B . 
H 2 HOH 33 289  289  HOH HOH B . 
H 2 HOH 34 292  292  HOH HOH B . 
H 2 HOH 35 300  300  HOH HOH B . 
H 2 HOH 36 1105 1105 HOH HOH B . 
H 2 HOH 37 1109 1109 HOH HOH B . 
H 2 HOH 38 1112 1112 HOH HOH B . 
H 2 HOH 39 1138 1138 HOH HOH B . 
H 2 HOH 40 1144 1144 HOH HOH B . 
I 2 HOH 1  101  101  HOH HOH C . 
I 2 HOH 2  102  102  HOH HOH C . 
I 2 HOH 3  105  105  HOH HOH C . 
I 2 HOH 4  119  119  HOH HOH C . 
I 2 HOH 5  134  134  HOH HOH C . 
I 2 HOH 6  141  141  HOH HOH C . 
I 2 HOH 7  145  145  HOH HOH C . 
I 2 HOH 8  147  147  HOH HOH C . 
I 2 HOH 9  153  153  HOH HOH C . 
I 2 HOH 10 158  158  HOH HOH C . 
I 2 HOH 11 167  167  HOH HOH C . 
I 2 HOH 12 179  179  HOH HOH C . 
I 2 HOH 13 184  184  HOH HOH C . 
I 2 HOH 14 185  185  HOH HOH C . 
I 2 HOH 15 186  186  HOH HOH C . 
I 2 HOH 16 199  199  HOH HOH C . 
I 2 HOH 17 225  225  HOH HOH C . 
I 2 HOH 18 226  226  HOH HOH C . 
I 2 HOH 19 237  237  HOH HOH C . 
I 2 HOH 20 242  242  HOH HOH C . 
I 2 HOH 21 243  243  HOH HOH C . 
I 2 HOH 22 253  253  HOH HOH C . 
I 2 HOH 23 257  257  HOH HOH C . 
I 2 HOH 24 266  266  HOH HOH C . 
I 2 HOH 25 267  267  HOH HOH C . 
I 2 HOH 26 270  270  HOH HOH C . 
I 2 HOH 27 273  273  HOH HOH C . 
I 2 HOH 28 282  282  HOH HOH C . 
I 2 HOH 29 293  293  HOH HOH C . 
I 2 HOH 30 294  294  HOH HOH C . 
I 2 HOH 31 298  298  HOH HOH C . 
I 2 HOH 32 299  299  HOH HOH C . 
I 2 HOH 33 301  301  HOH HOH C . 
I 2 HOH 34 1102 1102 HOH HOH C . 
I 2 HOH 35 1116 1116 HOH HOH C . 
I 2 HOH 36 1134 1134 HOH HOH C . 
I 2 HOH 37 1137 1137 HOH HOH C . 
J 2 HOH 1  109  109  HOH HOH D . 
J 2 HOH 2  111  111  HOH HOH D . 
J 2 HOH 3  118  118  HOH HOH D . 
J 2 HOH 4  121  121  HOH HOH D . 
J 2 HOH 5  122  122  HOH HOH D . 
J 2 HOH 6  132  132  HOH HOH D . 
J 2 HOH 7  135  135  HOH HOH D . 
J 2 HOH 8  178  178  HOH HOH D . 
J 2 HOH 9  182  182  HOH HOH D . 
J 2 HOH 10 183  183  HOH HOH D . 
J 2 HOH 11 188  188  HOH HOH D . 
J 2 HOH 12 192  192  HOH HOH D . 
J 2 HOH 13 195  195  HOH HOH D . 
J 2 HOH 14 200  200  HOH HOH D . 
J 2 HOH 15 203  203  HOH HOH D . 
J 2 HOH 16 208  208  HOH HOH D . 
J 2 HOH 17 210  210  HOH HOH D . 
J 2 HOH 18 212  212  HOH HOH D . 
J 2 HOH 19 213  213  HOH HOH D . 
J 2 HOH 20 218  218  HOH HOH D . 
J 2 HOH 21 224  224  HOH HOH D . 
J 2 HOH 22 228  228  HOH HOH D . 
J 2 HOH 23 229  229  HOH HOH D . 
J 2 HOH 24 233  233  HOH HOH D . 
J 2 HOH 25 240  240  HOH HOH D . 
J 2 HOH 26 247  247  HOH HOH D . 
J 2 HOH 27 256  256  HOH HOH D . 
J 2 HOH 28 258  258  HOH HOH D . 
J 2 HOH 29 260  260  HOH HOH D . 
J 2 HOH 30 261  261  HOH HOH D . 
J 2 HOH 31 265  265  HOH HOH D . 
J 2 HOH 32 269  269  HOH HOH D . 
J 2 HOH 33 302  302  HOH HOH D . 
J 2 HOH 34 1101 1101 HOH HOH D . 
J 2 HOH 35 1114 1114 HOH HOH D . 
J 2 HOH 36 1119 1119 HOH HOH D . 
K 2 HOH 1  103  103  HOH HOH E . 
K 2 HOH 2  104  104  HOH HOH E . 
K 2 HOH 3  124  124  HOH HOH E . 
K 2 HOH 4  125  125  HOH HOH E . 
K 2 HOH 5  131  131  HOH HOH E . 
K 2 HOH 6  133  133  HOH HOH E . 
K 2 HOH 7  148  148  HOH HOH E . 
K 2 HOH 8  151  151  HOH HOH E . 
K 2 HOH 9  159  159  HOH HOH E . 
K 2 HOH 10 173  173  HOH HOH E . 
K 2 HOH 11 180  180  HOH HOH E . 
K 2 HOH 12 181  181  HOH HOH E . 
K 2 HOH 13 191  191  HOH HOH E . 
K 2 HOH 14 201  201  HOH HOH E . 
K 2 HOH 15 206  206  HOH HOH E . 
K 2 HOH 16 209  209  HOH HOH E . 
K 2 HOH 17 215  215  HOH HOH E . 
K 2 HOH 18 216  216  HOH HOH E . 
K 2 HOH 19 217  217  HOH HOH E . 
K 2 HOH 20 232  232  HOH HOH E . 
K 2 HOH 21 241  241  HOH HOH E . 
K 2 HOH 22 250  250  HOH HOH E . 
K 2 HOH 23 251  251  HOH HOH E . 
K 2 HOH 24 254  254  HOH HOH E . 
K 2 HOH 25 255  255  HOH HOH E . 
K 2 HOH 26 268  268  HOH HOH E . 
K 2 HOH 27 272  272  HOH HOH E . 
K 2 HOH 28 274  274  HOH HOH E . 
K 2 HOH 29 277  277  HOH HOH E . 
K 2 HOH 30 288  288  HOH HOH E . 
K 2 HOH 31 296  296  HOH HOH E . 
K 2 HOH 32 1110 1110 HOH HOH E . 
K 2 HOH 33 1111 1111 HOH HOH E . 
K 2 HOH 34 1135 1135 HOH HOH E . 
K 2 HOH 35 1143 1143 HOH HOH E . 
L 2 HOH 1  123  123  HOH HOH F . 
L 2 HOH 2  128  128  HOH HOH F . 
L 2 HOH 3  136  136  HOH HOH F . 
L 2 HOH 4  143  143  HOH HOH F . 
L 2 HOH 5  146  146  HOH HOH F . 
L 2 HOH 6  152  152  HOH HOH F . 
L 2 HOH 7  155  155  HOH HOH F . 
L 2 HOH 8  160  160  HOH HOH F . 
L 2 HOH 9  162  162  HOH HOH F . 
L 2 HOH 10 164  164  HOH HOH F . 
L 2 HOH 11 166  166  HOH HOH F . 
L 2 HOH 12 170  170  HOH HOH F . 
L 2 HOH 13 176  176  HOH HOH F . 
L 2 HOH 14 193  193  HOH HOH F . 
L 2 HOH 15 204  204  HOH HOH F . 
L 2 HOH 16 205  205  HOH HOH F . 
L 2 HOH 17 211  211  HOH HOH F . 
L 2 HOH 18 214  214  HOH HOH F . 
L 2 HOH 19 219  219  HOH HOH F . 
L 2 HOH 20 220  220  HOH HOH F . 
L 2 HOH 21 222  222  HOH HOH F . 
L 2 HOH 22 231  231  HOH HOH F . 
L 2 HOH 23 235  235  HOH HOH F . 
L 2 HOH 24 238  238  HOH HOH F . 
L 2 HOH 25 248  248  HOH HOH F . 
L 2 HOH 26 259  259  HOH HOH F . 
L 2 HOH 27 264  264  HOH HOH F . 
L 2 HOH 28 276  276  HOH HOH F . 
L 2 HOH 29 280  280  HOH HOH F . 
L 2 HOH 30 283  283  HOH HOH F . 
L 2 HOH 31 286  286  HOH HOH F . 
L 2 HOH 32 291  291  HOH HOH F . 
L 2 HOH 33 1104 1104 HOH HOH F . 
L 2 HOH 34 1107 1107 HOH HOH F . 
L 2 HOH 35 1108 1108 HOH HOH F . 
L 2 HOH 36 1127 1127 HOH HOH F . 
L 2 HOH 37 1128 1128 HOH HOH F . 
# 
loop_
_pdbx_struct_mod_residue.id 
_pdbx_struct_mod_residue.label_asym_id 
_pdbx_struct_mod_residue.label_comp_id 
_pdbx_struct_mod_residue.label_seq_id 
_pdbx_struct_mod_residue.auth_asym_id 
_pdbx_struct_mod_residue.auth_comp_id 
_pdbx_struct_mod_residue.auth_seq_id 
_pdbx_struct_mod_residue.PDB_ins_code 
_pdbx_struct_mod_residue.parent_comp_id 
_pdbx_struct_mod_residue.details 
1 A HYP 13 A HYP 13 ? PRO 4-HYDROXYPROLINE 
2 B HYP 13 B HYP 13 ? PRO 4-HYDROXYPROLINE 
3 C HYP 13 C HYP 13 ? PRO 4-HYDROXYPROLINE 
4 D HYP 13 D HYP 13 ? PRO 4-HYDROXYPROLINE 
5 E HYP 13 E HYP 13 ? PRO 4-HYDROXYPROLINE 
6 F HYP 13 F HYP 13 ? PRO 4-HYDROXYPROLINE 
# 
loop_
_pdbx_struct_assembly.id 
_pdbx_struct_assembly.details 
_pdbx_struct_assembly.method_details 
_pdbx_struct_assembly.oligomeric_details 
_pdbx_struct_assembly.oligomeric_count 
1 author_and_software_defined_assembly PISA trimeric  3 
2 author_and_software_defined_assembly PISA trimeric  3 
3 software_defined_assembly            PISA hexameric 6 
# 
loop_
_pdbx_struct_assembly_gen.assembly_id 
_pdbx_struct_assembly_gen.oper_expression 
_pdbx_struct_assembly_gen.asym_id_list 
1 1 A,B,C,G,H,I             
2 1 D,E,F,J,K,L             
3 1 A,B,C,D,E,F,G,H,I,J,K,L 
# 
loop_
_pdbx_struct_assembly_prop.biol_id 
_pdbx_struct_assembly_prop.type 
_pdbx_struct_assembly_prop.value 
_pdbx_struct_assembly_prop.details 
1 'ABSA (A^2)' 3930 ? 
1 MORE         -25  ? 
1 'SSA (A^2)'  3630 ? 
2 'ABSA (A^2)' 3730 ? 
2 MORE         -24  ? 
2 'SSA (A^2)'  3550 ? 
3 'ABSA (A^2)' 8560 ? 
3 MORE         -63  ? 
3 'SSA (A^2)'  6290 ? 
# 
_pdbx_struct_oper_list.id                   1 
_pdbx_struct_oper_list.type                 'identity operation' 
_pdbx_struct_oper_list.name                 1_555 
_pdbx_struct_oper_list.symmetry_operation   x,y,z 
_pdbx_struct_oper_list.matrix[1][1]         1.0000000000 
_pdbx_struct_oper_list.matrix[1][2]         0.0000000000 
_pdbx_struct_oper_list.matrix[1][3]         0.0000000000 
_pdbx_struct_oper_list.vector[1]            0.0000000000 
_pdbx_struct_oper_list.matrix[2][1]         0.0000000000 
_pdbx_struct_oper_list.matrix[2][2]         1.0000000000 
_pdbx_struct_oper_list.matrix[2][3]         0.0000000000 
_pdbx_struct_oper_list.vector[2]            0.0000000000 
_pdbx_struct_oper_list.matrix[3][1]         0.0000000000 
_pdbx_struct_oper_list.matrix[3][2]         0.0000000000 
_pdbx_struct_oper_list.matrix[3][3]         1.0000000000 
_pdbx_struct_oper_list.vector[3]            0.0000000000 
# 
loop_
_pdbx_audit_revision_history.ordinal 
_pdbx_audit_revision_history.data_content_type 
_pdbx_audit_revision_history.major_revision 
_pdbx_audit_revision_history.minor_revision 
_pdbx_audit_revision_history.revision_date 
1 'Structure model' 1 0 2010-03-09 
2 'Structure model' 1 1 2011-07-13 
3 'Structure model' 1 2 2023-11-01 
# 
_pdbx_audit_revision_details.ordinal             1 
_pdbx_audit_revision_details.revision_ordinal    1 
_pdbx_audit_revision_details.data_content_type   'Structure model' 
_pdbx_audit_revision_details.provider            repository 
_pdbx_audit_revision_details.type                'Initial release' 
_pdbx_audit_revision_details.description         ? 
_pdbx_audit_revision_details.details             ? 
# 
loop_
_pdbx_audit_revision_group.ordinal 
_pdbx_audit_revision_group.revision_ordinal 
_pdbx_audit_revision_group.data_content_type 
_pdbx_audit_revision_group.group 
1 2 'Structure model' 'Version format compliance' 
2 3 'Structure model' 'Data collection'           
3 3 'Structure model' 'Database references'       
4 3 'Structure model' 'Derived calculations'      
5 3 'Structure model' 'Refinement description'    
# 
loop_
_pdbx_audit_revision_category.ordinal 
_pdbx_audit_revision_category.revision_ordinal 
_pdbx_audit_revision_category.data_content_type 
_pdbx_audit_revision_category.category 
1 3 'Structure model' chem_comp_atom                
2 3 'Structure model' chem_comp_bond                
3 3 'Structure model' database_2                    
4 3 'Structure model' pdbx_initial_refinement_model 
5 3 'Structure model' struct_conn                   
# 
loop_
_pdbx_audit_revision_item.ordinal 
_pdbx_audit_revision_item.revision_ordinal 
_pdbx_audit_revision_item.data_content_type 
_pdbx_audit_revision_item.item 
1 3 'Structure model' '_database_2.pdbx_DOI'                
2 3 'Structure model' '_database_2.pdbx_database_accession' 
3 3 'Structure model' '_struct_conn.pdbx_leaving_atom_flag' 
# 
loop_
_software.name 
_software.classification 
_software.version 
_software.citation_id 
_software.pdbx_ordinal 
SHELX        'model building'  . ? 1 
SHELXL-97    refinement        . ? 2 
CrystalClear 'data collection' . ? 3 
CrystalClear 'data reduction'  . ? 4 
CrystalClear 'data scaling'    . ? 5 
X-PLOR       phasing           . ? 6 
# 
_pdbx_entry_details.sequence_details         'THE SEQUENCE ADOPTS TRIPLE-HELICAL STRUCTURE SIMILAR TO THE COLLAGEN-HELIX.' 
_pdbx_entry_details.entry_id                 3A0A 
_pdbx_entry_details.nonpolymer_details       ? 
_pdbx_entry_details.compound_details         ? 
_pdbx_entry_details.source_details           ? 
_pdbx_entry_details.has_ligand_of_interest   ? 
# 
loop_
_pdbx_unobs_or_zero_occ_residues.id 
_pdbx_unobs_or_zero_occ_residues.PDB_model_num 
_pdbx_unobs_or_zero_occ_residues.polymer_flag 
_pdbx_unobs_or_zero_occ_residues.occupancy_flag 
_pdbx_unobs_or_zero_occ_residues.auth_asym_id 
_pdbx_unobs_or_zero_occ_residues.auth_comp_id 
_pdbx_unobs_or_zero_occ_residues.auth_seq_id 
_pdbx_unobs_or_zero_occ_residues.PDB_ins_code 
_pdbx_unobs_or_zero_occ_residues.label_asym_id 
_pdbx_unobs_or_zero_occ_residues.label_comp_id 
_pdbx_unobs_or_zero_occ_residues.label_seq_id 
1  1 Y 1 A PRO 1  ? A PRO 1  
2  1 Y 1 A PRO 2  ? A PRO 2  
3  1 Y 1 A PRO 26 ? A PRO 26 
4  1 Y 1 A GLY 27 ? A GLY 27 
5  1 Y 1 B PRO 1  ? B PRO 1  
6  1 Y 1 B PRO 2  ? B PRO 2  
7  1 Y 1 B GLY 3  ? B GLY 3  
8  1 Y 1 B PRO 4  ? B PRO 4  
9  1 Y 1 B PRO 5  ? B PRO 5  
10 1 Y 1 C PRO 1  ? C PRO 1  
11 1 Y 1 C PRO 2  ? C PRO 2  
12 1 Y 1 C GLY 3  ? C GLY 3  
13 1 Y 1 D PRO 23 ? D PRO 23 
14 1 Y 1 D GLY 24 ? D GLY 24 
15 1 Y 1 D PRO 25 ? D PRO 25 
16 1 Y 1 D PRO 26 ? D PRO 26 
17 1 Y 1 D GLY 27 ? D GLY 27 
18 1 Y 1 E PRO 1  ? E PRO 1  
19 1 Y 1 E PRO 2  ? E PRO 2  
20 1 Y 1 E PRO 25 ? E PRO 25 
21 1 Y 1 E PRO 26 ? E PRO 26 
22 1 Y 1 E GLY 27 ? E GLY 27 
23 1 Y 1 F PRO 1  ? F PRO 1  
24 1 Y 1 F PRO 2  ? F PRO 2  
25 1 Y 1 F GLY 3  ? F GLY 3  
26 1 Y 1 F PRO 4  ? F PRO 4  
27 1 Y 1 F GLY 27 ? F GLY 27 
# 
loop_
_chem_comp_atom.comp_id 
_chem_comp_atom.atom_id 
_chem_comp_atom.type_symbol 
_chem_comp_atom.pdbx_aromatic_flag 
_chem_comp_atom.pdbx_stereo_config 
_chem_comp_atom.pdbx_ordinal 
GLY N    N N N 1  
GLY CA   C N N 2  
GLY C    C N N 3  
GLY O    O N N 4  
GLY OXT  O N N 5  
GLY H    H N N 6  
GLY H2   H N N 7  
GLY HA2  H N N 8  
GLY HA3  H N N 9  
GLY HXT  H N N 10 
HOH O    O N N 11 
HOH H1   H N N 12 
HOH H2   H N N 13 
HYP N    N N N 14 
HYP CA   C N S 15 
HYP C    C N N 16 
HYP O    O N N 17 
HYP CB   C N N 18 
HYP CG   C N R 19 
HYP CD   C N N 20 
HYP OD1  O N N 21 
HYP OXT  O N N 22 
HYP H    H N N 23 
HYP HA   H N N 24 
HYP HB2  H N N 25 
HYP HB3  H N N 26 
HYP HG   H N N 27 
HYP HD22 H N N 28 
HYP HD23 H N N 29 
HYP HD1  H N N 30 
HYP HXT  H N N 31 
PRO N    N N N 32 
PRO CA   C N S 33 
PRO C    C N N 34 
PRO O    O N N 35 
PRO CB   C N N 36 
PRO CG   C N N 37 
PRO CD   C N N 38 
PRO OXT  O N N 39 
PRO H    H N N 40 
PRO HA   H N N 41 
PRO HB2  H N N 42 
PRO HB3  H N N 43 
PRO HG2  H N N 44 
PRO HG3  H N N 45 
PRO HD2  H N N 46 
PRO HD3  H N N 47 
PRO HXT  H N N 48 
# 
loop_
_chem_comp_bond.comp_id 
_chem_comp_bond.atom_id_1 
_chem_comp_bond.atom_id_2 
_chem_comp_bond.value_order 
_chem_comp_bond.pdbx_aromatic_flag 
_chem_comp_bond.pdbx_stereo_config 
_chem_comp_bond.pdbx_ordinal 
GLY N   CA   sing N N 1  
GLY N   H    sing N N 2  
GLY N   H2   sing N N 3  
GLY CA  C    sing N N 4  
GLY CA  HA2  sing N N 5  
GLY CA  HA3  sing N N 6  
GLY C   O    doub N N 7  
GLY C   OXT  sing N N 8  
GLY OXT HXT  sing N N 9  
HOH O   H1   sing N N 10 
HOH O   H2   sing N N 11 
HYP N   CA   sing N N 12 
HYP N   CD   sing N N 13 
HYP N   H    sing N N 14 
HYP CA  C    sing N N 15 
HYP CA  CB   sing N N 16 
HYP CA  HA   sing N N 17 
HYP C   O    doub N N 18 
HYP C   OXT  sing N N 19 
HYP CB  CG   sing N N 20 
HYP CB  HB2  sing N N 21 
HYP CB  HB3  sing N N 22 
HYP CG  CD   sing N N 23 
HYP CG  OD1  sing N N 24 
HYP CG  HG   sing N N 25 
HYP CD  HD22 sing N N 26 
HYP CD  HD23 sing N N 27 
HYP OD1 HD1  sing N N 28 
HYP OXT HXT  sing N N 29 
PRO N   CA   sing N N 30 
PRO N   CD   sing N N 31 
PRO N   H    sing N N 32 
PRO CA  C    sing N N 33 
PRO CA  CB   sing N N 34 
PRO CA  HA   sing N N 35 
PRO C   O    doub N N 36 
PRO C   OXT  sing N N 37 
PRO CB  CG   sing N N 38 
PRO CB  HB2  sing N N 39 
PRO CB  HB3  sing N N 40 
PRO CG  CD   sing N N 41 
PRO CG  HG2  sing N N 42 
PRO CG  HG3  sing N N 43 
PRO CD  HD2  sing N N 44 
PRO CD  HD3  sing N N 45 
PRO OXT HXT  sing N N 46 
# 
_pdbx_entity_nonpoly.entity_id   2 
_pdbx_entity_nonpoly.name        water 
_pdbx_entity_nonpoly.comp_id     HOH 
# 
_pdbx_initial_refinement_model.id               1 
_pdbx_initial_refinement_model.entity_id_list   ? 
_pdbx_initial_refinement_model.type             'experimental model' 
_pdbx_initial_refinement_model.source_name      PDB 
_pdbx_initial_refinement_model.accession_code   2CUO 
_pdbx_initial_refinement_model.details          'PDB entry 2CUO' 
# 
_pdbx_reflns_twin.domain_id    1 
_pdbx_reflns_twin.crystal_id   1 
_pdbx_reflns_twin.diffrn_id    1 
_pdbx_reflns_twin.type         ? 
_pdbx_reflns_twin.operator     h,-k,-l 
_pdbx_reflns_twin.fraction     0.445 
# 
